data_7UPK
#
_entry.id   7UPK
#
loop_
_entity.id
_entity.type
_entity.pdbx_description
1 polymer 'Fusion glycoprotein F0'
2 polymer 'Fab 1A9 heavy chain'
3 polymer 'Fab 1A9 light chain'
#
loop_
_entity_poly.entity_id
_entity_poly.type
_entity_poly.pdbx_seq_one_letter_code
_entity_poly.pdbx_strand_id
1 'polypeptide(L)'
;MVVILDKRCYCNLLILILMISECSVGILHYEKLSKIGLVKGVTRKYKIKSNPLTKDIVIKMIPNVSNMSQCTGSVMENYK
TRLNGILTPIKGALEIYKNNTHDCVGDVRLAGVCMAGVAIGIATAAQITAGVALYEAMKNADNINKLKSSIESTNEAVVK
LQETAEKTVYVFTALQDYINTNLVPTIDKIPCKQTELSLDLALSKYLSDLLFVFGPNLQDPVSNSMTIQAISQAFGGNYE
TLLRTLGYATEDFDDLLESDSITGQIIYVDLSSYYIIVRVYFPILTEIQQAYIQELLPVSFNNDNSEWISIVPNFILVRN
TLISNIEIGFCLITKRSVICNQDYATPMTNNMRECLTGSTEKCPRELVVSSHVPRFALSNGVLFANCISVTCQCQTTGRA
ISQSGEQTLLMIDNTTCPTAVLGNVIISLGKYLGSVNYNSEGIAIGPPVFTDKVDISSQISSMNQSLQQSKDYIKEAQRL
;
D,A,B
2 'polypeptide(L)'
;QVQLQQSGAELVRPGTSVKISCKASGYTFTNYWLGWVKQRPGHGLEWIGDIYRGGGYTNYNEKFKGKATLTADTSSSTAY
MQLSSLTSEDSAVYFCATRDGYFDYWGQGTTLTVSS
;
H,C,E
3 'polypeptide(L)'
;DIQMTQSSSSFSVSLGDRTTITCKASEDIYNRLAWFQQKPGNAPRLLISGATSLETGVPSRFSGSGSGKDYTLSITSLQT
EDVATYYCQQYWSSPWTFGGGTKLEIK
;
L,F,G
#
# COMPACT_ATOMS: atom_id res chain seq x y z
N ILE A 27 4.27 -10.08 -36.39
CA ILE A 27 4.02 -10.30 -34.97
C ILE A 27 5.35 -10.51 -34.25
N LEU A 28 5.26 -10.89 -32.97
CA LEU A 28 6.46 -11.16 -32.19
C LEU A 28 7.09 -12.47 -32.65
N HIS A 29 8.43 -12.50 -32.67
CA HIS A 29 9.17 -13.70 -33.05
C HIS A 29 9.31 -14.58 -31.82
N TYR A 30 8.30 -15.41 -31.58
CA TYR A 30 8.22 -16.17 -30.33
C TYR A 30 9.31 -17.22 -30.23
N GLU A 31 9.81 -17.73 -31.35
CA GLU A 31 10.85 -18.75 -31.30
C GLU A 31 12.16 -18.17 -30.77
N LYS A 32 12.59 -17.04 -31.33
CA LYS A 32 13.82 -16.41 -30.87
C LYS A 32 13.67 -15.86 -29.46
N LEU A 33 12.48 -15.35 -29.13
CA LEU A 33 12.22 -14.90 -27.77
C LEU A 33 12.30 -16.05 -26.78
N SER A 34 11.78 -17.22 -27.16
CA SER A 34 11.85 -18.39 -26.30
C SER A 34 13.29 -18.88 -26.15
N LYS A 35 14.08 -18.77 -27.22
CA LYS A 35 15.51 -19.08 -27.10
C LYS A 35 16.19 -18.10 -26.15
N ILE A 36 15.72 -16.85 -26.12
CA ILE A 36 16.21 -15.84 -25.19
C ILE A 36 15.63 -16.05 -23.80
N GLY A 37 14.61 -16.89 -23.67
CA GLY A 37 14.01 -17.21 -22.40
C GLY A 37 12.68 -16.55 -22.15
N LEU A 38 12.09 -15.92 -23.15
CA LEU A 38 10.80 -15.25 -23.04
C LEU A 38 9.75 -16.19 -23.63
N VAL A 39 9.41 -17.23 -22.87
CA VAL A 39 8.46 -18.23 -23.35
C VAL A 39 7.07 -17.61 -23.40
N LYS A 40 6.40 -17.71 -24.55
CA LYS A 40 5.13 -17.02 -24.65
C LYS A 40 4.08 -17.69 -23.77
N GLY A 41 3.30 -16.86 -23.08
CA GLY A 41 2.24 -17.31 -22.21
C GLY A 41 0.87 -17.22 -22.85
N VAL A 42 -0.14 -16.96 -22.04
CA VAL A 42 -1.50 -16.86 -22.53
C VAL A 42 -1.74 -15.49 -23.15
N THR A 43 -2.60 -15.47 -24.16
CA THR A 43 -2.99 -14.24 -24.84
C THR A 43 -4.31 -13.75 -24.25
N ARG A 44 -4.36 -12.48 -23.90
CA ARG A 44 -5.51 -11.93 -23.18
C ARG A 44 -6.14 -10.81 -23.98
N LYS A 45 -7.46 -10.68 -23.84
CA LYS A 45 -8.17 -9.58 -24.49
C LYS A 45 -7.79 -8.26 -23.82
N TYR A 46 -7.98 -7.18 -24.56
CA TYR A 46 -7.83 -5.83 -24.03
C TYR A 46 -9.22 -5.22 -23.94
N LYS A 47 -9.68 -4.96 -22.73
CA LYS A 47 -11.00 -4.35 -22.54
C LYS A 47 -10.89 -3.22 -21.53
N ILE A 48 -11.61 -2.15 -21.82
CA ILE A 48 -11.58 -0.91 -21.05
C ILE A 48 -12.99 -0.52 -20.66
N LYS A 49 -13.10 0.09 -19.47
CA LYS A 49 -14.34 0.66 -18.97
C LYS A 49 -14.90 1.69 -19.95
N SER A 50 -16.19 1.60 -20.24
CA SER A 50 -16.83 2.54 -21.14
C SER A 50 -18.31 2.60 -20.84
N ASN A 51 -18.94 3.70 -21.27
CA ASN A 51 -20.37 3.92 -21.20
C ASN A 51 -20.93 3.68 -19.80
N PRO A 52 -20.64 4.56 -18.83
CA PRO A 52 -21.16 4.36 -17.48
C PRO A 52 -22.65 4.64 -17.42
N LEU A 53 -23.34 3.85 -16.59
CA LEU A 53 -24.73 4.12 -16.23
C LEU A 53 -24.78 4.62 -14.79
N THR A 54 -25.65 5.58 -14.54
CA THR A 54 -25.63 6.36 -13.30
C THR A 54 -26.78 5.98 -12.40
N LYS A 55 -26.47 5.66 -11.13
CA LYS A 55 -27.48 5.52 -10.10
C LYS A 55 -27.10 6.40 -8.92
N ASP A 56 -28.07 7.10 -8.35
CA ASP A 56 -27.79 8.02 -7.25
C ASP A 56 -28.18 7.37 -5.92
N ILE A 57 -27.26 7.45 -4.95
CA ILE A 57 -27.48 6.90 -3.63
C ILE A 57 -27.24 8.02 -2.61
N VAL A 58 -27.80 7.82 -1.42
CA VAL A 58 -27.58 8.72 -0.29
C VAL A 58 -26.82 7.95 0.77
N ILE A 59 -25.70 8.50 1.23
CA ILE A 59 -24.95 7.96 2.34
C ILE A 59 -25.10 8.94 3.50
N LYS A 60 -25.98 8.61 4.44
CA LYS A 60 -26.15 9.41 5.65
C LYS A 60 -24.98 9.12 6.57
N MET A 61 -24.13 10.11 6.78
CA MET A 61 -22.88 9.92 7.49
C MET A 61 -23.05 10.05 8.99
N ILE A 62 -24.28 10.11 9.48
CA ILE A 62 -24.57 10.22 10.90
C ILE A 62 -25.66 9.18 11.24
N PRO A 63 -25.52 8.44 12.33
CA PRO A 63 -26.55 7.47 12.70
C PRO A 63 -27.73 8.14 13.41
N ASN A 64 -28.84 7.40 13.43
CA ASN A 64 -30.04 7.85 14.14
C ASN A 64 -30.04 7.23 15.53
N VAL A 65 -30.00 8.07 16.56
CA VAL A 65 -29.92 7.61 17.94
C VAL A 65 -31.21 7.96 18.69
N SER A 66 -32.33 7.99 17.96
CA SER A 66 -33.60 8.37 18.58
C SER A 66 -34.04 7.37 19.64
N ASN A 67 -33.79 6.08 19.41
CA ASN A 67 -34.20 5.05 20.36
C ASN A 67 -33.29 4.97 21.57
N MET A 68 -32.18 5.70 21.59
CA MET A 68 -31.26 5.72 22.72
C MET A 68 -30.88 7.15 23.10
N SER A 69 -31.75 8.10 22.81
CA SER A 69 -31.42 9.51 22.99
C SER A 69 -31.52 9.98 24.43
N GLN A 70 -32.08 9.17 25.34
CA GLN A 70 -32.27 9.62 26.71
C GLN A 70 -30.94 9.81 27.43
N CYS A 71 -29.90 9.09 27.04
CA CYS A 71 -28.56 9.27 27.59
C CYS A 71 -27.51 9.21 26.49
N THR A 72 -27.78 9.87 25.37
CA THR A 72 -26.77 10.01 24.32
C THR A 72 -25.66 10.98 24.75
N GLY A 73 -26.02 12.04 25.46
CA GLY A 73 -25.04 13.01 25.91
C GLY A 73 -24.62 13.95 24.79
N SER A 74 -23.40 14.50 24.94
CA SER A 74 -22.88 15.47 23.99
C SER A 74 -21.95 14.85 22.97
N VAL A 75 -21.85 13.52 22.93
CA VAL A 75 -20.95 12.88 22.00
C VAL A 75 -21.43 13.07 20.56
N MET A 76 -22.75 13.11 20.35
CA MET A 76 -23.28 13.28 19.01
C MET A 76 -23.15 14.73 18.53
N GLU A 77 -23.25 15.71 19.42
CA GLU A 77 -22.98 17.09 19.02
C GLU A 77 -21.52 17.28 18.63
N ASN A 78 -20.59 16.66 19.39
CA ASN A 78 -19.18 16.71 19.02
C ASN A 78 -18.94 16.00 17.69
N TYR A 79 -19.64 14.88 17.47
CA TYR A 79 -19.53 14.19 16.19
C TYR A 79 -20.05 15.07 15.06
N LYS A 80 -21.15 15.79 15.28
CA LYS A 80 -21.68 16.70 14.28
C LYS A 80 -20.68 17.80 13.96
N THR A 81 -20.04 18.37 14.98
CA THR A 81 -19.04 19.41 14.75
C THR A 81 -17.86 18.87 13.95
N ARG A 82 -17.35 17.69 14.33
CA ARG A 82 -16.21 17.11 13.63
C ARG A 82 -16.57 16.76 12.18
N LEU A 83 -17.75 16.18 11.97
CA LEU A 83 -18.17 15.80 10.63
C LEU A 83 -18.46 17.02 9.76
N ASN A 84 -19.00 18.08 10.36
CA ASN A 84 -19.19 19.33 9.62
C ASN A 84 -17.86 19.91 9.19
N GLY A 85 -16.87 19.91 10.09
CA GLY A 85 -15.54 20.36 9.72
C GLY A 85 -14.92 19.52 8.61
N ILE A 86 -15.19 18.21 8.62
CA ILE A 86 -14.67 17.35 7.57
C ILE A 86 -15.37 17.63 6.24
N LEU A 87 -16.69 17.76 6.25
CA LEU A 87 -17.49 17.83 5.03
C LEU A 87 -17.60 19.22 4.44
N THR A 88 -17.25 20.27 5.18
CA THR A 88 -17.35 21.63 4.64
C THR A 88 -16.42 21.87 3.46
N PRO A 89 -15.14 21.48 3.49
CA PRO A 89 -14.30 21.65 2.29
C PRO A 89 -14.83 20.92 1.06
N ILE A 90 -15.41 19.73 1.25
CA ILE A 90 -15.97 19.00 0.12
C ILE A 90 -17.13 19.78 -0.49
N LYS A 91 -18.02 20.28 0.36
CA LYS A 91 -19.13 21.07 -0.15
C LYS A 91 -18.63 22.31 -0.88
N GLY A 92 -17.68 23.03 -0.28
CA GLY A 92 -17.15 24.22 -0.92
C GLY A 92 -16.53 23.94 -2.27
N ALA A 93 -15.79 22.83 -2.38
CA ALA A 93 -15.28 22.42 -3.67
C ALA A 93 -16.40 22.10 -4.65
N LEU A 94 -17.53 21.60 -4.16
CA LEU A 94 -18.66 21.37 -5.06
C LEU A 94 -19.25 22.68 -5.58
N GLU A 95 -19.53 23.64 -4.69
CA GLU A 95 -20.06 24.92 -5.17
C GLU A 95 -19.01 25.80 -5.85
N ILE A 96 -17.75 25.40 -5.89
CA ILE A 96 -16.86 25.99 -6.91
C ILE A 96 -17.42 25.74 -8.30
N TYR A 97 -17.96 24.55 -8.54
CA TYR A 97 -18.51 24.23 -9.85
C TYR A 97 -20.03 24.34 -9.95
N LYS A 98 -20.74 24.39 -8.82
CA LYS A 98 -22.19 24.58 -8.87
C LYS A 98 -22.55 25.96 -9.38
N ASN A 99 -21.94 26.99 -8.79
CA ASN A 99 -22.31 28.36 -9.10
C ASN A 99 -21.73 28.84 -10.43
N ASN A 100 -20.71 28.15 -10.94
CA ASN A 100 -20.04 28.55 -12.17
C ASN A 100 -20.45 27.68 -13.35
N THR A 101 -21.57 26.97 -13.24
CA THR A 101 -22.06 26.12 -14.31
C THR A 101 -23.56 26.30 -14.43
N HIS A 102 -24.05 26.41 -15.67
CA HIS A 102 -25.46 26.67 -15.89
C HIS A 102 -25.85 26.16 -17.28
N ASP A 103 -27.16 26.04 -17.49
CA ASP A 103 -27.68 25.61 -18.78
C ASP A 103 -27.56 26.72 -19.81
N CYS A 104 -27.43 26.32 -21.07
CA CYS A 104 -27.37 27.27 -22.17
C CYS A 104 -27.73 26.58 -23.49
N GLY A 112 -25.41 21.75 -23.93
CA GLY A 112 -26.27 22.75 -23.34
C GLY A 112 -25.87 23.10 -21.91
N VAL A 113 -24.65 22.74 -21.54
CA VAL A 113 -24.11 23.00 -20.21
C VAL A 113 -22.93 23.94 -20.36
N CYS A 114 -23.07 25.16 -19.85
CA CYS A 114 -22.05 26.19 -19.98
C CYS A 114 -21.23 26.27 -18.70
N MET A 115 -19.92 26.35 -18.85
CA MET A 115 -19.00 26.38 -17.73
C MET A 115 -18.34 27.75 -17.67
N ALA A 116 -18.34 28.37 -16.49
CA ALA A 116 -17.72 29.68 -16.30
C ALA A 116 -16.24 29.46 -16.00
N GLY A 117 -15.43 29.36 -17.05
CA GLY A 117 -14.01 29.11 -16.88
C GLY A 117 -13.24 30.30 -16.33
N VAL A 118 -13.77 31.52 -16.50
CA VAL A 118 -13.12 32.69 -15.94
C VAL A 118 -13.14 32.63 -14.42
N ALA A 119 -14.29 32.27 -13.84
CA ALA A 119 -14.41 32.20 -12.39
C ALA A 119 -13.66 31.01 -11.82
N ILE A 120 -13.68 29.88 -12.51
CA ILE A 120 -12.94 28.72 -12.05
C ILE A 120 -11.44 28.99 -12.11
N GLY A 121 -10.99 29.58 -13.21
CA GLY A 121 -9.59 29.94 -13.36
C GLY A 121 -8.70 28.81 -13.84
N ILE A 122 -8.38 27.88 -12.96
CA ILE A 122 -7.45 26.79 -13.25
C ILE A 122 -8.19 25.47 -13.07
N ALA A 123 -8.18 24.65 -14.12
CA ALA A 123 -8.81 23.33 -14.06
C ALA A 123 -8.21 22.47 -15.16
N THR A 124 -8.38 21.16 -15.01
CA THR A 124 -7.95 20.20 -16.00
C THR A 124 -9.14 19.73 -16.82
N ALA A 125 -8.85 18.96 -17.87
CA ALA A 125 -9.92 18.41 -18.70
C ALA A 125 -10.80 17.46 -17.90
N ALA A 126 -10.17 16.58 -17.10
CA ALA A 126 -10.93 15.63 -16.30
C ALA A 126 -11.78 16.35 -15.25
N GLN A 127 -11.23 17.38 -14.61
CA GLN A 127 -11.98 18.11 -13.61
C GLN A 127 -13.15 18.87 -14.22
N ILE A 128 -12.95 19.43 -15.42
CA ILE A 128 -14.03 20.16 -16.08
C ILE A 128 -15.14 19.19 -16.51
N THR A 129 -14.75 18.03 -17.05
CA THR A 129 -15.75 17.02 -17.41
C THR A 129 -16.50 16.52 -16.19
N ALA A 130 -15.80 16.36 -15.07
CA ALA A 130 -16.44 15.94 -13.82
C ALA A 130 -17.38 17.02 -13.31
N GLY A 131 -17.03 18.29 -13.47
CA GLY A 131 -17.96 19.36 -13.10
C GLY A 131 -19.20 19.39 -13.97
N VAL A 132 -19.04 19.10 -15.27
CA VAL A 132 -20.19 18.99 -16.16
C VAL A 132 -21.10 17.84 -15.72
N ALA A 133 -20.51 16.69 -15.40
CA ALA A 133 -21.30 15.56 -14.90
C ALA A 133 -21.97 15.90 -13.57
N LEU A 134 -21.28 16.66 -12.72
CA LEU A 134 -21.87 17.11 -11.46
C LEU A 134 -23.10 17.96 -11.70
N TYR A 135 -23.02 18.92 -12.62
CA TYR A 135 -24.17 19.78 -12.88
C TYR A 135 -25.28 19.00 -13.56
N GLU A 136 -24.94 17.98 -14.36
CA GLU A 136 -25.95 17.09 -14.89
C GLU A 136 -26.67 16.33 -13.78
N ALA A 137 -25.93 15.91 -12.75
CA ALA A 137 -26.50 15.17 -11.64
C ALA A 137 -27.27 16.03 -10.65
N MET A 138 -27.09 17.36 -10.70
CA MET A 138 -27.76 18.22 -9.73
C MET A 138 -29.28 18.13 -9.78
N LYS A 139 -29.87 17.84 -10.94
CA LYS A 139 -31.33 17.75 -10.98
C LYS A 139 -31.84 16.56 -10.18
N ASN A 140 -31.18 15.40 -10.30
CA ASN A 140 -31.55 14.26 -9.48
C ASN A 140 -31.16 14.48 -8.03
N ALA A 141 -30.10 15.27 -7.79
CA ALA A 141 -29.75 15.62 -6.42
C ALA A 141 -30.87 16.43 -5.77
N ASP A 142 -31.46 17.38 -6.51
CA ASP A 142 -32.58 18.14 -5.99
C ASP A 142 -33.81 17.27 -5.79
N ASN A 143 -34.07 16.35 -6.72
CA ASN A 143 -35.20 15.44 -6.55
C ASN A 143 -35.02 14.58 -5.30
N ILE A 144 -33.80 14.17 -5.00
CA ILE A 144 -33.53 13.42 -3.78
C ILE A 144 -33.67 14.32 -2.56
N ASN A 145 -33.13 15.54 -2.63
CA ASN A 145 -33.17 16.47 -1.50
C ASN A 145 -34.60 16.87 -1.15
N LYS A 146 -35.54 16.69 -2.07
CA LYS A 146 -36.94 16.83 -1.69
C LYS A 146 -37.36 15.78 -0.66
N LEU A 147 -36.59 14.71 -0.48
CA LEU A 147 -36.79 13.74 0.59
C LEU A 147 -35.85 13.96 1.76
N LYS A 148 -35.56 15.22 2.11
CA LYS A 148 -34.59 15.50 3.17
C LYS A 148 -35.07 14.97 4.51
N SER A 149 -36.34 15.20 4.83
CA SER A 149 -36.88 14.74 6.11
C SER A 149 -36.96 13.22 6.16
N SER A 150 -37.27 12.59 5.01
CA SER A 150 -37.30 11.12 4.97
C SER A 150 -35.90 10.54 5.16
N ILE A 151 -34.88 11.20 4.59
CA ILE A 151 -33.50 10.75 4.79
C ILE A 151 -33.11 10.91 6.26
N GLU A 152 -33.52 12.03 6.88
CA GLU A 152 -33.19 12.24 8.29
C GLU A 152 -33.85 11.19 9.19
N SER A 153 -35.04 10.72 8.83
CA SER A 153 -35.81 9.82 9.68
C SER A 153 -35.41 8.36 9.54
N THR A 154 -34.46 8.04 8.66
CA THR A 154 -34.08 6.64 8.45
C THR A 154 -33.42 6.07 9.71
N ASN A 155 -33.88 4.90 10.14
CA ASN A 155 -33.32 4.23 11.30
C ASN A 155 -32.93 2.79 10.99
N GLU A 156 -32.60 2.50 9.73
CA GLU A 156 -31.98 1.25 9.34
C GLU A 156 -30.77 1.56 8.47
N ALA A 157 -29.85 0.60 8.41
CA ALA A 157 -28.64 0.80 7.63
C ALA A 157 -28.93 0.90 6.14
N VAL A 158 -29.93 0.18 5.63
CA VAL A 158 -30.35 0.28 4.25
C VAL A 158 -31.85 0.58 4.22
N VAL A 159 -32.22 1.73 3.66
CA VAL A 159 -33.61 2.15 3.57
C VAL A 159 -33.89 2.57 2.13
N LYS A 160 -34.98 2.07 1.56
CA LYS A 160 -35.39 2.47 0.23
C LYS A 160 -36.47 3.54 0.34
N LEU A 161 -36.18 4.73 -0.20
CA LEU A 161 -37.14 5.82 -0.20
C LEU A 161 -37.74 5.92 -1.59
N GLN A 162 -39.07 5.74 -1.65
CA GLN A 162 -39.82 5.79 -2.91
C GLN A 162 -41.21 6.34 -2.61
N GLU A 163 -41.36 7.65 -2.77
CA GLU A 163 -42.68 8.28 -2.70
C GLU A 163 -43.37 8.19 -4.05
N THR A 164 -42.69 8.61 -5.11
CA THR A 164 -43.13 8.46 -6.49
C THR A 164 -41.99 7.85 -7.30
N ALA A 165 -42.23 7.67 -8.60
CA ALA A 165 -41.17 7.16 -9.47
C ALA A 165 -40.04 8.16 -9.64
N GLU A 166 -40.29 9.45 -9.41
CA GLU A 166 -39.25 10.46 -9.54
C GLU A 166 -38.17 10.30 -8.46
N LYS A 167 -38.54 9.77 -7.30
CA LYS A 167 -37.65 9.70 -6.13
C LYS A 167 -37.64 8.28 -5.58
N THR A 168 -36.69 7.47 -6.06
CA THR A 168 -36.54 6.05 -5.77
C THR A 168 -35.13 5.76 -5.27
N VAL A 169 -34.66 6.56 -4.32
CA VAL A 169 -33.26 6.50 -3.90
C VAL A 169 -33.06 5.55 -2.72
N TYR A 170 -31.88 4.95 -2.66
CA TYR A 170 -31.47 4.12 -1.55
C TYR A 170 -30.59 4.92 -0.60
N VAL A 171 -30.89 4.82 0.70
CA VAL A 171 -30.17 5.53 1.74
C VAL A 171 -29.41 4.50 2.57
N PHE A 172 -28.12 4.73 2.76
CA PHE A 172 -27.26 3.88 3.57
C PHE A 172 -26.77 4.70 4.75
N THR A 173 -26.96 4.18 5.96
CA THR A 173 -26.56 4.88 7.17
C THR A 173 -25.28 4.27 7.73
N ALA A 174 -24.38 5.14 8.19
CA ALA A 174 -23.00 4.73 8.46
C ALA A 174 -22.91 3.70 9.59
N LEU A 175 -23.54 4.00 10.73
CA LEU A 175 -23.39 3.15 11.90
C LEU A 175 -24.73 2.72 12.47
N GLN A 176 -25.79 2.72 11.66
CA GLN A 176 -27.12 2.45 12.17
C GLN A 176 -27.25 1.04 12.70
N ASP A 177 -26.65 0.07 12.01
CA ASP A 177 -26.75 -1.32 12.44
C ASP A 177 -26.11 -1.53 13.80
N TYR A 178 -24.93 -0.93 14.02
CA TYR A 178 -24.27 -1.05 15.32
C TYR A 178 -25.13 -0.46 16.43
N ILE A 179 -25.73 0.70 16.19
CA ILE A 179 -26.64 1.28 17.17
C ILE A 179 -27.78 0.32 17.46
N ASN A 180 -28.51 -0.08 16.41
CA ASN A 180 -29.73 -0.86 16.60
C ASN A 180 -29.48 -2.21 17.24
N THR A 181 -28.29 -2.81 17.02
CA THR A 181 -28.04 -4.16 17.53
C THR A 181 -27.09 -4.24 18.71
N ASN A 182 -26.41 -3.16 19.08
CA ASN A 182 -25.50 -3.22 20.22
C ASN A 182 -25.89 -2.24 21.32
N LEU A 183 -26.18 -1.00 20.97
CA LEU A 183 -26.36 0.04 21.98
C LEU A 183 -27.79 0.10 22.49
N VAL A 184 -28.77 0.01 21.58
CA VAL A 184 -30.17 -0.04 22.00
C VAL A 184 -30.47 -1.29 22.83
N PRO A 185 -30.07 -2.50 22.45
CA PRO A 185 -30.35 -3.66 23.31
C PRO A 185 -29.67 -3.60 24.67
N THR A 186 -28.53 -2.91 24.78
CA THR A 186 -27.78 -2.83 26.03
C THR A 186 -28.06 -1.55 26.80
N ILE A 187 -29.20 -0.90 26.55
CA ILE A 187 -29.53 0.31 27.30
C ILE A 187 -29.73 -0.02 28.77
N ASP A 188 -30.48 -1.09 29.06
CA ASP A 188 -30.79 -1.48 30.42
C ASP A 188 -29.81 -2.49 31.00
N LYS A 189 -28.90 -3.03 30.19
CA LYS A 189 -27.96 -4.04 30.64
C LYS A 189 -26.71 -3.44 31.28
N ILE A 190 -26.31 -2.26 30.84
CA ILE A 190 -25.12 -1.59 31.35
C ILE A 190 -25.51 -0.19 31.78
N PRO A 191 -24.76 0.44 32.69
CA PRO A 191 -24.98 1.86 32.96
C PRO A 191 -24.68 2.68 31.72
N CYS A 192 -25.71 3.32 31.19
CA CYS A 192 -25.62 3.81 29.82
C CYS A 192 -24.69 5.00 29.66
N LYS A 193 -23.95 5.42 30.69
CA LYS A 193 -22.75 6.21 30.43
C LYS A 193 -21.74 5.39 29.64
N GLN A 194 -21.66 4.10 29.94
CA GLN A 194 -20.87 3.19 29.11
C GLN A 194 -21.43 3.11 27.70
N THR A 195 -22.75 3.18 27.55
CA THR A 195 -23.34 3.23 26.21
C THR A 195 -22.94 4.51 25.50
N GLU A 196 -22.88 5.63 26.23
CA GLU A 196 -22.41 6.88 25.65
C GLU A 196 -20.97 6.77 25.18
N LEU A 197 -20.10 6.18 26.00
CA LEU A 197 -18.70 6.02 25.60
C LEU A 197 -18.55 5.05 24.43
N SER A 198 -19.38 4.00 24.38
CA SER A 198 -19.35 3.09 23.24
C SER A 198 -19.79 3.79 21.96
N LEU A 199 -20.83 4.62 22.04
CA LEU A 199 -21.26 5.40 20.90
C LEU A 199 -20.16 6.34 20.43
N ASP A 200 -19.52 7.03 21.38
CA ASP A 200 -18.44 7.95 21.03
C ASP A 200 -17.28 7.22 20.38
N LEU A 201 -16.92 6.05 20.91
CA LEU A 201 -15.81 5.29 20.34
C LEU A 201 -16.15 4.76 18.95
N ALA A 202 -17.39 4.31 18.75
CA ALA A 202 -17.78 3.85 17.42
C ALA A 202 -17.76 4.99 16.41
N LEU A 203 -18.25 6.17 16.81
CA LEU A 203 -18.22 7.32 15.91
C LEU A 203 -16.79 7.74 15.60
N SER A 204 -15.91 7.71 16.61
CA SER A 204 -14.53 8.12 16.40
C SER A 204 -13.78 7.11 15.53
N LYS A 205 -14.07 5.82 15.70
CA LYS A 205 -13.46 4.81 14.83
C LYS A 205 -13.96 4.96 13.39
N TYR A 206 -15.25 5.28 13.23
CA TYR A 206 -15.78 5.55 11.91
C TYR A 206 -15.09 6.75 11.27
N LEU A 207 -14.86 7.81 12.06
CA LEU A 207 -14.14 8.97 11.55
C LEU A 207 -12.69 8.64 11.22
N SER A 208 -12.06 7.78 12.01
CA SER A 208 -10.69 7.36 11.73
C SER A 208 -10.62 6.61 10.40
N ASP A 209 -11.57 5.72 10.15
CA ASP A 209 -11.60 5.01 8.86
C ASP A 209 -12.01 5.94 7.74
N LEU A 210 -12.77 6.99 8.05
CA LEU A 210 -13.27 7.92 7.04
C LEU A 210 -12.20 8.90 6.57
N LEU A 211 -11.35 9.36 7.48
CA LEU A 211 -10.43 10.45 7.18
C LEU A 211 -9.35 10.06 6.18
N PHE A 212 -9.08 8.77 6.00
CA PHE A 212 -8.14 8.34 4.99
C PHE A 212 -8.63 8.63 3.58
N VAL A 213 -9.94 8.78 3.40
CA VAL A 213 -10.55 8.95 2.09
C VAL A 213 -11.20 10.32 1.94
N PHE A 214 -12.02 10.71 2.91
CA PHE A 214 -12.80 11.95 2.82
C PHE A 214 -12.13 13.12 3.52
N GLY A 215 -10.92 12.96 4.02
CA GLY A 215 -10.20 14.03 4.67
C GLY A 215 -9.56 14.97 3.67
N PRO A 216 -8.42 15.57 4.04
CA PRO A 216 -7.70 16.43 3.10
C PRO A 216 -7.07 15.68 1.94
N ASN A 217 -7.08 14.35 1.97
CA ASN A 217 -6.70 13.57 0.80
C ASN A 217 -7.65 13.83 -0.37
N LEU A 218 -8.93 14.04 -0.08
CA LEU A 218 -9.92 14.37 -1.10
C LEU A 218 -9.83 15.86 -1.44
N GLN A 219 -8.75 16.20 -2.16
CA GLN A 219 -8.56 17.57 -2.61
C GLN A 219 -9.56 17.95 -3.69
N ASP A 220 -9.87 17.01 -4.59
CA ASP A 220 -10.76 17.24 -5.72
C ASP A 220 -11.93 16.25 -5.64
N PRO A 221 -12.96 16.56 -4.87
CA PRO A 221 -14.16 15.71 -4.84
C PRO A 221 -15.01 15.83 -6.09
N VAL A 222 -14.72 16.78 -6.97
CA VAL A 222 -15.47 16.93 -8.20
C VAL A 222 -15.24 15.73 -9.12
N SER A 223 -14.03 15.18 -9.12
CA SER A 223 -13.69 14.09 -10.02
C SER A 223 -14.56 12.87 -9.79
N ASN A 224 -14.92 12.19 -10.87
CA ASN A 224 -15.72 10.98 -10.82
C ASN A 224 -14.87 9.72 -10.93
N SER A 225 -13.55 9.84 -10.80
CA SER A 225 -12.65 8.69 -10.80
C SER A 225 -12.52 8.05 -9.43
N MET A 226 -13.21 8.57 -8.43
CA MET A 226 -13.16 8.03 -7.07
C MET A 226 -13.94 6.72 -7.03
N THR A 227 -13.25 5.63 -6.72
CA THR A 227 -13.86 4.30 -6.80
C THR A 227 -14.91 4.12 -5.71
N ILE A 228 -15.79 3.13 -5.93
CA ILE A 228 -16.84 2.84 -4.97
C ILE A 228 -16.28 2.22 -3.70
N GLN A 229 -15.09 1.61 -3.77
CA GLN A 229 -14.46 1.11 -2.56
C GLN A 229 -14.12 2.24 -1.60
N ALA A 230 -13.58 3.34 -2.13
CA ALA A 230 -13.24 4.49 -1.30
C ALA A 230 -14.49 5.18 -0.75
N ILE A 231 -15.52 5.32 -1.59
CA ILE A 231 -16.75 5.96 -1.17
C ILE A 231 -17.46 5.11 -0.11
N SER A 232 -17.34 3.79 -0.18
CA SER A 232 -17.95 2.91 0.80
C SER A 232 -17.37 3.09 2.20
N GLN A 233 -16.23 3.77 2.32
CA GLN A 233 -15.70 4.11 3.64
C GLN A 233 -16.63 5.02 4.42
N ALA A 234 -17.51 5.75 3.72
CA ALA A 234 -18.58 6.48 4.38
C ALA A 234 -19.68 5.57 4.88
N PHE A 235 -19.66 4.29 4.48
CA PHE A 235 -20.57 3.26 4.94
C PHE A 235 -19.82 2.16 5.68
N GLY A 236 -18.65 2.47 6.20
CA GLY A 236 -17.85 1.51 6.91
C GLY A 236 -17.13 0.49 6.05
N GLY A 237 -16.88 0.80 4.78
CA GLY A 237 -16.19 -0.10 3.90
C GLY A 237 -17.04 -1.20 3.31
N ASN A 238 -18.36 -1.11 3.43
CA ASN A 238 -19.25 -2.16 2.93
C ASN A 238 -19.77 -1.77 1.55
N TYR A 239 -18.89 -1.90 0.55
CA TYR A 239 -19.32 -1.68 -0.82
C TYR A 239 -20.15 -2.84 -1.35
N GLU A 240 -20.01 -4.02 -0.75
CA GLU A 240 -20.82 -5.16 -1.18
C GLU A 240 -22.31 -4.89 -0.94
N THR A 241 -22.64 -4.33 0.22
CA THR A 241 -24.03 -3.97 0.50
C THR A 241 -24.54 -2.94 -0.50
N LEU A 242 -23.73 -1.91 -0.77
CA LEU A 242 -24.13 -0.87 -1.71
C LEU A 242 -24.42 -1.45 -3.08
N LEU A 243 -23.50 -2.26 -3.61
CA LEU A 243 -23.63 -2.72 -4.98
C LEU A 243 -24.62 -3.87 -5.11
N ARG A 244 -24.85 -4.65 -4.05
CA ARG A 244 -25.89 -5.65 -4.08
C ARG A 244 -27.28 -5.01 -3.97
N THR A 245 -27.39 -3.95 -3.17
CA THR A 245 -28.65 -3.24 -3.07
C THR A 245 -29.00 -2.53 -4.37
N LEU A 246 -27.99 -1.99 -5.07
CA LEU A 246 -28.20 -1.37 -6.36
C LEU A 246 -28.51 -2.38 -7.47
N GLY A 247 -28.38 -3.68 -7.18
CA GLY A 247 -28.68 -4.70 -8.17
C GLY A 247 -27.69 -4.79 -9.30
N TYR A 248 -26.39 -4.76 -9.01
CA TYR A 248 -25.35 -4.84 -10.02
C TYR A 248 -24.76 -6.24 -10.13
N ALA A 249 -25.49 -7.26 -9.69
CA ALA A 249 -24.98 -8.63 -9.73
C ALA A 249 -24.92 -9.12 -11.17
N THR A 250 -23.70 -9.40 -11.65
CA THR A 250 -23.49 -9.91 -12.99
C THR A 250 -22.14 -10.63 -13.01
N GLU A 251 -21.86 -11.31 -14.12
CA GLU A 251 -20.61 -12.05 -14.21
C GLU A 251 -19.40 -11.11 -14.25
N ASP A 252 -19.56 -9.92 -14.82
CA ASP A 252 -18.48 -8.96 -14.92
C ASP A 252 -18.41 -8.04 -13.71
N PHE A 253 -19.22 -8.29 -12.69
CA PHE A 253 -19.28 -7.39 -11.54
C PHE A 253 -17.95 -7.38 -10.79
N ASP A 254 -17.38 -8.55 -10.51
CA ASP A 254 -16.10 -8.61 -9.80
C ASP A 254 -14.97 -8.04 -10.67
N ASP A 255 -15.02 -8.28 -11.98
CA ASP A 255 -14.03 -7.71 -12.88
C ASP A 255 -14.11 -6.19 -12.90
N LEU A 256 -15.32 -5.63 -12.94
CA LEU A 256 -15.48 -4.19 -12.89
C LEU A 256 -15.10 -3.63 -11.53
N LEU A 257 -15.27 -4.43 -10.48
CA LEU A 257 -14.99 -3.97 -9.12
C LEU A 257 -13.49 -3.91 -8.85
N GLU A 258 -12.79 -5.02 -9.09
CA GLU A 258 -11.38 -5.09 -8.72
C GLU A 258 -10.46 -4.42 -9.73
N SER A 259 -10.99 -3.99 -10.88
CA SER A 259 -10.24 -3.18 -11.82
C SER A 259 -10.47 -1.69 -11.60
N ASP A 260 -11.16 -1.33 -10.51
CA ASP A 260 -11.47 0.05 -10.17
C ASP A 260 -12.27 0.75 -11.26
N SER A 261 -13.13 -0.02 -11.96
CA SER A 261 -13.98 0.55 -13.00
C SER A 261 -15.28 1.12 -12.45
N ILE A 262 -15.83 0.52 -11.39
CA ILE A 262 -17.02 1.04 -10.74
C ILE A 262 -16.57 2.18 -9.83
N THR A 263 -16.87 3.41 -10.22
CA THR A 263 -16.49 4.60 -9.48
C THR A 263 -17.73 5.41 -9.16
N GLY A 264 -17.59 6.32 -8.20
CA GLY A 264 -18.68 7.18 -7.81
C GLY A 264 -18.19 8.61 -7.70
N GLN A 265 -19.16 9.53 -7.70
CA GLN A 265 -18.89 10.95 -7.59
C GLN A 265 -19.84 11.55 -6.58
N ILE A 266 -19.29 12.30 -5.61
CA ILE A 266 -20.14 12.99 -4.66
C ILE A 266 -20.79 14.17 -5.37
N ILE A 267 -22.13 14.16 -5.42
CA ILE A 267 -22.87 15.18 -6.14
C ILE A 267 -23.60 16.12 -5.20
N TYR A 268 -23.68 15.81 -3.91
CA TYR A 268 -24.32 16.73 -2.99
C TYR A 268 -23.81 16.46 -1.58
N VAL A 269 -23.53 17.52 -0.83
CA VAL A 269 -23.10 17.41 0.56
C VAL A 269 -24.04 18.24 1.42
N ASP A 270 -24.59 17.62 2.46
CA ASP A 270 -25.49 18.29 3.39
C ASP A 270 -24.74 18.51 4.70
N LEU A 271 -24.65 19.77 5.12
CA LEU A 271 -24.02 20.11 6.38
C LEU A 271 -25.00 20.25 7.54
N SER A 272 -26.30 20.14 7.28
CA SER A 272 -27.32 20.20 8.32
C SER A 272 -27.80 18.81 8.72
N SER A 273 -28.17 17.99 7.74
CA SER A 273 -28.58 16.61 8.00
C SER A 273 -27.41 15.63 7.95
N TYR A 274 -26.24 16.08 7.48
CA TYR A 274 -25.01 15.30 7.50
C TYR A 274 -25.17 14.01 6.68
N TYR A 275 -25.46 14.20 5.39
CA TYR A 275 -25.49 13.12 4.42
C TYR A 275 -24.93 13.63 3.11
N ILE A 276 -24.52 12.69 2.25
CA ILE A 276 -24.04 13.03 0.93
C ILE A 276 -24.80 12.23 -0.11
N ILE A 277 -24.98 12.81 -1.29
CA ILE A 277 -25.55 12.12 -2.43
C ILE A 277 -24.41 11.83 -3.38
N VAL A 278 -24.25 10.55 -3.71
CA VAL A 278 -23.16 10.03 -4.53
C VAL A 278 -23.75 9.40 -5.79
N ARG A 279 -23.25 9.83 -6.95
CA ARG A 279 -23.65 9.24 -8.22
C ARG A 279 -22.70 8.10 -8.57
N VAL A 280 -23.20 6.87 -8.50
CA VAL A 280 -22.40 5.68 -8.80
C VAL A 280 -22.42 5.43 -10.29
N TYR A 281 -21.23 5.28 -10.88
CA TYR A 281 -21.05 5.03 -12.30
C TYR A 281 -20.73 3.56 -12.51
N PHE A 282 -21.62 2.85 -13.19
CA PHE A 282 -21.48 1.42 -13.44
C PHE A 282 -21.23 1.21 -14.93
N PRO A 283 -20.00 0.93 -15.35
CA PRO A 283 -19.70 0.86 -16.78
C PRO A 283 -19.77 -0.54 -17.37
N ILE A 284 -19.59 -0.62 -18.68
CA ILE A 284 -19.50 -1.87 -19.43
C ILE A 284 -18.07 -1.99 -19.95
N LEU A 285 -17.50 -3.18 -19.84
CA LEU A 285 -16.13 -3.44 -20.29
C LEU A 285 -16.16 -3.72 -21.79
N THR A 286 -15.91 -2.68 -22.59
CA THR A 286 -15.82 -2.91 -24.03
C THR A 286 -14.44 -3.44 -24.39
N GLU A 287 -14.41 -4.41 -25.31
CA GLU A 287 -13.16 -5.00 -25.75
C GLU A 287 -12.55 -4.18 -26.88
N ILE A 288 -11.26 -3.91 -26.78
CA ILE A 288 -10.54 -3.17 -27.81
C ILE A 288 -10.29 -4.13 -28.97
N GLN A 289 -10.89 -3.83 -30.12
CA GLN A 289 -10.81 -4.75 -31.26
C GLN A 289 -9.44 -4.69 -31.92
N GLN A 290 -9.05 -5.83 -32.50
CA GLN A 290 -7.71 -6.02 -33.04
C GLN A 290 -6.62 -5.69 -32.02
N ALA A 291 -6.89 -6.02 -30.76
CA ALA A 291 -5.94 -5.74 -29.69
C ALA A 291 -5.84 -6.94 -28.77
N TYR A 292 -4.62 -7.21 -28.30
CA TYR A 292 -4.41 -8.29 -27.35
C TYR A 292 -3.15 -8.03 -26.56
N ILE A 293 -3.09 -8.57 -25.34
CA ILE A 293 -1.90 -8.51 -24.51
C ILE A 293 -1.27 -9.90 -24.46
N GLN A 294 0.00 -9.97 -24.87
CA GLN A 294 0.76 -11.19 -24.89
C GLN A 294 1.67 -11.22 -23.67
N GLU A 295 1.58 -12.28 -22.88
CA GLU A 295 2.40 -12.45 -21.70
C GLU A 295 3.62 -13.29 -22.02
N LEU A 296 4.78 -12.87 -21.54
CA LEU A 296 6.01 -13.61 -21.71
C LEU A 296 6.50 -14.09 -20.35
N LEU A 297 6.84 -15.37 -20.27
CA LEU A 297 7.32 -15.99 -19.05
C LEU A 297 8.84 -15.94 -19.03
N PRO A 298 9.45 -15.25 -18.07
CA PRO A 298 10.91 -15.01 -18.01
C PRO A 298 11.72 -16.22 -17.53
N VAL A 299 12.03 -17.11 -18.46
CA VAL A 299 12.90 -18.25 -18.16
C VAL A 299 14.35 -17.80 -18.20
N SER A 300 15.10 -18.11 -17.16
CA SER A 300 16.52 -17.81 -17.16
C SER A 300 17.26 -18.72 -18.14
N PHE A 301 18.26 -18.18 -18.80
CA PHE A 301 18.98 -18.89 -19.85
C PHE A 301 20.48 -18.78 -19.60
N ASN A 302 21.24 -19.65 -20.26
CA ASN A 302 22.66 -19.82 -20.02
C ASN A 302 23.48 -19.20 -21.15
N ASN A 303 24.53 -18.47 -20.78
CA ASN A 303 25.48 -17.94 -21.74
C ASN A 303 26.79 -17.65 -21.02
N ASP A 304 27.90 -17.97 -21.69
CA ASP A 304 29.25 -17.70 -21.18
C ASP A 304 29.46 -18.31 -19.80
N ASN A 305 29.00 -19.55 -19.62
CA ASN A 305 29.09 -20.25 -18.33
C ASN A 305 28.46 -19.41 -17.22
N SER A 306 27.29 -18.83 -17.51
CA SER A 306 26.58 -18.01 -16.55
C SER A 306 25.11 -17.99 -16.91
N GLU A 307 24.29 -17.55 -15.96
CA GLU A 307 22.84 -17.56 -16.11
C GLU A 307 22.33 -16.13 -16.27
N TRP A 308 21.39 -15.95 -17.19
CA TRP A 308 20.88 -14.63 -17.55
C TRP A 308 19.37 -14.66 -17.64
N ILE A 309 18.76 -13.50 -17.45
CA ILE A 309 17.35 -13.27 -17.77
C ILE A 309 17.28 -12.10 -18.72
N SER A 310 16.24 -12.05 -19.54
CA SER A 310 16.11 -10.99 -20.53
C SER A 310 15.27 -9.86 -19.97
N ILE A 311 15.76 -8.64 -20.10
CA ILE A 311 15.06 -7.46 -19.59
C ILE A 311 14.16 -6.97 -20.72
N VAL A 312 12.98 -7.55 -20.80
CA VAL A 312 11.94 -7.13 -21.74
C VAL A 312 10.64 -6.99 -20.96
N PRO A 313 9.67 -6.25 -21.51
CA PRO A 313 8.35 -6.22 -20.87
C PRO A 313 7.71 -7.60 -20.93
N ASN A 314 7.18 -8.05 -19.78
CA ASN A 314 6.53 -9.35 -19.73
C ASN A 314 5.13 -9.33 -20.34
N PHE A 315 4.54 -8.15 -20.49
CA PHE A 315 3.25 -7.99 -21.15
C PHE A 315 3.40 -6.99 -22.27
N ILE A 316 2.99 -7.39 -23.46
CA ILE A 316 3.10 -6.58 -24.68
C ILE A 316 1.70 -6.37 -25.22
N LEU A 317 1.31 -5.11 -25.40
CA LEU A 317 0.01 -4.79 -25.96
C LEU A 317 0.16 -4.55 -27.45
N VAL A 318 -0.54 -5.35 -28.25
CA VAL A 318 -0.50 -5.24 -29.70
C VAL A 318 -1.89 -4.84 -30.16
N ARG A 319 -2.00 -3.63 -30.69
CA ARG A 319 -3.27 -3.10 -31.21
C ARG A 319 -3.08 -2.72 -32.68
N ASN A 320 -3.86 -3.34 -33.55
CA ASN A 320 -3.75 -3.13 -34.99
C ASN A 320 -2.32 -3.38 -35.47
N THR A 321 -1.74 -4.47 -34.97
CA THR A 321 -0.36 -4.89 -35.24
C THR A 321 0.66 -3.88 -34.73
N LEU A 322 0.26 -2.94 -33.88
CA LEU A 322 1.17 -1.97 -33.29
C LEU A 322 1.60 -2.46 -31.92
N ILE A 323 2.90 -2.71 -31.78
CA ILE A 323 3.48 -3.24 -30.54
C ILE A 323 3.80 -2.07 -29.61
N SER A 324 3.31 -2.15 -28.38
CA SER A 324 3.54 -1.09 -27.41
C SER A 324 3.52 -1.67 -26.01
N ASN A 325 4.00 -0.88 -25.07
CA ASN A 325 4.00 -1.26 -23.66
C ASN A 325 2.61 -1.06 -23.07
N ILE A 326 2.41 -1.61 -21.88
CA ILE A 326 1.18 -1.39 -21.13
C ILE A 326 1.53 -1.34 -19.65
N GLU A 327 0.97 -0.35 -18.95
CA GLU A 327 1.12 -0.26 -17.50
C GLU A 327 0.11 -1.20 -16.87
N ILE A 328 0.43 -2.49 -16.91
CA ILE A 328 -0.49 -3.53 -16.46
C ILE A 328 -0.56 -3.61 -14.94
N GLY A 329 0.30 -2.89 -14.24
CA GLY A 329 0.19 -2.83 -12.79
C GLY A 329 -1.10 -2.16 -12.33
N PHE A 330 -1.60 -1.21 -13.13
CA PHE A 330 -2.86 -0.55 -12.83
C PHE A 330 -4.08 -1.31 -13.33
N CYS A 331 -3.88 -2.39 -14.09
CA CYS A 331 -4.98 -3.14 -14.67
C CYS A 331 -5.19 -4.46 -13.93
N LEU A 332 -6.39 -5.00 -14.06
CA LEU A 332 -6.72 -6.31 -13.51
C LEU A 332 -6.43 -7.37 -14.56
N ILE A 333 -5.57 -8.32 -14.22
CA ILE A 333 -5.21 -9.41 -15.12
C ILE A 333 -6.11 -10.60 -14.82
N THR A 334 -6.81 -11.09 -15.84
CA THR A 334 -7.74 -12.20 -15.73
C THR A 334 -7.33 -13.24 -16.75
N LYS A 335 -7.78 -14.49 -16.56
CA LYS A 335 -7.42 -15.55 -17.48
C LYS A 335 -7.87 -15.25 -18.89
N ARG A 336 -9.02 -14.60 -19.05
CA ARG A 336 -9.50 -14.27 -20.40
C ARG A 336 -8.90 -12.96 -20.91
N SER A 337 -8.80 -11.95 -20.06
CA SER A 337 -8.49 -10.61 -20.54
C SER A 337 -7.70 -9.83 -19.50
N VAL A 338 -7.06 -8.77 -19.98
CA VAL A 338 -6.50 -7.72 -19.13
C VAL A 338 -7.54 -6.60 -19.08
N ILE A 339 -8.00 -6.29 -17.87
CA ILE A 339 -9.15 -5.42 -17.67
C ILE A 339 -8.66 -4.12 -17.03
N CYS A 340 -8.96 -3.00 -17.68
CA CYS A 340 -8.41 -1.71 -17.31
C CYS A 340 -9.55 -0.70 -17.23
N ASN A 341 -9.42 0.26 -16.32
CA ASN A 341 -10.37 1.37 -16.24
C ASN A 341 -9.95 2.54 -17.11
N GLN A 342 -8.80 2.44 -17.76
CA GLN A 342 -8.27 3.51 -18.59
C GLN A 342 -7.29 2.89 -19.56
N ASP A 343 -7.05 3.57 -20.68
CA ASP A 343 -6.07 3.10 -21.66
C ASP A 343 -4.66 3.33 -21.11
N TYR A 344 -4.03 2.26 -20.63
CA TYR A 344 -2.68 2.32 -20.07
C TYR A 344 -1.61 1.94 -21.07
N ALA A 345 -1.88 2.11 -22.37
CA ALA A 345 -0.85 1.87 -23.38
C ALA A 345 0.20 2.95 -23.33
N THR A 346 1.47 2.54 -23.30
CA THR A 346 2.60 3.46 -23.25
C THR A 346 3.59 3.11 -24.35
N PRO A 347 4.35 4.09 -24.83
CA PRO A 347 5.23 3.84 -25.97
C PRO A 347 6.35 2.89 -25.64
N MET A 348 6.90 2.28 -26.68
CA MET A 348 8.00 1.33 -26.57
C MET A 348 9.10 1.75 -27.53
N THR A 349 10.35 1.58 -27.09
CA THR A 349 11.48 1.97 -27.92
C THR A 349 11.54 1.12 -29.18
N ASN A 350 12.14 1.69 -30.22
CA ASN A 350 12.31 0.94 -31.46
C ASN A 350 13.21 -0.27 -31.25
N ASN A 351 14.22 -0.14 -30.38
CA ASN A 351 15.11 -1.26 -30.10
C ASN A 351 14.36 -2.40 -29.41
N MET A 352 13.47 -2.07 -28.47
CA MET A 352 12.69 -3.12 -27.81
C MET A 352 11.69 -3.75 -28.77
N ARG A 353 11.11 -2.96 -29.67
CA ARG A 353 10.21 -3.52 -30.66
C ARG A 353 10.95 -4.46 -31.61
N GLU A 354 12.17 -4.11 -31.99
CA GLU A 354 12.97 -5.00 -32.81
C GLU A 354 13.41 -6.23 -32.03
N CYS A 355 13.65 -6.09 -30.73
CA CYS A 355 13.89 -7.25 -29.87
C CYS A 355 12.70 -8.21 -29.93
N LEU A 356 11.49 -7.67 -29.84
CA LEU A 356 10.30 -8.51 -29.82
C LEU A 356 10.01 -9.11 -31.19
N THR A 357 10.46 -8.45 -32.26
CA THR A 357 10.16 -8.93 -33.61
C THR A 357 11.27 -9.79 -34.20
N GLY A 358 12.34 -10.06 -33.45
CA GLY A 358 13.35 -11.00 -33.90
C GLY A 358 14.79 -10.61 -33.66
N SER A 359 15.07 -9.32 -33.47
CA SER A 359 16.44 -8.85 -33.27
C SER A 359 16.85 -9.12 -31.82
N THR A 360 17.29 -10.35 -31.57
CA THR A 360 17.68 -10.75 -30.22
C THR A 360 18.94 -10.06 -29.75
N GLU A 361 19.75 -9.52 -30.67
CA GLU A 361 20.95 -8.80 -30.28
C GLU A 361 20.64 -7.46 -29.62
N LYS A 362 19.41 -6.97 -29.75
CA LYS A 362 18.98 -5.72 -29.14
C LYS A 362 18.21 -5.95 -27.85
N CYS A 363 18.19 -7.18 -27.33
CA CYS A 363 17.47 -7.48 -26.11
C CYS A 363 18.41 -7.39 -24.92
N PRO A 364 18.21 -6.45 -23.99
CA PRO A 364 19.08 -6.40 -22.82
C PRO A 364 18.90 -7.61 -21.94
N ARG A 365 19.99 -8.03 -21.31
CA ARG A 365 19.98 -9.18 -20.42
C ARG A 365 20.66 -8.81 -19.11
N GLU A 366 20.18 -9.39 -18.03
CA GLU A 366 20.69 -9.16 -16.69
C GLU A 366 21.19 -10.46 -16.09
N LEU A 367 22.26 -10.38 -15.33
CA LEU A 367 22.85 -11.55 -14.69
C LEU A 367 21.87 -12.10 -13.66
N VAL A 368 22.04 -13.38 -13.34
CA VAL A 368 21.24 -14.02 -12.29
C VAL A 368 22.16 -14.35 -11.13
N VAL A 369 22.01 -13.61 -10.03
CA VAL A 369 22.76 -13.85 -8.82
C VAL A 369 21.87 -14.63 -7.86
N SER A 370 20.57 -14.38 -7.95
CA SER A 370 19.59 -15.07 -7.12
C SER A 370 19.46 -16.54 -7.53
N SER A 371 19.21 -17.39 -6.55
CA SER A 371 19.06 -18.82 -6.77
C SER A 371 17.60 -19.24 -6.95
N HIS A 372 16.66 -18.29 -6.95
CA HIS A 372 15.24 -18.61 -7.05
C HIS A 372 14.63 -18.15 -8.38
N VAL A 373 15.46 -17.97 -9.41
CA VAL A 373 14.98 -17.56 -10.73
C VAL A 373 14.25 -18.74 -11.37
N PRO A 374 13.22 -18.52 -12.18
CA PRO A 374 12.59 -19.63 -12.90
C PRO A 374 13.53 -20.21 -13.94
N ARG A 375 13.83 -21.50 -13.82
CA ARG A 375 14.70 -22.17 -14.78
C ARG A 375 13.96 -22.74 -15.98
N PHE A 376 12.63 -22.86 -15.93
CA PHE A 376 11.90 -23.48 -17.02
C PHE A 376 10.47 -22.97 -17.03
N ALA A 377 9.80 -23.21 -18.15
CA ALA A 377 8.39 -22.92 -18.26
C ALA A 377 7.77 -23.80 -19.34
N LEU A 378 6.45 -23.90 -19.31
CA LEU A 378 5.70 -24.73 -20.24
C LEU A 378 4.84 -23.85 -21.12
N SER A 379 4.80 -24.16 -22.42
CA SER A 379 3.95 -23.44 -23.36
C SER A 379 3.48 -24.42 -24.43
N ASN A 380 2.17 -24.57 -24.56
CA ASN A 380 1.56 -25.47 -25.54
C ASN A 380 2.06 -26.90 -25.37
N GLY A 381 2.28 -27.32 -24.12
CA GLY A 381 2.78 -28.65 -23.87
C GLY A 381 4.26 -28.84 -24.15
N VAL A 382 4.99 -27.78 -24.46
CA VAL A 382 6.40 -27.84 -24.79
C VAL A 382 7.17 -27.17 -23.67
N LEU A 383 8.25 -27.80 -23.21
CA LEU A 383 8.97 -27.34 -22.02
C LEU A 383 10.25 -26.63 -22.47
N PHE A 384 10.43 -25.40 -22.02
CA PHE A 384 11.65 -24.65 -22.32
C PHE A 384 12.40 -24.51 -21.01
N ALA A 385 13.51 -25.23 -20.91
CA ALA A 385 14.23 -25.36 -19.65
C ALA A 385 15.70 -24.99 -19.80
N ASN A 386 16.25 -24.43 -18.73
CA ASN A 386 17.69 -24.17 -18.63
C ASN A 386 18.30 -25.38 -17.94
N CYS A 387 18.62 -26.40 -18.72
CA CYS A 387 19.11 -27.66 -18.14
C CYS A 387 20.53 -27.56 -17.62
N ILE A 388 21.21 -26.43 -17.82
CA ILE A 388 22.46 -26.18 -17.13
C ILE A 388 22.21 -26.02 -15.63
N SER A 389 21.14 -25.31 -15.26
CA SER A 389 20.86 -25.00 -13.87
C SER A 389 19.97 -26.04 -13.18
N VAL A 390 19.16 -26.79 -13.94
CA VAL A 390 18.32 -27.84 -13.38
C VAL A 390 18.62 -29.14 -14.08
N THR A 391 18.58 -30.24 -13.33
CA THR A 391 18.95 -31.56 -13.86
C THR A 391 17.76 -32.14 -14.62
N CYS A 392 17.66 -31.79 -15.89
CA CYS A 392 16.66 -32.40 -16.76
C CYS A 392 17.07 -33.82 -17.09
N GLN A 393 16.13 -34.77 -16.99
CA GLN A 393 16.39 -36.11 -17.49
C GLN A 393 15.06 -36.71 -17.92
N CYS A 394 15.13 -37.55 -18.95
CA CYS A 394 13.93 -38.08 -19.59
C CYS A 394 13.52 -39.39 -18.93
N GLN A 395 12.25 -39.46 -18.51
CA GLN A 395 11.75 -40.68 -17.89
C GLN A 395 11.58 -41.81 -18.89
N THR A 396 11.24 -41.46 -20.14
CA THR A 396 11.01 -42.49 -21.15
C THR A 396 12.29 -43.26 -21.47
N THR A 397 13.42 -42.56 -21.60
CA THR A 397 14.68 -43.18 -21.99
C THR A 397 15.64 -43.40 -20.83
N GLY A 398 15.56 -42.57 -19.79
CA GLY A 398 16.41 -42.69 -18.64
C GLY A 398 17.70 -41.90 -18.69
N ARG A 399 18.05 -41.35 -19.85
CA ARG A 399 19.25 -40.55 -19.97
C ARG A 399 18.96 -39.08 -19.69
N ALA A 400 19.93 -38.41 -19.10
CA ALA A 400 19.79 -37.00 -18.77
C ALA A 400 19.75 -36.14 -20.02
N ILE A 401 18.89 -35.12 -20.00
CA ILE A 401 18.79 -34.16 -21.09
C ILE A 401 19.85 -33.10 -20.83
N SER A 402 20.98 -33.21 -21.53
CA SER A 402 22.12 -32.34 -21.29
C SER A 402 22.08 -31.13 -22.22
N GLN A 403 22.51 -30.00 -21.68
CA GLN A 403 22.59 -28.74 -22.41
C GLN A 403 24.05 -28.38 -22.63
N SER A 404 24.39 -28.02 -23.87
CA SER A 404 25.75 -27.62 -24.18
C SER A 404 26.00 -26.17 -23.76
N GLY A 405 27.27 -25.76 -23.82
CA GLY A 405 27.63 -24.40 -23.46
C GLY A 405 27.18 -23.36 -24.47
N GLU A 406 26.89 -23.77 -25.70
CA GLU A 406 26.45 -22.86 -26.74
C GLU A 406 24.93 -22.75 -26.84
N GLN A 407 24.19 -23.44 -25.98
CA GLN A 407 22.74 -23.41 -25.98
C GLN A 407 22.25 -22.56 -24.82
N THR A 408 21.38 -21.58 -25.12
CA THR A 408 20.78 -20.78 -24.07
C THR A 408 19.75 -21.58 -23.29
N LEU A 409 18.86 -22.29 -23.98
CA LEU A 409 17.86 -23.14 -23.38
C LEU A 409 17.71 -24.40 -24.21
N LEU A 410 16.98 -25.36 -23.66
CA LEU A 410 16.58 -26.56 -24.38
C LEU A 410 15.06 -26.60 -24.51
N MET A 411 14.59 -26.76 -25.75
CA MET A 411 13.20 -27.08 -26.01
C MET A 411 13.02 -28.59 -25.91
N ILE A 412 12.18 -29.02 -24.98
CA ILE A 412 11.91 -30.41 -24.70
C ILE A 412 10.48 -30.70 -25.11
N ASP A 413 10.33 -31.55 -26.13
CA ASP A 413 9.03 -31.94 -26.65
C ASP A 413 9.02 -33.47 -26.82
N ASN A 414 7.87 -34.02 -27.21
CA ASN A 414 7.74 -35.47 -27.27
C ASN A 414 8.59 -36.10 -28.37
N THR A 415 9.05 -35.32 -29.36
CA THR A 415 9.94 -35.87 -30.37
C THR A 415 11.29 -36.26 -29.79
N THR A 416 11.79 -35.49 -28.83
CA THR A 416 13.06 -35.80 -28.18
C THR A 416 12.89 -36.39 -26.79
N CYS A 417 11.80 -36.09 -26.09
CA CYS A 417 11.54 -36.63 -24.76
C CYS A 417 10.04 -36.64 -24.51
N PRO A 418 9.39 -37.81 -24.62
CA PRO A 418 7.95 -37.86 -24.39
C PRO A 418 7.52 -37.44 -22.99
N THR A 419 8.34 -37.70 -21.99
CA THR A 419 8.02 -37.36 -20.60
C THR A 419 9.31 -36.96 -19.91
N ALA A 420 9.40 -35.69 -19.52
CA ALA A 420 10.59 -35.12 -18.89
C ALA A 420 10.42 -35.03 -17.38
N VAL A 421 11.54 -35.09 -16.67
CA VAL A 421 11.55 -35.01 -15.22
C VAL A 421 12.46 -33.86 -14.81
N LEU A 422 11.97 -33.02 -13.90
CA LEU A 422 12.70 -31.84 -13.42
C LEU A 422 12.76 -31.88 -11.90
N GLY A 423 13.12 -33.02 -11.34
CA GLY A 423 13.19 -33.19 -9.90
C GLY A 423 11.91 -33.80 -9.36
N ASN A 424 11.17 -33.02 -8.57
CA ASN A 424 9.87 -33.47 -8.08
C ASN A 424 8.80 -33.43 -9.16
N VAL A 425 9.09 -32.88 -10.33
CA VAL A 425 8.13 -32.72 -11.41
C VAL A 425 8.41 -33.76 -12.48
N ILE A 426 7.39 -34.54 -12.82
CA ILE A 426 7.40 -35.39 -14.00
C ILE A 426 6.23 -34.95 -14.88
N ILE A 427 6.53 -34.57 -16.12
CA ILE A 427 5.54 -33.94 -16.99
C ILE A 427 5.61 -34.57 -18.37
N SER A 428 4.44 -34.85 -18.95
CA SER A 428 4.36 -35.30 -20.33
C SER A 428 4.24 -34.10 -21.25
N LEU A 429 4.88 -34.18 -22.40
CA LEU A 429 5.08 -33.02 -23.26
C LEU A 429 4.49 -33.25 -24.65
N GLY A 430 4.02 -32.16 -25.25
CA GLY A 430 3.52 -32.19 -26.61
C GLY A 430 4.62 -31.97 -27.62
N LYS A 431 4.21 -31.77 -28.87
CA LYS A 431 5.13 -31.59 -29.97
C LYS A 431 5.26 -30.10 -30.29
N TYR A 432 6.49 -29.66 -30.53
CA TYR A 432 6.74 -28.26 -30.84
C TYR A 432 6.29 -27.96 -32.26
N LEU A 433 5.56 -26.85 -32.41
CA LEU A 433 5.03 -26.44 -33.71
C LEU A 433 5.99 -25.57 -34.50
N GLY A 434 7.10 -25.17 -33.90
CA GLY A 434 8.09 -24.33 -34.56
C GLY A 434 9.10 -25.14 -35.33
N SER A 435 10.31 -24.60 -35.43
CA SER A 435 11.37 -25.27 -36.18
C SER A 435 11.78 -26.56 -35.50
N VAL A 436 11.99 -27.60 -36.30
CA VAL A 436 12.45 -28.88 -35.76
C VAL A 436 13.91 -28.79 -35.32
N ASN A 437 14.66 -27.82 -35.85
CA ASN A 437 16.06 -27.62 -35.50
C ASN A 437 16.23 -26.54 -34.43
N TYR A 438 15.28 -26.46 -33.50
CA TYR A 438 15.31 -25.43 -32.47
C TYR A 438 16.58 -25.51 -31.63
N ASN A 439 16.95 -26.72 -31.21
CA ASN A 439 18.06 -26.89 -30.29
C ASN A 439 19.42 -26.77 -30.98
N SER A 440 19.46 -26.80 -32.31
CA SER A 440 20.72 -26.67 -33.04
C SER A 440 20.92 -25.28 -33.63
N GLU A 441 19.87 -24.47 -33.72
CA GLU A 441 19.95 -23.14 -34.30
C GLU A 441 20.25 -22.13 -33.19
N GLY A 442 21.48 -21.63 -33.16
CA GLY A 442 21.85 -20.58 -32.22
C GLY A 442 21.39 -19.22 -32.67
N ILE A 443 21.46 -18.26 -31.75
CA ILE A 443 21.01 -16.90 -31.99
C ILE A 443 22.03 -15.91 -31.45
N ALA A 444 21.94 -14.68 -31.94
CA ALA A 444 22.72 -13.59 -31.37
C ALA A 444 22.14 -13.18 -30.02
N ILE A 445 23.01 -12.71 -29.13
CA ILE A 445 22.63 -12.39 -27.77
C ILE A 445 22.83 -10.90 -27.54
N GLY A 446 22.01 -10.33 -26.65
CA GLY A 446 22.03 -8.91 -26.41
C GLY A 446 23.04 -8.48 -25.37
N PRO A 447 23.07 -7.17 -25.09
CA PRO A 447 24.07 -6.64 -24.16
C PRO A 447 23.64 -6.85 -22.71
N PRO A 448 24.59 -7.12 -21.82
CA PRO A 448 24.26 -7.22 -20.40
C PRO A 448 23.87 -5.86 -19.83
N VAL A 449 22.93 -5.89 -18.87
CA VAL A 449 22.49 -4.69 -18.18
C VAL A 449 22.36 -4.96 -16.69
N PHE A 450 22.26 -3.87 -15.93
CA PHE A 450 21.97 -3.92 -14.50
C PHE A 450 20.82 -2.96 -14.26
N THR A 451 19.71 -3.46 -13.73
CA THR A 451 18.48 -2.69 -13.65
C THR A 451 18.25 -2.04 -12.28
N ASP A 452 19.19 -2.17 -11.35
CA ASP A 452 19.06 -1.50 -10.06
C ASP A 452 19.17 0.01 -10.26
N LYS A 453 18.33 0.77 -9.54
CA LYS A 453 18.28 2.21 -9.77
C LYS A 453 19.60 2.89 -9.40
N VAL A 454 20.31 2.35 -8.40
CA VAL A 454 21.64 2.85 -8.11
C VAL A 454 22.58 2.45 -9.24
N ASP A 455 22.43 1.22 -9.74
CA ASP A 455 23.26 0.83 -10.87
C ASP A 455 22.90 1.63 -12.11
N ILE A 456 21.65 2.09 -12.20
CA ILE A 456 21.24 2.96 -13.30
C ILE A 456 21.96 4.29 -13.23
N SER A 457 22.04 4.88 -12.03
CA SER A 457 22.83 6.10 -11.86
C SER A 457 24.31 5.86 -12.10
N SER A 458 24.82 4.69 -11.72
CA SER A 458 26.23 4.37 -11.95
C SER A 458 26.52 4.27 -13.45
N GLN A 459 25.63 3.62 -14.19
CA GLN A 459 25.82 3.48 -15.63
C GLN A 459 25.67 4.82 -16.33
N ILE A 460 24.78 5.69 -15.84
CA ILE A 460 24.71 7.03 -16.41
C ILE A 460 26.00 7.79 -16.14
N SER A 461 26.56 7.63 -14.94
CA SER A 461 27.82 8.28 -14.60
C SER A 461 28.94 7.82 -15.51
N SER A 462 29.02 6.50 -15.73
CA SER A 462 30.09 5.95 -16.55
C SER A 462 29.94 6.34 -18.01
N MET A 463 28.71 6.35 -18.53
CA MET A 463 28.52 6.76 -19.92
C MET A 463 28.79 8.24 -20.10
N ASN A 464 28.41 9.07 -19.12
CA ASN A 464 28.70 10.50 -19.23
C ASN A 464 30.20 10.77 -19.16
N GLN A 465 30.91 10.06 -18.29
CA GLN A 465 32.35 10.24 -18.22
C GLN A 465 33.04 9.70 -19.48
N SER A 466 32.50 8.64 -20.08
CA SER A 466 33.04 8.16 -21.34
C SER A 466 32.81 9.17 -22.46
N LEU A 467 31.65 9.84 -22.45
CA LEU A 467 31.40 10.90 -23.42
C LEU A 467 32.37 12.05 -23.24
N GLN A 468 32.61 12.44 -21.99
CA GLN A 468 33.55 13.53 -21.72
C GLN A 468 34.97 13.16 -22.13
N GLN A 469 35.38 11.91 -21.90
CA GLN A 469 36.69 11.47 -22.35
C GLN A 469 36.78 11.45 -23.87
N SER A 470 35.73 11.00 -24.55
CA SER A 470 35.75 10.98 -26.01
C SER A 470 35.71 12.40 -26.58
N LYS A 471 34.93 13.28 -25.97
CA LYS A 471 34.85 14.67 -26.42
C LYS A 471 36.17 15.39 -26.17
N GLN B 1 -8.30 -14.82 -38.78
CA GLN B 1 -9.50 -15.57 -39.18
C GLN B 1 -9.84 -16.64 -38.15
N VAL B 2 -11.04 -16.57 -37.59
CA VAL B 2 -11.51 -17.50 -36.58
C VAL B 2 -12.56 -18.40 -37.20
N GLN B 3 -12.36 -19.71 -37.10
CA GLN B 3 -13.31 -20.70 -37.59
C GLN B 3 -13.62 -21.69 -36.49
N LEU B 4 -14.90 -21.97 -36.27
CA LEU B 4 -15.33 -22.95 -35.28
C LEU B 4 -15.93 -24.11 -36.08
N GLN B 5 -15.08 -25.07 -36.44
CA GLN B 5 -15.53 -26.16 -37.29
C GLN B 5 -16.26 -27.20 -36.44
N GLN B 6 -17.51 -27.48 -36.80
CA GLN B 6 -18.31 -28.45 -36.07
C GLN B 6 -18.43 -29.75 -36.86
N SER B 7 -18.88 -30.79 -36.17
CA SER B 7 -19.12 -32.08 -36.81
C SER B 7 -20.33 -31.99 -37.73
N GLY B 8 -20.44 -32.96 -38.62
CA GLY B 8 -21.52 -32.96 -39.59
C GLY B 8 -22.85 -33.29 -38.95
N ALA B 9 -23.89 -33.15 -39.76
CA ALA B 9 -25.25 -33.42 -39.29
C ALA B 9 -25.39 -34.89 -38.94
N GLU B 10 -26.14 -35.18 -37.89
CA GLU B 10 -26.26 -36.53 -37.37
C GLU B 10 -27.73 -36.95 -37.32
N LEU B 11 -27.98 -38.18 -37.74
CA LEU B 11 -29.29 -38.84 -37.63
C LEU B 11 -29.17 -39.92 -36.58
N VAL B 12 -29.83 -39.72 -35.44
CA VAL B 12 -29.64 -40.56 -34.26
C VAL B 12 -30.99 -41.14 -33.84
N ARG B 13 -30.99 -42.42 -33.52
CA ARG B 13 -32.20 -43.07 -33.00
C ARG B 13 -32.54 -42.52 -31.63
N PRO B 14 -33.83 -42.33 -31.32
CA PRO B 14 -34.22 -41.88 -29.98
C PRO B 14 -33.81 -42.88 -28.91
N GLY B 15 -33.46 -42.35 -27.74
CA GLY B 15 -33.00 -43.15 -26.63
C GLY B 15 -31.50 -43.29 -26.51
N THR B 16 -30.74 -42.96 -27.55
CA THR B 16 -29.29 -43.02 -27.51
C THR B 16 -28.70 -41.61 -27.38
N SER B 17 -27.38 -41.54 -27.41
CA SER B 17 -26.64 -40.32 -27.13
C SER B 17 -25.80 -39.93 -28.34
N VAL B 18 -25.61 -38.62 -28.52
CA VAL B 18 -24.73 -38.11 -29.57
C VAL B 18 -23.73 -37.15 -28.94
N LYS B 19 -22.54 -37.05 -29.53
CA LYS B 19 -21.47 -36.22 -28.98
C LYS B 19 -20.99 -35.28 -30.08
N ILE B 20 -21.54 -34.07 -30.09
CA ILE B 20 -21.21 -33.06 -31.10
C ILE B 20 -19.89 -32.39 -30.74
N SER B 21 -19.05 -32.17 -31.73
CA SER B 21 -17.74 -31.58 -31.51
C SER B 21 -17.65 -30.20 -32.15
N CYS B 22 -16.70 -29.40 -31.65
CA CYS B 22 -16.47 -28.05 -32.17
C CYS B 22 -15.00 -27.73 -31.98
N LYS B 23 -14.24 -27.75 -33.07
CA LYS B 23 -12.80 -27.50 -33.06
C LYS B 23 -12.59 -26.03 -33.42
N ALA B 24 -12.26 -25.23 -32.41
CA ALA B 24 -11.98 -23.81 -32.61
C ALA B 24 -10.58 -23.64 -33.18
N SER B 25 -10.45 -22.86 -34.24
CA SER B 25 -9.17 -22.61 -34.89
C SER B 25 -9.05 -21.13 -35.20
N GLY B 26 -7.84 -20.61 -35.06
CA GLY B 26 -7.57 -19.21 -35.36
C GLY B 26 -7.94 -18.24 -34.26
N TYR B 27 -8.40 -18.71 -33.11
CA TYR B 27 -8.74 -17.82 -32.03
C TYR B 27 -7.46 -17.28 -31.38
N THR B 28 -7.40 -15.97 -31.18
CA THR B 28 -6.18 -15.35 -30.68
C THR B 28 -5.97 -15.63 -29.21
N PHE B 29 -7.04 -15.58 -28.42
CA PHE B 29 -6.94 -15.59 -26.97
C PHE B 29 -6.96 -17.01 -26.43
N THR B 30 -6.10 -17.26 -25.45
CA THR B 30 -5.93 -18.61 -24.93
C THR B 30 -7.18 -19.09 -24.20
N ASN B 31 -7.69 -18.31 -23.26
CA ASN B 31 -8.80 -18.71 -22.41
C ASN B 31 -10.06 -17.97 -22.81
N TYR B 32 -11.17 -18.70 -22.91
CA TYR B 32 -12.43 -18.11 -23.35
C TYR B 32 -13.58 -19.02 -22.93
N TRP B 33 -14.78 -18.45 -22.94
CA TRP B 33 -16.00 -19.24 -22.83
C TRP B 33 -16.46 -19.72 -24.19
N LEU B 34 -16.93 -20.97 -24.25
CA LEU B 34 -17.50 -21.53 -25.47
C LEU B 34 -18.88 -22.06 -25.14
N GLY B 35 -19.90 -21.50 -25.78
CA GLY B 35 -21.28 -21.81 -25.49
C GLY B 35 -21.95 -22.60 -26.59
N TRP B 36 -23.00 -23.34 -26.22
CA TRP B 36 -23.77 -24.13 -27.15
C TRP B 36 -25.19 -23.61 -27.18
N VAL B 37 -25.71 -23.39 -28.38
CA VAL B 37 -27.02 -22.78 -28.60
C VAL B 37 -27.85 -23.73 -29.44
N LYS B 38 -29.09 -23.95 -29.02
CA LYS B 38 -30.03 -24.81 -29.72
C LYS B 38 -31.00 -23.97 -30.54
N GLN B 39 -31.29 -24.42 -31.75
CA GLN B 39 -32.22 -23.72 -32.63
C GLN B 39 -33.14 -24.75 -33.27
N ARG B 40 -34.36 -24.89 -32.71
CA ARG B 40 -35.44 -25.69 -33.27
C ARG B 40 -36.25 -24.87 -34.26
N PRO B 41 -36.84 -25.50 -35.27
CA PRO B 41 -37.79 -24.79 -36.12
C PRO B 41 -39.00 -24.34 -35.32
N GLY B 42 -39.47 -23.13 -35.59
CA GLY B 42 -40.54 -22.55 -34.81
C GLY B 42 -40.15 -22.03 -33.45
N HIS B 43 -38.86 -22.04 -33.12
CA HIS B 43 -38.37 -21.59 -31.83
C HIS B 43 -37.15 -20.71 -32.05
N GLY B 44 -36.90 -19.83 -31.08
CA GLY B 44 -35.73 -19.00 -31.13
C GLY B 44 -34.49 -19.75 -30.68
N LEU B 45 -33.40 -18.99 -30.55
CA LEU B 45 -32.15 -19.55 -30.06
C LEU B 45 -32.26 -19.89 -28.57
N GLU B 46 -31.81 -21.08 -28.20
CA GLU B 46 -31.87 -21.57 -26.83
C GLU B 46 -30.45 -21.90 -26.39
N TRP B 47 -29.97 -21.20 -25.36
CA TRP B 47 -28.63 -21.44 -24.85
C TRP B 47 -28.60 -22.72 -24.03
N ILE B 48 -27.64 -23.59 -24.31
CA ILE B 48 -27.53 -24.87 -23.62
C ILE B 48 -26.58 -24.79 -22.45
N GLY B 49 -25.36 -24.33 -22.68
CA GLY B 49 -24.37 -24.26 -21.61
C GLY B 49 -23.06 -23.73 -22.15
N ASP B 50 -22.20 -23.35 -21.22
CA ASP B 50 -20.90 -22.78 -21.49
C ASP B 50 -19.82 -23.65 -20.87
N ILE B 51 -18.78 -23.95 -21.63
CA ILE B 51 -17.57 -24.57 -21.14
C ILE B 51 -16.49 -23.49 -21.10
N TYR B 52 -15.74 -23.43 -20.01
CA TYR B 52 -14.73 -22.40 -19.84
C TYR B 52 -13.36 -23.06 -19.99
N ARG B 53 -12.67 -22.69 -21.07
CA ARG B 53 -11.45 -23.38 -21.46
C ARG B 53 -10.28 -23.02 -20.57
N GLY B 54 -10.31 -21.85 -19.93
CA GLY B 54 -9.23 -21.44 -19.07
C GLY B 54 -9.24 -22.14 -17.71
N GLY B 55 -10.35 -22.01 -16.99
CA GLY B 55 -10.50 -22.64 -15.69
C GLY B 55 -11.51 -23.76 -15.76
N GLY B 56 -11.32 -24.77 -14.91
CA GLY B 56 -12.06 -26.01 -15.03
C GLY B 56 -13.44 -25.96 -14.44
N TYR B 57 -14.31 -25.10 -14.98
CA TYR B 57 -15.70 -25.09 -14.56
C TYR B 57 -16.57 -24.68 -15.73
N THR B 58 -17.86 -25.00 -15.61
CA THR B 58 -18.81 -24.86 -16.70
C THR B 58 -20.15 -24.40 -16.15
N ASN B 59 -20.91 -23.71 -16.99
CA ASN B 59 -22.27 -23.27 -16.68
C ASN B 59 -23.25 -24.07 -17.52
N TYR B 60 -24.38 -24.42 -16.94
CA TYR B 60 -25.44 -25.11 -17.66
C TYR B 60 -26.73 -24.33 -17.51
N ASN B 61 -27.55 -24.36 -18.56
CA ASN B 61 -28.93 -23.93 -18.42
C ASN B 61 -29.67 -24.94 -17.55
N GLU B 62 -30.53 -24.44 -16.67
CA GLU B 62 -31.26 -25.34 -15.78
C GLU B 62 -32.18 -26.27 -16.57
N LYS B 63 -32.66 -25.82 -17.73
CA LYS B 63 -33.41 -26.70 -18.61
C LYS B 63 -32.55 -27.83 -19.17
N PHE B 64 -31.30 -27.52 -19.52
CA PHE B 64 -30.41 -28.49 -20.15
C PHE B 64 -29.44 -29.14 -19.17
N LYS B 65 -29.50 -28.80 -17.89
CA LYS B 65 -28.58 -29.39 -16.93
C LYS B 65 -28.95 -30.85 -16.69
N GLY B 66 -27.99 -31.74 -16.89
CA GLY B 66 -28.24 -33.17 -16.84
C GLY B 66 -28.49 -33.73 -18.23
N LYS B 67 -29.19 -32.97 -19.07
CA LYS B 67 -29.40 -33.37 -20.45
C LYS B 67 -28.10 -33.30 -21.26
N ALA B 68 -27.38 -32.20 -21.12
CA ALA B 68 -26.15 -31.96 -21.87
C ALA B 68 -24.94 -32.07 -20.95
N THR B 69 -23.81 -32.44 -21.55
CA THR B 69 -22.54 -32.54 -20.84
C THR B 69 -21.47 -31.88 -21.69
N LEU B 70 -20.79 -30.88 -21.14
CA LEU B 70 -19.80 -30.12 -21.89
C LEU B 70 -18.41 -30.51 -21.42
N THR B 71 -17.58 -30.97 -22.35
CA THR B 71 -16.18 -31.27 -22.07
C THR B 71 -15.30 -30.55 -23.08
N ALA B 72 -14.02 -30.37 -22.73
CA ALA B 72 -13.13 -29.68 -23.65
C ALA B 72 -11.77 -30.36 -23.67
N ASP B 73 -11.13 -30.31 -24.85
CA ASP B 73 -9.78 -30.80 -25.07
C ASP B 73 -8.92 -29.59 -25.41
N THR B 74 -8.07 -29.19 -24.45
CA THR B 74 -7.24 -28.01 -24.57
C THR B 74 -6.08 -28.20 -25.53
N SER B 75 -5.77 -29.44 -25.91
CA SER B 75 -4.68 -29.68 -26.85
C SER B 75 -5.09 -29.32 -28.27
N SER B 76 -6.20 -29.89 -28.74
CA SER B 76 -6.67 -29.62 -30.09
C SER B 76 -7.67 -28.47 -30.12
N SER B 77 -7.91 -27.82 -28.98
CA SER B 77 -8.90 -26.74 -28.87
C SER B 77 -10.27 -27.21 -29.34
N THR B 78 -10.63 -28.45 -29.02
CA THR B 78 -11.91 -29.01 -29.43
C THR B 78 -12.79 -29.25 -28.22
N ALA B 79 -13.98 -28.67 -28.21
CA ALA B 79 -14.94 -28.95 -27.15
C ALA B 79 -16.08 -29.79 -27.65
N TYR B 80 -16.66 -30.57 -26.74
CA TYR B 80 -17.69 -31.54 -27.07
C TYR B 80 -18.93 -31.28 -26.22
N MET B 81 -20.06 -31.67 -26.78
CA MET B 81 -21.37 -31.60 -26.14
C MET B 81 -22.04 -32.97 -26.27
N GLN B 82 -22.12 -33.69 -25.16
CA GLN B 82 -22.73 -35.01 -25.10
C GLN B 82 -24.21 -34.82 -24.74
N LEU B 83 -25.09 -35.17 -25.67
CA LEU B 83 -26.54 -35.14 -25.45
C LEU B 83 -27.00 -36.57 -25.23
N SER B 84 -27.63 -36.81 -24.09
CA SER B 84 -28.03 -38.15 -23.67
C SER B 84 -29.55 -38.27 -23.63
N SER B 85 -30.03 -39.48 -23.92
CA SER B 85 -31.46 -39.79 -23.94
C SER B 85 -32.20 -38.86 -24.91
N LEU B 86 -31.82 -38.96 -26.17
CA LEU B 86 -32.36 -38.08 -27.19
C LEU B 86 -33.82 -38.43 -27.49
N THR B 87 -34.62 -37.39 -27.68
CA THR B 87 -36.03 -37.54 -28.03
C THR B 87 -36.31 -36.73 -29.30
N SER B 88 -37.57 -36.75 -29.73
CA SER B 88 -37.94 -36.06 -30.97
C SER B 88 -37.78 -34.55 -30.85
N GLU B 89 -37.96 -34.00 -29.67
CA GLU B 89 -37.82 -32.55 -29.47
C GLU B 89 -36.36 -32.11 -29.43
N ASP B 90 -35.41 -33.04 -29.47
CA ASP B 90 -33.99 -32.69 -29.51
C ASP B 90 -33.49 -32.43 -30.93
N SER B 91 -34.32 -32.64 -31.95
CA SER B 91 -33.90 -32.42 -33.32
C SER B 91 -33.80 -30.91 -33.58
N ALA B 92 -32.57 -30.41 -33.65
CA ALA B 92 -32.36 -28.97 -33.81
C ALA B 92 -30.96 -28.75 -34.36
N VAL B 93 -30.71 -27.51 -34.78
CA VAL B 93 -29.37 -27.10 -35.19
C VAL B 93 -28.63 -26.56 -33.97
N TYR B 94 -27.44 -27.11 -33.71
CA TYR B 94 -26.67 -26.78 -32.51
C TYR B 94 -25.45 -25.98 -32.94
N PHE B 95 -25.29 -24.78 -32.40
CA PHE B 95 -24.17 -23.91 -32.72
C PHE B 95 -23.23 -23.81 -31.52
N CYS B 96 -21.94 -24.01 -31.77
CA CYS B 96 -20.92 -23.61 -30.81
C CYS B 96 -20.49 -22.18 -31.12
N ALA B 97 -20.24 -21.42 -30.07
CA ALA B 97 -19.94 -20.00 -30.22
C ALA B 97 -19.09 -19.54 -29.06
N THR B 98 -17.95 -18.94 -29.36
CA THR B 98 -17.19 -18.27 -28.31
C THR B 98 -17.96 -17.04 -27.83
N ARG B 99 -17.92 -16.80 -26.52
CA ARG B 99 -18.65 -15.66 -25.98
C ARG B 99 -17.84 -14.94 -24.93
N ASP B 100 -18.03 -13.62 -24.89
CA ASP B 100 -17.46 -12.70 -23.92
C ASP B 100 -18.58 -11.91 -23.24
N GLY B 101 -19.57 -12.65 -22.76
CA GLY B 101 -20.87 -12.09 -22.45
C GLY B 101 -21.79 -12.29 -23.64
N TYR B 102 -21.52 -11.58 -24.73
CA TYR B 102 -22.22 -11.79 -25.98
C TYR B 102 -21.49 -12.86 -26.80
N PHE B 103 -22.26 -13.69 -27.50
CA PHE B 103 -21.67 -14.70 -28.37
C PHE B 103 -20.99 -14.01 -29.55
N ASP B 104 -19.69 -14.28 -29.71
CA ASP B 104 -18.86 -13.54 -30.66
C ASP B 104 -18.72 -14.26 -31.99
N TYR B 105 -18.20 -15.48 -31.98
CA TYR B 105 -17.96 -16.25 -33.18
C TYR B 105 -18.73 -17.56 -33.09
N TRP B 106 -19.50 -17.87 -34.13
CA TRP B 106 -20.42 -19.00 -34.15
C TRP B 106 -19.91 -20.08 -35.09
N GLY B 107 -20.15 -21.33 -34.73
CA GLY B 107 -19.87 -22.42 -35.63
C GLY B 107 -20.93 -22.56 -36.70
N GLN B 108 -20.64 -23.37 -37.71
CA GLN B 108 -21.55 -23.50 -38.84
C GLN B 108 -22.84 -24.25 -38.49
N GLY B 109 -22.88 -24.93 -37.35
CA GLY B 109 -24.09 -25.60 -36.91
C GLY B 109 -24.16 -27.06 -37.27
N THR B 110 -24.44 -27.90 -36.27
CA THR B 110 -24.60 -29.34 -36.43
C THR B 110 -26.09 -29.66 -36.33
N THR B 111 -26.68 -30.06 -37.45
CA THR B 111 -28.11 -30.40 -37.49
C THR B 111 -28.31 -31.81 -36.95
N LEU B 112 -28.99 -31.92 -35.80
CA LEU B 112 -29.27 -33.21 -35.20
C LEU B 112 -30.72 -33.57 -35.46
N THR B 113 -30.94 -34.75 -36.03
CA THR B 113 -32.27 -35.27 -36.30
C THR B 113 -32.44 -36.54 -35.49
N VAL B 114 -33.48 -36.58 -34.65
CA VAL B 114 -33.75 -37.73 -33.80
C VAL B 114 -35.06 -38.35 -34.28
N SER B 115 -34.97 -39.50 -34.94
CA SER B 115 -36.13 -40.18 -35.48
C SER B 115 -35.81 -41.66 -35.64
N SER B 116 -36.86 -42.45 -35.78
CA SER B 116 -36.71 -43.89 -35.97
C SER B 116 -37.40 -44.36 -37.24
N ASP C 1 -35.32 -16.23 -14.69
CA ASP C 1 -34.70 -15.99 -15.99
C ASP C 1 -35.21 -14.69 -16.58
N ILE C 2 -34.41 -14.04 -17.42
CA ILE C 2 -34.81 -12.80 -18.07
C ILE C 2 -35.49 -13.16 -19.39
N GLN C 3 -36.79 -12.92 -19.46
CA GLN C 3 -37.53 -13.16 -20.69
C GLN C 3 -37.37 -11.97 -21.62
N MET C 4 -36.93 -12.25 -22.85
CA MET C 4 -36.60 -11.21 -23.82
C MET C 4 -37.65 -11.27 -24.92
N THR C 5 -38.43 -10.20 -25.07
CA THR C 5 -39.60 -10.20 -25.93
C THR C 5 -39.41 -9.18 -27.04
N GLN C 6 -39.50 -9.61 -28.30
CA GLN C 6 -39.47 -8.69 -29.41
C GLN C 6 -40.88 -8.33 -29.83
N SER C 7 -41.01 -7.15 -30.45
CA SER C 7 -42.34 -6.60 -30.74
C SER C 7 -43.11 -7.45 -31.75
N SER C 8 -42.44 -7.90 -32.82
CA SER C 8 -43.12 -8.66 -33.85
C SER C 8 -42.25 -9.80 -34.31
N SER C 9 -42.88 -10.96 -34.57
CA SER C 9 -42.16 -12.09 -35.12
C SER C 9 -41.74 -11.85 -36.56
N SER C 10 -42.43 -10.95 -37.27
CA SER C 10 -42.09 -10.62 -38.64
C SER C 10 -42.45 -9.17 -38.92
N PHE C 11 -41.62 -8.50 -39.70
CA PHE C 11 -41.83 -7.12 -40.12
C PHE C 11 -41.70 -7.03 -41.64
N SER C 12 -42.56 -6.23 -42.26
CA SER C 12 -42.52 -6.00 -43.69
C SER C 12 -42.12 -4.53 -43.91
N VAL C 13 -40.90 -4.31 -44.36
CA VAL C 13 -40.36 -2.98 -44.60
C VAL C 13 -39.88 -2.90 -46.03
N SER C 14 -40.23 -1.80 -46.70
CA SER C 14 -39.80 -1.58 -48.07
C SER C 14 -38.30 -1.31 -48.12
N LEU C 15 -37.71 -1.57 -49.28
CA LEU C 15 -36.27 -1.37 -49.44
C LEU C 15 -35.95 0.12 -49.40
N GLY C 16 -34.90 0.46 -48.66
CA GLY C 16 -34.45 1.83 -48.52
C GLY C 16 -35.06 2.57 -47.35
N ASP C 17 -36.19 2.10 -46.84
CA ASP C 17 -36.85 2.73 -45.71
C ASP C 17 -36.18 2.30 -44.39
N ARG C 18 -36.40 3.10 -43.36
CA ARG C 18 -35.84 2.80 -42.04
C ARG C 18 -36.58 1.64 -41.41
N THR C 19 -35.82 0.68 -40.86
CA THR C 19 -36.36 -0.49 -40.20
C THR C 19 -36.03 -0.44 -38.72
N THR C 20 -37.03 -0.64 -37.87
CA THR C 20 -36.86 -0.57 -36.42
C THR C 20 -37.32 -1.89 -35.81
N ILE C 21 -36.41 -2.54 -35.08
CA ILE C 21 -36.70 -3.77 -34.35
C ILE C 21 -36.50 -3.47 -32.87
N THR C 22 -37.53 -3.72 -32.07
CA THR C 22 -37.45 -3.39 -30.65
C THR C 22 -37.51 -4.67 -29.82
N CYS C 23 -36.82 -4.64 -28.69
CA CYS C 23 -36.74 -5.78 -27.79
C CYS C 23 -36.81 -5.30 -26.35
N LYS C 24 -37.69 -5.92 -25.57
CA LYS C 24 -37.97 -5.55 -24.19
C LYS C 24 -37.51 -6.66 -23.26
N ALA C 25 -36.69 -6.30 -22.28
CA ALA C 25 -36.22 -7.24 -21.28
C ALA C 25 -37.20 -7.28 -20.11
N SER C 26 -37.22 -8.40 -19.41
CA SER C 26 -38.08 -8.50 -18.23
C SER C 26 -37.60 -7.61 -17.10
N GLU C 27 -36.28 -7.41 -17.00
CA GLU C 27 -35.70 -6.54 -15.99
C GLU C 27 -34.57 -5.74 -16.62
N ASP C 28 -34.06 -4.79 -15.86
CA ASP C 28 -32.99 -3.92 -16.35
C ASP C 28 -31.70 -4.72 -16.54
N ILE C 29 -31.21 -4.75 -17.78
CA ILE C 29 -30.00 -5.49 -18.10
C ILE C 29 -28.79 -4.58 -18.26
N TYR C 30 -28.97 -3.27 -18.12
CA TYR C 30 -27.87 -2.29 -18.05
C TYR C 30 -27.00 -2.34 -19.30
N ASN C 31 -27.64 -2.27 -20.46
CA ASN C 31 -26.99 -2.24 -21.76
C ASN C 31 -26.18 -3.51 -22.04
N ARG C 32 -26.45 -4.60 -21.33
CA ARG C 32 -25.80 -5.87 -21.64
C ARG C 32 -26.65 -6.61 -22.67
N LEU C 33 -26.65 -6.05 -23.87
CA LEU C 33 -27.46 -6.54 -24.97
C LEU C 33 -26.58 -6.79 -26.17
N ALA C 34 -26.98 -7.76 -26.98
CA ALA C 34 -26.33 -8.03 -28.26
C ALA C 34 -27.39 -8.20 -29.32
N TRP C 35 -27.09 -7.74 -30.52
CA TRP C 35 -27.99 -7.87 -31.67
C TRP C 35 -27.28 -8.76 -32.68
N PHE C 36 -28.02 -9.76 -33.17
CA PHE C 36 -27.54 -10.77 -34.09
C PHE C 36 -28.41 -10.80 -35.34
N GLN C 37 -27.76 -10.99 -36.49
CA GLN C 37 -28.44 -11.19 -37.76
C GLN C 37 -28.19 -12.62 -38.25
N GLN C 38 -29.27 -13.32 -38.60
CA GLN C 38 -29.17 -14.71 -39.04
C GLN C 38 -30.01 -14.89 -40.30
N LYS C 39 -29.34 -15.06 -41.43
CA LYS C 39 -29.97 -15.47 -42.67
C LYS C 39 -30.26 -16.97 -42.63
N PRO C 40 -31.25 -17.44 -43.38
CA PRO C 40 -31.56 -18.87 -43.38
C PRO C 40 -30.38 -19.70 -43.86
N GLY C 41 -30.18 -20.84 -43.20
CA GLY C 41 -29.07 -21.72 -43.53
C GLY C 41 -27.71 -21.26 -43.05
N ASN C 42 -27.65 -20.26 -42.18
CA ASN C 42 -26.39 -19.73 -41.69
C ASN C 42 -26.46 -19.53 -40.18
N ALA C 43 -25.29 -19.43 -39.57
CA ALA C 43 -25.19 -19.15 -38.15
C ALA C 43 -25.47 -17.66 -37.91
N PRO C 44 -25.94 -17.30 -36.72
CA PRO C 44 -26.10 -15.88 -36.39
C PRO C 44 -24.76 -15.16 -36.41
N ARG C 45 -24.79 -13.90 -36.87
CA ARG C 45 -23.61 -13.06 -36.90
C ARG C 45 -23.88 -11.83 -36.04
N LEU C 46 -22.88 -11.44 -35.26
CA LEU C 46 -23.08 -10.37 -34.30
C LEU C 46 -23.13 -9.03 -35.01
N LEU C 47 -24.17 -8.25 -34.70
CA LEU C 47 -24.33 -6.89 -35.21
C LEU C 47 -23.92 -5.87 -34.17
N ILE C 48 -24.55 -5.91 -33.00
CA ILE C 48 -24.29 -4.93 -31.95
C ILE C 48 -23.83 -5.65 -30.70
N SER C 49 -22.72 -5.19 -30.12
CA SER C 49 -22.26 -5.62 -28.81
C SER C 49 -22.53 -4.50 -27.82
N GLY C 50 -23.14 -4.83 -26.70
CA GLY C 50 -23.67 -3.80 -25.83
C GLY C 50 -24.92 -3.21 -26.46
N ALA C 51 -25.35 -2.08 -25.90
CA ALA C 51 -26.55 -1.45 -26.45
C ALA C 51 -26.26 -0.79 -27.79
N THR C 52 -25.07 -0.22 -27.94
CA THR C 52 -24.77 0.65 -29.08
C THR C 52 -23.53 0.28 -29.89
N SER C 53 -22.57 -0.45 -29.31
CA SER C 53 -21.28 -0.63 -29.98
C SER C 53 -21.42 -1.61 -31.13
N LEU C 54 -21.06 -1.16 -32.34
CA LEU C 54 -21.14 -1.99 -33.53
C LEU C 54 -19.96 -2.94 -33.62
N GLU C 55 -20.21 -4.10 -34.21
CA GLU C 55 -19.14 -5.00 -34.60
C GLU C 55 -18.36 -4.40 -35.77
N THR C 56 -17.06 -4.69 -35.80
CA THR C 56 -16.18 -4.02 -36.75
C THR C 56 -16.54 -4.32 -38.20
N GLY C 57 -17.17 -5.47 -38.45
CA GLY C 57 -17.57 -5.83 -39.80
C GLY C 57 -18.97 -5.40 -40.20
N VAL C 58 -19.68 -4.68 -39.33
CA VAL C 58 -21.07 -4.32 -39.58
C VAL C 58 -21.14 -2.95 -40.25
N PRO C 59 -21.97 -2.79 -41.28
CA PRO C 59 -22.13 -1.47 -41.90
C PRO C 59 -22.74 -0.47 -40.92
N SER C 60 -22.42 0.81 -41.13
CA SER C 60 -22.85 1.86 -40.22
C SER C 60 -24.36 2.07 -40.23
N ARG C 61 -25.08 1.52 -41.19
CA ARG C 61 -26.53 1.68 -41.21
C ARG C 61 -27.21 0.98 -40.05
N PHE C 62 -26.56 -0.03 -39.46
CA PHE C 62 -27.08 -0.66 -38.25
C PHE C 62 -26.70 0.19 -37.03
N SER C 63 -27.71 0.65 -36.30
CA SER C 63 -27.53 1.51 -35.15
C SER C 63 -28.21 0.87 -33.95
N GLY C 64 -27.47 0.73 -32.86
CA GLY C 64 -28.01 0.20 -31.62
C GLY C 64 -28.36 1.33 -30.66
N SER C 65 -29.45 1.13 -29.92
CA SER C 65 -29.90 2.12 -28.97
C SER C 65 -30.74 1.40 -27.92
N GLY C 66 -30.96 2.08 -26.80
CA GLY C 66 -31.78 1.49 -25.77
C GLY C 66 -31.38 1.96 -24.39
N SER C 67 -32.32 1.79 -23.46
CA SER C 67 -32.14 2.19 -22.07
C SER C 67 -33.04 1.33 -21.19
N GLY C 68 -32.49 0.92 -20.05
CA GLY C 68 -33.26 0.14 -19.12
C GLY C 68 -33.63 -1.21 -19.66
N LYS C 69 -34.93 -1.39 -19.88
CA LYS C 69 -35.49 -2.60 -20.45
C LYS C 69 -35.71 -2.51 -21.95
N ASP C 70 -35.89 -1.31 -22.49
CA ASP C 70 -36.26 -1.16 -23.90
C ASP C 70 -35.03 -0.96 -24.77
N TYR C 71 -34.92 -1.72 -25.86
CA TYR C 71 -33.79 -1.57 -26.77
C TYR C 71 -34.29 -1.60 -28.21
N THR C 72 -33.50 -1.01 -29.10
CA THR C 72 -33.90 -0.81 -30.49
C THR C 72 -32.71 -0.95 -31.42
N LEU C 73 -32.87 -1.77 -32.45
CA LEU C 73 -31.94 -1.88 -33.56
C LEU C 73 -32.56 -1.18 -34.77
N SER C 74 -31.80 -0.27 -35.38
CA SER C 74 -32.29 0.56 -36.46
C SER C 74 -31.45 0.37 -37.71
N ILE C 75 -32.11 0.28 -38.86
CA ILE C 75 -31.46 0.23 -40.16
C ILE C 75 -31.91 1.49 -40.91
N THR C 76 -30.96 2.39 -41.17
CA THR C 76 -31.31 3.67 -41.77
C THR C 76 -31.79 3.52 -43.21
N SER C 77 -31.15 2.62 -43.97
CA SER C 77 -31.54 2.39 -45.37
C SER C 77 -31.52 0.88 -45.59
N LEU C 78 -32.70 0.28 -45.65
CA LEU C 78 -32.81 -1.16 -45.75
C LEU C 78 -32.34 -1.62 -47.13
N GLN C 79 -31.47 -2.64 -47.14
CA GLN C 79 -30.97 -3.23 -48.37
C GLN C 79 -31.46 -4.67 -48.48
N THR C 80 -31.16 -5.28 -49.63
CA THR C 80 -31.58 -6.66 -49.87
C THR C 80 -30.79 -7.66 -49.05
N GLU C 81 -29.58 -7.28 -48.60
CA GLU C 81 -28.77 -8.16 -47.78
C GLU C 81 -29.16 -8.13 -46.30
N ASP C 82 -30.04 -7.21 -45.90
CA ASP C 82 -30.48 -7.11 -44.52
C ASP C 82 -31.74 -7.92 -44.24
N VAL C 83 -32.24 -8.67 -45.23
CA VAL C 83 -33.44 -9.48 -45.06
C VAL C 83 -33.02 -10.76 -44.32
N ALA C 84 -33.21 -10.77 -43.01
CA ALA C 84 -32.82 -11.90 -42.18
C ALA C 84 -33.57 -11.82 -40.86
N THR C 85 -33.39 -12.83 -40.02
CA THR C 85 -34.00 -12.83 -38.70
C THR C 85 -33.04 -12.20 -37.69
N TYR C 86 -33.55 -11.27 -36.90
CA TYR C 86 -32.73 -10.52 -35.95
C TYR C 86 -33.08 -10.94 -34.54
N TYR C 87 -32.05 -11.26 -33.75
CA TYR C 87 -32.21 -11.74 -32.39
C TYR C 87 -31.56 -10.78 -31.40
N CYS C 88 -32.25 -10.53 -30.30
CA CYS C 88 -31.69 -9.79 -29.17
C CYS C 88 -31.31 -10.78 -28.07
N GLN C 89 -30.06 -10.70 -27.63
CA GLN C 89 -29.53 -11.53 -26.54
C GLN C 89 -29.19 -10.65 -25.36
N GLN C 90 -29.68 -11.01 -24.18
CA GLN C 90 -29.21 -10.38 -22.97
C GLN C 90 -28.04 -11.18 -22.42
N TYR C 91 -27.04 -10.48 -21.89
CA TYR C 91 -25.94 -11.14 -21.20
C TYR C 91 -25.69 -10.47 -19.86
N TRP C 92 -26.77 -10.20 -19.13
CA TRP C 92 -26.68 -9.63 -17.80
C TRP C 92 -26.79 -10.69 -16.72
N SER C 93 -27.63 -11.71 -16.93
CA SER C 93 -27.85 -12.78 -15.97
C SER C 93 -27.30 -14.10 -16.51
N SER C 94 -27.07 -15.04 -15.59
CA SER C 94 -26.50 -16.32 -15.96
C SER C 94 -27.34 -17.14 -16.93
N PRO C 95 -28.67 -17.28 -16.76
CA PRO C 95 -29.44 -18.00 -17.78
C PRO C 95 -29.62 -17.17 -19.04
N TRP C 96 -28.62 -17.22 -19.92
CA TRP C 96 -28.62 -16.34 -21.08
C TRP C 96 -29.72 -16.72 -22.06
N THR C 97 -30.50 -15.73 -22.46
CA THR C 97 -31.67 -15.92 -23.28
C THR C 97 -31.62 -15.00 -24.49
N PHE C 98 -32.29 -15.43 -25.55
CA PHE C 98 -32.42 -14.67 -26.79
C PHE C 98 -33.86 -14.21 -26.96
N GLY C 99 -34.06 -13.26 -27.86
CA GLY C 99 -35.38 -12.83 -28.21
C GLY C 99 -36.08 -13.85 -29.09
N GLY C 100 -37.35 -13.57 -29.38
CA GLY C 100 -38.12 -14.46 -30.22
C GLY C 100 -37.69 -14.47 -31.68
N GLY C 101 -36.95 -13.44 -32.10
CA GLY C 101 -36.51 -13.35 -33.48
C GLY C 101 -37.51 -12.62 -34.35
N THR C 102 -37.07 -11.58 -35.04
CA THR C 102 -37.90 -10.78 -35.93
C THR C 102 -37.51 -11.10 -37.36
N LYS C 103 -38.35 -11.88 -38.05
CA LYS C 103 -38.07 -12.27 -39.44
C LYS C 103 -38.43 -11.10 -40.35
N LEU C 104 -37.42 -10.34 -40.73
CA LEU C 104 -37.65 -9.17 -41.57
C LEU C 104 -38.02 -9.59 -42.98
N GLU C 105 -39.00 -8.88 -43.56
CA GLU C 105 -39.52 -9.19 -44.88
C GLU C 105 -39.61 -7.92 -45.70
N ILE C 106 -39.79 -8.10 -47.02
CA ILE C 106 -39.92 -6.99 -47.96
C ILE C 106 -41.37 -6.98 -48.46
N LYS C 107 -41.97 -5.79 -48.46
CA LYS C 107 -43.34 -5.63 -48.94
C LYS C 107 -43.46 -6.00 -50.42
N ILE D 27 12.12 33.48 -13.11
CA ILE D 27 11.12 32.47 -12.79
C ILE D 27 10.95 31.53 -13.98
N LEU D 28 9.95 30.66 -13.89
CA LEU D 28 9.66 29.74 -14.98
C LEU D 28 9.05 30.49 -16.16
N HIS D 29 9.40 30.06 -17.37
CA HIS D 29 8.86 30.67 -18.59
C HIS D 29 7.54 29.96 -18.91
N TYR D 30 6.46 30.45 -18.29
CA TYR D 30 5.19 29.74 -18.36
C TYR D 30 4.60 29.73 -19.77
N GLU D 31 4.90 30.73 -20.59
CA GLU D 31 4.35 30.77 -21.94
C GLU D 31 4.92 29.66 -22.81
N LYS D 32 6.25 29.51 -22.80
CA LYS D 32 6.86 28.45 -23.59
C LYS D 32 6.51 27.07 -23.03
N LEU D 33 6.41 26.97 -21.70
CA LEU D 33 6.00 25.72 -21.08
C LEU D 33 4.58 25.35 -21.51
N SER D 34 3.69 26.34 -21.56
CA SER D 34 2.32 26.08 -22.00
C SER D 34 2.26 25.71 -23.46
N LYS D 35 3.14 26.30 -24.28
CA LYS D 35 3.25 25.85 -25.67
C LYS D 35 3.73 24.40 -25.74
N ILE D 36 4.58 24.01 -24.80
CA ILE D 36 5.05 22.62 -24.68
C ILE D 36 3.98 21.73 -24.06
N GLY D 37 2.95 22.33 -23.47
CA GLY D 37 1.85 21.61 -22.86
C GLY D 37 1.89 21.56 -21.35
N LEU D 38 2.78 22.33 -20.72
CA LEU D 38 2.90 22.39 -19.27
C LEU D 38 2.15 23.63 -18.78
N VAL D 39 0.81 23.54 -18.85
CA VAL D 39 -0.01 24.68 -18.46
C VAL D 39 0.10 24.91 -16.97
N LYS D 40 0.41 26.14 -16.55
CA LYS D 40 0.66 26.34 -15.14
C LYS D 40 -0.64 26.22 -14.34
N GLY D 41 -0.55 25.57 -13.19
CA GLY D 41 -1.66 25.38 -12.30
C GLY D 41 -1.66 26.33 -11.13
N VAL D 42 -2.16 25.86 -10.00
CA VAL D 42 -2.23 26.69 -8.81
C VAL D 42 -0.88 26.71 -8.10
N THR D 43 -0.59 27.82 -7.45
CA THR D 43 0.64 28.00 -6.69
C THR D 43 0.35 27.73 -5.23
N ARG D 44 1.17 26.90 -4.60
CA ARG D 44 0.92 26.43 -3.24
C ARG D 44 2.08 26.82 -2.34
N LYS D 45 1.78 27.14 -1.09
CA LYS D 45 2.84 27.46 -0.15
C LYS D 45 3.60 26.19 0.21
N TYR D 46 4.82 26.38 0.71
CA TYR D 46 5.63 25.29 1.23
C TYR D 46 5.67 25.43 2.74
N LYS D 47 5.13 24.45 3.44
CA LYS D 47 5.14 24.46 4.90
C LYS D 47 5.54 23.10 5.43
N ILE D 48 6.35 23.11 6.48
CA ILE D 48 6.93 21.92 7.06
C ILE D 48 6.64 21.88 8.55
N LYS D 49 6.48 20.66 9.06
CA LYS D 49 6.34 20.40 10.48
C LYS D 49 7.51 20.97 11.27
N SER D 50 7.22 21.67 12.36
CA SER D 50 8.26 22.25 13.19
C SER D 50 7.73 22.45 14.59
N ASN D 51 8.66 22.54 15.54
CA ASN D 51 8.37 22.87 16.94
C ASN D 51 7.28 21.98 17.53
N PRO D 52 7.57 20.70 17.79
CA PRO D 52 6.53 19.81 18.33
C PRO D 52 6.32 20.06 19.81
N LEU D 53 5.06 20.04 20.23
CA LEU D 53 4.70 20.05 21.64
C LEU D 53 4.35 18.63 22.08
N THR D 54 4.69 18.27 23.30
CA THR D 54 4.67 16.90 23.75
C THR D 54 3.57 16.68 24.78
N LYS D 55 2.74 15.65 24.55
CA LYS D 55 1.81 15.17 25.55
C LYS D 55 2.01 13.68 25.74
N ASP D 56 2.00 13.23 26.98
CA ASP D 56 2.24 11.82 27.27
C ASP D 56 0.92 11.11 27.53
N ILE D 57 0.75 9.95 26.89
CA ILE D 57 -0.45 9.13 27.05
C ILE D 57 0.00 7.73 27.44
N VAL D 58 -0.95 6.98 28.01
CA VAL D 58 -0.74 5.58 28.36
C VAL D 58 -1.70 4.76 27.52
N ILE D 59 -1.17 3.77 26.82
CA ILE D 59 -1.97 2.81 26.08
C ILE D 59 -1.83 1.46 26.79
N LYS D 60 -2.84 1.09 27.58
CA LYS D 60 -2.87 -0.20 28.22
C LYS D 60 -3.28 -1.24 27.19
N MET D 61 -2.39 -2.18 26.91
CA MET D 61 -2.56 -3.09 25.80
C MET D 61 -3.29 -4.37 26.19
N ILE D 62 -3.80 -4.45 27.41
CA ILE D 62 -4.62 -5.57 27.86
C ILE D 62 -5.89 -5.03 28.50
N PRO D 63 -7.06 -5.57 28.17
CA PRO D 63 -8.30 -5.10 28.79
C PRO D 63 -8.47 -5.63 30.21
N ASN D 64 -9.32 -4.95 30.96
CA ASN D 64 -9.68 -5.38 32.31
C ASN D 64 -10.90 -6.29 32.23
N VAL D 65 -10.72 -7.55 32.59
CA VAL D 65 -11.78 -8.55 32.49
C VAL D 65 -12.29 -8.94 33.88
N SER D 66 -12.20 -8.01 34.83
CA SER D 66 -12.58 -8.31 36.21
C SER D 66 -14.07 -8.64 36.32
N ASN D 67 -14.92 -7.92 35.58
CA ASN D 67 -16.35 -8.14 35.64
C ASN D 67 -16.77 -9.48 35.05
N MET D 68 -15.88 -10.14 34.32
CA MET D 68 -16.17 -11.46 33.78
C MET D 68 -15.04 -12.41 34.14
N SER D 69 -14.38 -12.13 35.27
CA SER D 69 -13.17 -12.88 35.59
C SER D 69 -13.50 -14.32 35.92
N GLN D 70 -14.72 -14.58 36.38
CA GLN D 70 -15.08 -15.92 36.80
C GLN D 70 -15.05 -16.89 35.62
N CYS D 71 -15.23 -16.38 34.39
CA CYS D 71 -15.06 -17.23 33.20
C CYS D 71 -14.34 -16.49 32.07
N THR D 72 -13.10 -16.09 32.34
CA THR D 72 -12.17 -15.73 31.27
C THR D 72 -11.29 -16.91 30.86
N GLY D 73 -11.19 -17.94 31.69
CA GLY D 73 -10.37 -19.09 31.38
C GLY D 73 -8.89 -18.76 31.39
N SER D 74 -8.14 -19.49 30.57
CA SER D 74 -6.71 -19.30 30.44
C SER D 74 -6.34 -18.46 29.22
N VAL D 75 -7.32 -17.87 28.54
CA VAL D 75 -7.02 -17.08 27.36
C VAL D 75 -6.31 -15.79 27.73
N MET D 76 -6.53 -15.28 28.94
CA MET D 76 -5.85 -14.07 29.36
C MET D 76 -4.38 -14.32 29.65
N GLU D 77 -4.05 -15.47 30.26
CA GLU D 77 -2.65 -15.81 30.47
C GLU D 77 -1.92 -16.03 29.16
N ASN D 78 -2.57 -16.70 28.20
CA ASN D 78 -1.97 -16.87 26.88
C ASN D 78 -1.78 -15.53 26.19
N TYR D 79 -2.76 -14.63 26.33
CA TYR D 79 -2.61 -13.30 25.75
C TYR D 79 -1.47 -12.54 26.40
N LYS D 80 -1.32 -12.66 27.72
CA LYS D 80 -0.20 -12.02 28.41
C LYS D 80 1.13 -12.57 27.91
N THR D 81 1.23 -13.88 27.73
CA THR D 81 2.47 -14.47 27.23
C THR D 81 2.79 -13.96 25.83
N ARG D 82 1.79 -13.94 24.94
CA ARG D 82 2.02 -13.47 23.58
C ARG D 82 2.38 -11.99 23.56
N LEU D 83 1.69 -11.17 24.35
CA LEU D 83 1.96 -9.75 24.37
C LEU D 83 3.31 -9.44 25.01
N ASN D 84 3.71 -10.21 26.01
CA ASN D 84 5.04 -10.06 26.59
C ASN D 84 6.11 -10.40 25.57
N GLY D 85 5.90 -11.48 24.81
CA GLY D 85 6.84 -11.80 23.75
C GLY D 85 6.92 -10.73 22.69
N ILE D 86 5.79 -10.07 22.39
CA ILE D 86 5.79 -8.99 21.42
C ILE D 86 6.51 -7.75 21.98
N LEU D 87 6.24 -7.39 23.22
CA LEU D 87 6.72 -6.14 23.80
C LEU D 87 8.12 -6.21 24.38
N THR D 88 8.66 -7.40 24.60
CA THR D 88 10.00 -7.52 25.17
C THR D 88 11.09 -6.92 24.28
N PRO D 89 11.11 -7.17 22.96
CA PRO D 89 12.12 -6.49 22.13
C PRO D 89 12.01 -4.97 22.15
N ILE D 90 10.81 -4.41 22.24
CA ILE D 90 10.65 -2.96 22.30
C ILE D 90 11.28 -2.42 23.58
N LYS D 91 11.00 -3.06 24.71
CA LYS D 91 11.61 -2.63 25.97
C LYS D 91 13.12 -2.79 25.94
N GLY D 92 13.61 -3.87 25.34
CA GLY D 92 15.05 -4.03 25.20
C GLY D 92 15.68 -2.92 24.38
N ALA D 93 15.05 -2.55 23.28
CA ALA D 93 15.57 -1.46 22.45
C ALA D 93 15.52 -0.13 23.19
N LEU D 94 14.50 0.07 24.03
CA LEU D 94 14.46 1.29 24.83
C LEU D 94 15.58 1.33 25.87
N GLU D 95 15.74 0.26 26.64
CA GLU D 95 16.81 0.19 27.64
C GLU D 95 18.20 0.06 27.04
N ILE D 96 18.32 -0.11 25.73
CA ILE D 96 19.60 0.20 25.08
C ILE D 96 19.98 1.65 25.30
N TYR D 97 19.00 2.56 25.18
CA TYR D 97 19.26 3.98 25.33
C TYR D 97 18.97 4.51 26.73
N LYS D 98 18.22 3.78 27.55
CA LYS D 98 17.99 4.23 28.92
C LYS D 98 19.27 4.17 29.73
N ASN D 99 19.97 3.03 29.67
CA ASN D 99 21.15 2.82 30.49
C ASN D 99 22.39 3.53 29.95
N ASN D 100 22.38 3.90 28.68
CA ASN D 100 23.52 4.54 28.05
C ASN D 100 23.36 6.05 27.90
N THR D 101 22.33 6.62 28.52
CA THR D 101 22.09 8.05 28.47
C THR D 101 21.88 8.55 29.90
N HIS D 102 22.48 9.69 30.21
CA HIS D 102 22.43 10.22 31.56
C HIS D 102 22.64 11.73 31.51
N ASP D 103 22.36 12.38 32.64
CA ASP D 103 22.63 13.81 32.77
C ASP D 103 24.13 14.07 32.76
N CYS D 104 24.49 15.25 32.28
CA CYS D 104 25.89 15.63 32.20
C CYS D 104 26.35 16.30 33.50
N GLY D 112 22.49 19.22 28.75
CA GLY D 112 22.97 18.40 29.85
C GLY D 112 22.50 16.97 29.77
N VAL D 113 22.59 16.38 28.58
CA VAL D 113 22.18 14.99 28.34
C VAL D 113 23.34 14.30 27.64
N CYS D 114 24.18 13.62 28.42
CA CYS D 114 25.33 12.91 27.88
C CYS D 114 24.95 11.50 27.50
N MET D 115 25.36 11.08 26.31
CA MET D 115 25.07 9.76 25.79
C MET D 115 26.36 8.95 25.63
N ALA D 116 26.32 7.69 26.06
CA ALA D 116 27.45 6.77 25.97
C ALA D 116 27.47 6.16 24.58
N GLY D 117 28.16 6.83 23.66
CA GLY D 117 28.22 6.35 22.28
C GLY D 117 29.09 5.13 22.11
N VAL D 118 30.04 4.89 23.01
CA VAL D 118 30.85 3.69 22.95
C VAL D 118 30.00 2.45 23.19
N ALA D 119 29.10 2.52 24.17
CA ALA D 119 28.25 1.38 24.49
C ALA D 119 27.19 1.17 23.43
N ILE D 120 26.60 2.25 22.91
CA ILE D 120 25.62 2.12 21.84
C ILE D 120 26.29 1.59 20.57
N GLY D 121 27.46 2.11 20.24
CA GLY D 121 28.25 1.62 19.13
C GLY D 121 27.85 2.20 17.78
N ILE D 122 26.73 1.74 17.23
CA ILE D 122 26.29 2.13 15.89
C ILE D 122 24.92 2.79 16.02
N ALA D 123 24.80 4.01 15.52
CA ALA D 123 23.55 4.74 15.55
C ALA D 123 23.59 5.82 14.49
N THR D 124 22.41 6.33 14.14
CA THR D 124 22.29 7.45 13.21
C THR D 124 22.00 8.73 13.98
N ALA D 125 22.02 9.84 13.25
CA ALA D 125 21.70 11.13 13.87
C ALA D 125 20.28 11.17 14.38
N ALA D 126 19.33 10.66 13.57
CA ALA D 126 17.94 10.64 14.00
C ALA D 126 17.74 9.72 15.20
N GLN D 127 18.41 8.57 15.20
CA GLN D 127 18.26 7.65 16.33
C GLN D 127 18.85 8.23 17.60
N ILE D 128 19.99 8.94 17.49
CA ILE D 128 20.60 9.56 18.66
C ILE D 128 19.71 10.68 19.20
N THR D 129 19.16 11.50 18.30
CA THR D 129 18.24 12.55 18.72
C THR D 129 17.00 11.97 19.38
N ALA D 130 16.49 10.88 18.83
CA ALA D 130 15.32 10.21 19.42
C ALA D 130 15.65 9.62 20.79
N GLY D 131 16.86 9.11 20.96
CA GLY D 131 17.27 8.64 22.29
C GLY D 131 17.38 9.78 23.29
N VAL D 132 17.86 10.93 22.85
CA VAL D 132 17.90 12.10 23.73
C VAL D 132 16.49 12.53 24.11
N ALA D 133 15.57 12.54 23.16
CA ALA D 133 14.18 12.86 23.46
C ALA D 133 13.57 11.83 24.41
N LEU D 134 13.94 10.56 24.24
CA LEU D 134 13.49 9.50 25.14
C LEU D 134 13.95 9.77 26.57
N TYR D 135 15.23 10.11 26.74
CA TYR D 135 15.73 10.38 28.07
C TYR D 135 15.11 11.64 28.65
N GLU D 136 14.78 12.63 27.81
CA GLU D 136 14.04 13.79 28.28
C GLU D 136 12.65 13.40 28.77
N ALA D 137 12.01 12.46 28.08
CA ALA D 137 10.67 12.03 28.46
C ALA D 137 10.64 11.07 29.65
N MET D 138 11.78 10.50 30.04
CA MET D 138 11.79 9.55 31.13
C MET D 138 11.29 10.13 32.46
N LYS D 139 11.49 11.42 32.70
CA LYS D 139 11.02 11.98 33.97
C LYS D 139 9.50 11.97 34.05
N ASN D 140 8.82 12.33 32.95
CA ASN D 140 7.37 12.23 32.93
C ASN D 140 6.92 10.78 32.88
N ALA D 141 7.73 9.91 32.30
CA ALA D 141 7.43 8.49 32.32
C ALA D 141 7.40 7.96 33.76
N ASP D 142 8.37 8.37 34.57
CA ASP D 142 8.39 7.97 35.98
C ASP D 142 7.22 8.60 36.75
N ASN D 143 6.90 9.86 36.45
CA ASN D 143 5.75 10.48 37.10
C ASN D 143 4.46 9.74 36.78
N ILE D 144 4.33 9.27 35.54
CA ILE D 144 3.15 8.46 35.17
C ILE D 144 3.19 7.09 35.82
N ASN D 145 4.37 6.45 35.84
CA ASN D 145 4.49 5.12 36.42
C ASN D 145 4.24 5.14 37.92
N LYS D 146 4.30 6.31 38.56
CA LYS D 146 3.81 6.41 39.92
C LYS D 146 2.32 6.09 40.03
N LEU D 147 1.59 6.14 38.91
CA LEU D 147 0.19 5.73 38.84
C LEU D 147 0.02 4.34 38.24
N LYS D 148 0.95 3.42 38.53
CA LYS D 148 0.88 2.09 37.94
C LYS D 148 -0.37 1.34 38.37
N SER D 149 -0.71 1.40 39.65
CA SER D 149 -1.90 0.72 40.15
C SER D 149 -3.17 1.33 39.58
N SER D 150 -3.20 2.66 39.42
CA SER D 150 -4.36 3.31 38.83
C SER D 150 -4.51 2.94 37.36
N ILE D 151 -3.38 2.82 36.64
CA ILE D 151 -3.45 2.37 35.24
C ILE D 151 -3.97 0.94 35.17
N GLU D 152 -3.51 0.07 36.08
CA GLU D 152 -3.99 -1.30 36.10
C GLU D 152 -5.49 -1.37 36.40
N SER D 153 -5.98 -0.47 37.25
CA SER D 153 -7.35 -0.51 37.71
C SER D 153 -8.35 0.09 36.72
N THR D 154 -7.87 0.66 35.62
CA THR D 154 -8.77 1.28 34.64
C THR D 154 -9.71 0.24 34.04
N ASN D 155 -11.00 0.56 34.04
CA ASN D 155 -12.03 -0.32 33.49
C ASN D 155 -12.86 0.38 32.41
N GLU D 156 -12.33 1.44 31.81
CA GLU D 156 -12.98 2.13 30.71
C GLU D 156 -11.97 2.31 29.60
N ALA D 157 -12.48 2.49 28.38
CA ALA D 157 -11.58 2.63 27.24
C ALA D 157 -10.78 3.94 27.31
N VAL D 158 -11.38 5.01 27.84
CA VAL D 158 -10.69 6.28 28.05
C VAL D 158 -10.86 6.68 29.50
N VAL D 159 -9.74 6.78 30.23
CA VAL D 159 -9.74 7.14 31.64
C VAL D 159 -8.75 8.29 31.84
N LYS D 160 -9.18 9.34 32.53
CA LYS D 160 -8.27 10.43 32.87
C LYS D 160 -7.78 10.23 34.30
N LEU D 161 -6.47 10.06 34.45
CA LEU D 161 -5.84 9.90 35.76
C LEU D 161 -5.22 11.24 36.15
N GLN D 162 -5.72 11.80 37.26
CA GLN D 162 -5.27 13.10 37.77
C GLN D 162 -5.36 13.04 39.29
N GLU D 163 -4.23 12.69 39.93
CA GLU D 163 -4.12 12.77 41.38
C GLU D 163 -3.68 14.16 41.80
N THR D 164 -2.58 14.65 41.23
CA THR D 164 -2.10 16.01 41.41
C THR D 164 -1.83 16.60 40.03
N ALA D 165 -1.32 17.83 40.01
CA ALA D 165 -0.94 18.46 38.75
C ALA D 165 0.27 17.78 38.11
N GLU D 166 1.07 17.08 38.91
CA GLU D 166 2.24 16.38 38.36
C GLU D 166 1.83 15.22 37.44
N LYS D 167 0.68 14.60 37.72
CA LYS D 167 0.25 13.38 37.04
C LYS D 167 -1.18 13.54 36.50
N THR D 168 -1.27 13.98 35.25
CA THR D 168 -2.51 14.33 34.57
C THR D 168 -2.61 13.58 33.25
N VAL D 169 -2.38 12.27 33.27
CA VAL D 169 -2.25 11.49 32.05
C VAL D 169 -3.55 10.81 31.67
N TYR D 170 -3.76 10.64 30.37
CA TYR D 170 -4.91 9.90 29.86
C TYR D 170 -4.48 8.46 29.51
N VAL D 171 -5.32 7.51 29.90
CA VAL D 171 -5.10 6.09 29.68
C VAL D 171 -6.14 5.59 28.69
N PHE D 172 -5.69 4.92 27.64
CA PHE D 172 -6.55 4.33 26.64
C PHE D 172 -6.36 2.81 26.71
N THR D 173 -7.46 2.08 26.81
CA THR D 173 -7.41 0.63 26.93
C THR D 173 -7.83 -0.01 25.61
N ALA D 174 -7.09 -1.03 25.20
CA ALA D 174 -7.18 -1.54 23.83
C ALA D 174 -8.57 -2.10 23.52
N LEU D 175 -9.07 -3.00 24.36
CA LEU D 175 -10.32 -3.70 24.05
C LEU D 175 -11.35 -3.55 25.17
N GLN D 176 -11.20 -2.53 26.00
CA GLN D 176 -12.10 -2.38 27.16
C GLN D 176 -13.53 -2.14 26.73
N ASP D 177 -13.73 -1.34 25.68
CA ASP D 177 -15.08 -1.07 25.21
C ASP D 177 -15.79 -2.33 24.74
N TYR D 178 -15.08 -3.18 24.00
CA TYR D 178 -15.68 -4.43 23.56
C TYR D 178 -16.09 -5.30 24.75
N ILE D 179 -15.22 -5.41 25.76
CA ILE D 179 -15.57 -6.16 26.96
C ILE D 179 -16.83 -5.59 27.59
N ASN D 180 -16.78 -4.31 27.98
CA ASN D 180 -17.87 -3.72 28.74
C ASN D 180 -19.18 -3.68 27.96
N THR D 181 -19.12 -3.61 26.63
CA THR D 181 -20.33 -3.49 25.82
C THR D 181 -20.91 -4.84 25.39
N ASN D 182 -20.07 -5.81 25.05
CA ASN D 182 -20.54 -7.07 24.50
C ASN D 182 -20.41 -8.23 25.47
N LEU D 183 -19.22 -8.44 26.04
CA LEU D 183 -18.96 -9.71 26.73
C LEU D 183 -19.60 -9.72 28.11
N VAL D 184 -19.53 -8.61 28.84
CA VAL D 184 -20.16 -8.54 30.16
C VAL D 184 -21.68 -8.67 30.09
N PRO D 185 -22.39 -7.95 29.20
CA PRO D 185 -23.85 -8.15 29.13
C PRO D 185 -24.27 -9.53 28.69
N THR D 186 -23.42 -10.27 27.98
CA THR D 186 -23.77 -11.59 27.47
C THR D 186 -23.23 -12.71 28.36
N ILE D 187 -22.87 -12.40 29.61
CA ILE D 187 -22.39 -13.43 30.53
C ILE D 187 -23.50 -14.44 30.82
N ASP D 188 -24.70 -13.94 31.12
CA ASP D 188 -25.81 -14.82 31.44
C ASP D 188 -26.66 -15.21 30.24
N LYS D 189 -26.40 -14.61 29.07
CA LYS D 189 -27.20 -14.90 27.88
C LYS D 189 -26.69 -16.10 27.11
N ILE D 190 -25.38 -16.34 27.11
CA ILE D 190 -24.77 -17.44 26.38
C ILE D 190 -23.97 -18.26 27.39
N PRO D 191 -23.74 -19.55 27.10
CA PRO D 191 -22.78 -20.30 27.91
C PRO D 191 -21.40 -19.68 27.82
N CYS D 192 -20.92 -19.13 28.94
CA CYS D 192 -19.78 -18.21 28.80
C CYS D 192 -18.47 -18.92 28.49
N LYS D 193 -18.46 -20.22 28.20
CA LYS D 193 -17.37 -20.77 27.40
C LYS D 193 -17.33 -20.07 26.04
N GLN D 194 -18.49 -19.79 25.47
CA GLN D 194 -18.57 -18.96 24.27
C GLN D 194 -18.04 -17.56 24.54
N THR D 195 -18.24 -17.03 25.74
CA THR D 195 -17.65 -15.74 26.09
C THR D 195 -16.12 -15.83 26.16
N GLU D 196 -15.60 -16.94 26.67
CA GLU D 196 -14.16 -17.16 26.66
C GLU D 196 -13.64 -17.19 25.22
N LEU D 197 -14.34 -17.90 24.34
CA LEU D 197 -13.93 -17.99 22.95
C LEU D 197 -13.99 -16.63 22.26
N SER D 198 -15.04 -15.85 22.55
CA SER D 198 -15.15 -14.51 21.98
C SER D 198 -14.05 -13.59 22.47
N LEU D 199 -13.73 -13.66 23.77
CA LEU D 199 -12.63 -12.87 24.31
C LEU D 199 -11.31 -13.26 23.65
N ASP D 200 -11.07 -14.56 23.50
CA ASP D 200 -9.83 -15.02 22.86
C ASP D 200 -9.76 -14.57 21.41
N LEU D 201 -10.88 -14.63 20.69
CA LEU D 201 -10.89 -14.20 19.29
C LEU D 201 -10.67 -12.70 19.18
N ALA D 202 -11.27 -11.91 20.07
CA ALA D 202 -11.07 -10.47 20.04
C ALA D 202 -9.63 -10.11 20.35
N LEU D 203 -9.03 -10.77 21.35
CA LEU D 203 -7.63 -10.51 21.67
C LEU D 203 -6.71 -10.92 20.52
N SER D 204 -7.01 -12.04 19.86
CA SER D 204 -6.18 -12.49 18.75
C SER D 204 -6.33 -11.59 17.54
N LYS D 205 -7.53 -11.07 17.28
CA LYS D 205 -7.72 -10.11 16.20
C LYS D 205 -6.99 -8.79 16.51
N TYR D 206 -7.03 -8.38 17.78
CA TYR D 206 -6.27 -7.20 18.18
C TYR D 206 -4.77 -7.41 17.96
N LEU D 207 -4.27 -8.60 18.29
CA LEU D 207 -2.86 -8.90 18.05
C LEU D 207 -2.55 -8.96 16.56
N SER D 208 -3.47 -9.46 15.75
CA SER D 208 -3.28 -9.49 14.31
C SER D 208 -3.16 -8.08 13.75
N ASP D 209 -4.03 -7.17 14.21
CA ASP D 209 -3.93 -5.79 13.77
C ASP D 209 -2.70 -5.09 14.35
N LEU D 210 -2.25 -5.54 15.51
CA LEU D 210 -1.13 -4.92 16.20
C LEU D 210 0.21 -5.30 15.58
N LEU D 211 0.35 -6.55 15.13
CA LEU D 211 1.65 -7.06 14.71
C LEU D 211 2.17 -6.42 13.44
N PHE D 212 1.29 -5.81 12.64
CA PHE D 212 1.75 -5.09 11.46
C PHE D 212 2.57 -3.86 11.82
N VAL D 213 2.43 -3.35 13.04
CA VAL D 213 3.08 -2.13 13.48
C VAL D 213 4.08 -2.40 14.59
N PHE D 214 3.66 -3.12 15.63
CA PHE D 214 4.47 -3.31 16.83
C PHE D 214 5.24 -4.64 16.81
N GLY D 215 5.20 -5.39 15.72
CA GLY D 215 5.92 -6.62 15.61
C GLY D 215 7.38 -6.39 15.29
N PRO D 216 8.00 -7.33 14.56
CA PRO D 216 9.40 -7.14 14.14
C PRO D 216 9.57 -6.04 13.11
N ASN D 217 8.46 -5.50 12.57
CA ASN D 217 8.56 -4.31 11.73
C ASN D 217 9.09 -3.12 12.52
N LEU D 218 8.76 -3.03 13.80
CA LEU D 218 9.26 -1.98 14.68
C LEU D 218 10.67 -2.35 15.16
N GLN D 219 11.62 -2.25 14.23
CA GLN D 219 13.01 -2.52 14.57
C GLN D 219 13.59 -1.42 15.45
N ASP D 220 13.16 -0.18 15.27
CA ASP D 220 13.69 0.98 15.99
C ASP D 220 12.56 1.73 16.66
N PRO D 221 12.09 1.26 17.82
CA PRO D 221 11.06 2.00 18.57
C PRO D 221 11.59 3.29 19.19
N VAL D 222 12.90 3.49 19.22
CA VAL D 222 13.46 4.72 19.76
C VAL D 222 13.05 5.92 18.91
N SER D 223 12.97 5.74 17.59
CA SER D 223 12.67 6.86 16.71
C SER D 223 11.31 7.48 17.02
N ASN D 224 11.24 8.80 16.90
CA ASN D 224 10.01 9.54 17.13
C ASN D 224 9.27 9.89 15.84
N SER D 225 9.68 9.30 14.71
CA SER D 225 8.99 9.51 13.44
C SER D 225 7.80 8.59 13.25
N MET D 226 7.52 7.73 14.22
CA MET D 226 6.37 6.83 14.15
C MET D 226 5.08 7.61 14.32
N THR D 227 4.23 7.60 13.30
CA THR D 227 3.05 8.45 13.28
C THR D 227 2.03 7.96 14.31
N ILE D 228 1.08 8.84 14.62
CA ILE D 228 0.06 8.52 15.61
C ILE D 228 -0.96 7.53 15.05
N GLN D 229 -1.09 7.46 13.72
CA GLN D 229 -1.95 6.44 13.12
C GLN D 229 -1.43 5.04 13.41
N ALA D 230 -0.11 4.86 13.30
CA ALA D 230 0.49 3.56 13.57
C ALA D 230 0.40 3.21 15.05
N ILE D 231 0.61 4.19 15.93
CA ILE D 231 0.54 3.94 17.36
C ILE D 231 -0.88 3.66 17.80
N SER D 232 -1.86 4.24 17.11
CA SER D 232 -3.26 4.01 17.43
C SER D 232 -3.68 2.55 17.20
N GLN D 233 -2.88 1.76 16.48
CA GLN D 233 -3.16 0.34 16.34
C GLN D 233 -3.04 -0.40 17.67
N ALA D 234 -2.35 0.17 18.65
CA ALA D 234 -2.39 -0.34 20.01
C ALA D 234 -3.70 0.00 20.70
N PHE D 235 -4.51 0.88 20.11
CA PHE D 235 -5.84 1.23 20.57
C PHE D 235 -6.91 0.81 19.55
N GLY D 236 -6.56 -0.12 18.66
CA GLY D 236 -7.47 -0.59 17.65
C GLY D 236 -7.66 0.35 16.48
N GLY D 237 -6.67 1.19 16.19
CA GLY D 237 -6.74 2.09 15.06
C GLY D 237 -7.56 3.35 15.29
N ASN D 238 -7.94 3.63 16.54
CA ASN D 238 -8.78 4.79 16.85
C ASN D 238 -7.89 5.96 17.28
N TYR D 239 -7.24 6.57 16.30
CA TYR D 239 -6.46 7.77 16.58
C TYR D 239 -7.35 8.99 16.78
N GLU D 240 -8.58 8.95 16.25
CA GLU D 240 -9.50 10.07 16.44
C GLU D 240 -9.83 10.25 17.92
N THR D 241 -10.09 9.14 18.63
CA THR D 241 -10.33 9.21 20.06
C THR D 241 -9.14 9.78 20.80
N LEU D 242 -7.94 9.30 20.45
CA LEU D 242 -6.72 9.78 21.11
C LEU D 242 -6.56 11.28 20.93
N LEU D 243 -6.64 11.75 19.69
CA LEU D 243 -6.33 13.15 19.42
C LEU D 243 -7.47 14.09 19.81
N ARG D 244 -8.71 13.62 19.80
CA ARG D 244 -9.81 14.43 20.32
C ARG D 244 -9.74 14.52 21.84
N THR D 245 -9.34 13.43 22.49
CA THR D 245 -9.21 13.43 23.94
C THR D 245 -8.08 14.35 24.38
N LEU D 246 -6.98 14.37 23.62
CA LEU D 246 -5.88 15.28 23.90
C LEU D 246 -6.20 16.73 23.60
N GLY D 247 -7.33 17.00 22.96
CA GLY D 247 -7.74 18.37 22.67
C GLY D 247 -6.96 19.05 21.58
N TYR D 248 -6.62 18.31 20.51
CA TYR D 248 -5.89 18.86 19.38
C TYR D 248 -6.80 19.34 18.26
N ALA D 249 -8.04 19.70 18.57
CA ALA D 249 -8.99 20.16 17.56
C ALA D 249 -8.61 21.55 17.08
N THR D 250 -8.24 21.65 15.80
CA THR D 250 -7.89 22.94 15.20
C THR D 250 -8.09 22.80 13.69
N GLU D 251 -8.00 23.93 12.99
CA GLU D 251 -8.19 23.90 11.54
C GLU D 251 -7.07 23.15 10.83
N ASP D 252 -5.86 23.17 11.38
CA ASP D 252 -4.72 22.48 10.79
C ASP D 252 -4.58 21.05 11.28
N PHE D 253 -5.54 20.57 12.07
CA PHE D 253 -5.43 19.24 12.65
C PHE D 253 -5.46 18.16 11.59
N ASP D 254 -6.39 18.26 10.64
CA ASP D 254 -6.45 17.26 9.57
C ASP D 254 -5.24 17.34 8.65
N ASP D 255 -4.75 18.55 8.39
CA ASP D 255 -3.54 18.71 7.58
C ASP D 255 -2.34 18.08 8.27
N LEU D 256 -2.21 18.30 9.59
CA LEU D 256 -1.12 17.68 10.33
C LEU D 256 -1.27 16.17 10.41
N LEU D 257 -2.51 15.69 10.48
CA LEU D 257 -2.76 14.26 10.58
C LEU D 257 -2.43 13.54 9.28
N GLU D 258 -2.91 14.05 8.15
CA GLU D 258 -2.76 13.33 6.89
C GLU D 258 -1.43 13.61 6.20
N SER D 259 -0.63 14.53 6.72
CA SER D 259 0.74 14.72 6.26
C SER D 259 1.74 13.94 7.09
N ASP D 260 1.24 13.09 8.00
CA ASP D 260 2.08 12.30 8.90
C ASP D 260 2.98 13.18 9.77
N SER D 261 2.48 14.36 10.14
CA SER D 261 3.23 15.28 10.98
C SER D 261 3.01 15.03 12.46
N ILE D 262 1.82 14.57 12.85
CA ILE D 262 1.57 14.19 14.23
C ILE D 262 2.13 12.79 14.44
N THR D 263 3.23 12.70 15.16
CA THR D 263 3.92 11.44 15.43
C THR D 263 4.06 11.25 16.91
N GLY D 264 4.33 10.01 17.31
CA GLY D 264 4.53 9.69 18.70
C GLY D 264 5.74 8.79 18.86
N GLN D 265 6.22 8.73 20.10
CA GLN D 265 7.38 7.92 20.45
C GLN D 265 7.05 7.12 21.70
N ILE D 266 7.28 5.80 21.63
CA ILE D 266 7.10 4.98 22.83
C ILE D 266 8.23 5.30 23.80
N ILE D 267 7.86 5.76 25.00
CA ILE D 267 8.84 6.17 25.99
C ILE D 267 8.90 5.22 27.16
N TYR D 268 7.95 4.31 27.30
CA TYR D 268 8.03 3.34 28.39
C TYR D 268 7.22 2.11 28.04
N VAL D 269 7.74 0.93 28.37
CA VAL D 269 7.05 -0.33 28.17
C VAL D 269 7.02 -1.09 29.49
N ASP D 270 5.84 -1.50 29.92
CA ASP D 270 5.66 -2.29 31.14
C ASP D 270 5.34 -3.72 30.72
N LEU D 271 6.16 -4.66 31.19
CA LEU D 271 5.96 -6.08 30.89
C LEU D 271 5.19 -6.80 31.97
N SER D 272 4.80 -6.11 33.04
CA SER D 272 3.99 -6.70 34.10
C SER D 272 2.53 -6.26 34.01
N SER D 273 2.29 -4.96 33.83
CA SER D 273 0.94 -4.45 33.64
C SER D 273 0.55 -4.35 32.17
N TYR D 274 1.50 -4.55 31.25
CA TYR D 274 1.25 -4.63 29.82
C TYR D 274 0.61 -3.33 29.30
N TYR D 275 1.34 -2.24 29.50
CA TYR D 275 0.96 -0.94 28.95
C TYR D 275 2.21 -0.23 28.44
N ILE D 276 2.00 0.76 27.59
CA ILE D 276 3.11 1.57 27.09
C ILE D 276 2.78 3.03 27.30
N ILE D 277 3.82 3.82 27.56
CA ILE D 277 3.69 5.26 27.64
C ILE D 277 4.29 5.82 26.35
N VAL D 278 3.48 6.61 25.64
CA VAL D 278 3.79 7.16 24.33
C VAL D 278 3.79 8.68 24.43
N ARG D 279 4.87 9.31 23.99
CA ARG D 279 4.95 10.76 23.93
C ARG D 279 4.49 11.24 22.55
N VAL D 280 3.32 11.84 22.49
CA VAL D 280 2.74 12.32 21.25
C VAL D 280 3.29 13.71 20.95
N TYR D 281 3.83 13.87 19.73
CA TYR D 281 4.41 15.12 19.26
C TYR D 281 3.42 15.81 18.33
N PHE D 282 2.96 17.01 18.73
CA PHE D 282 1.99 17.79 17.98
C PHE D 282 2.66 19.05 17.46
N PRO D 283 3.03 19.11 16.19
CA PRO D 283 3.81 20.23 15.67
C PRO D 283 2.97 21.35 15.08
N ILE D 284 3.65 22.42 14.68
CA ILE D 284 3.06 23.56 13.98
C ILE D 284 3.63 23.57 12.57
N LEU D 285 2.77 23.83 11.59
CA LEU D 285 3.18 23.85 10.18
C LEU D 285 3.73 25.23 9.86
N THR D 286 5.04 25.40 9.98
CA THR D 286 5.64 26.68 9.63
C THR D 286 5.81 26.78 8.12
N GLU D 287 5.54 27.98 7.59
CA GLU D 287 5.69 28.24 6.18
C GLU D 287 7.14 28.53 5.83
N ILE D 288 7.64 27.89 4.77
CA ILE D 288 8.98 28.18 4.26
C ILE D 288 8.91 29.50 3.51
N GLN D 289 9.54 30.54 4.04
CA GLN D 289 9.42 31.86 3.46
C GLN D 289 10.12 31.95 2.11
N GLN D 290 9.54 32.74 1.21
CA GLN D 290 10.04 32.90 -0.15
C GLN D 290 10.14 31.58 -0.88
N ALA D 291 9.21 30.67 -0.61
CA ALA D 291 9.17 29.36 -1.22
C ALA D 291 7.76 29.04 -1.68
N TYR D 292 7.65 28.39 -2.84
CA TYR D 292 6.35 27.98 -3.33
C TYR D 292 6.51 26.80 -4.28
N ILE D 293 5.46 25.99 -4.37
CA ILE D 293 5.40 24.87 -5.30
C ILE D 293 4.44 25.23 -6.42
N GLN D 294 4.95 25.18 -7.65
CA GLN D 294 4.18 25.48 -8.85
C GLN D 294 3.79 24.17 -9.50
N GLU D 295 2.49 23.99 -9.73
CA GLU D 295 1.99 22.79 -10.38
C GLU D 295 1.82 23.03 -11.87
N LEU D 296 2.25 22.06 -12.67
CA LEU D 296 2.08 22.12 -14.12
C LEU D 296 1.13 21.01 -14.57
N LEU D 297 0.16 21.39 -15.38
CA LEU D 297 -0.83 20.47 -15.91
C LEU D 297 -0.35 19.94 -17.26
N PRO D 298 -0.13 18.64 -17.40
CA PRO D 298 0.47 18.04 -18.61
C PRO D 298 -0.51 17.88 -19.76
N VAL D 299 -0.69 18.94 -20.54
CA VAL D 299 -1.50 18.88 -21.75
C VAL D 299 -0.69 18.26 -22.87
N SER D 300 -1.27 17.27 -23.54
CA SER D 300 -0.62 16.69 -24.71
C SER D 300 -0.66 17.67 -25.87
N PHE D 301 0.42 17.72 -26.64
CA PHE D 301 0.61 18.66 -27.72
C PHE D 301 0.99 17.91 -28.99
N ASN D 302 0.89 18.59 -30.13
CA ASN D 302 1.03 17.97 -31.44
C ASN D 302 2.35 18.36 -32.09
N ASN D 303 3.01 17.37 -32.68
CA ASN D 303 4.20 17.61 -33.49
C ASN D 303 4.40 16.42 -34.42
N ASP D 304 4.78 16.72 -35.66
CA ASP D 304 5.09 15.71 -36.67
C ASP D 304 3.93 14.73 -36.87
N ASN D 305 2.71 15.26 -36.92
CA ASN D 305 1.51 14.44 -37.05
C ASN D 305 1.41 13.38 -35.95
N SER D 306 1.81 13.76 -34.74
CA SER D 306 1.79 12.83 -33.63
C SER D 306 1.58 13.59 -32.33
N GLU D 307 1.17 12.86 -31.29
CA GLU D 307 0.84 13.45 -30.00
C GLU D 307 1.94 13.14 -29.00
N TRP D 308 2.29 14.14 -28.19
CA TRP D 308 3.39 14.07 -27.25
C TRP D 308 2.96 14.65 -25.91
N ILE D 309 3.61 14.18 -24.85
CA ILE D 309 3.55 14.81 -23.54
C ILE D 309 4.97 15.15 -23.12
N SER D 310 5.12 16.21 -22.34
CA SER D 310 6.44 16.65 -21.95
C SER D 310 6.83 15.98 -20.64
N ILE D 311 8.03 15.42 -20.59
CA ILE D 311 8.51 14.72 -19.40
C ILE D 311 9.24 15.77 -18.55
N VAL D 312 8.48 16.45 -17.72
CA VAL D 312 9.01 17.41 -16.75
C VAL D 312 8.37 17.11 -15.41
N PRO D 313 8.95 17.58 -14.31
CA PRO D 313 8.26 17.47 -13.02
C PRO D 313 7.01 18.32 -13.02
N ASN D 314 5.90 17.72 -12.57
CA ASN D 314 4.64 18.45 -12.53
C ASN D 314 4.57 19.42 -11.37
N PHE D 315 5.41 19.24 -10.35
CA PHE D 315 5.51 20.15 -9.22
C PHE D 315 6.94 20.62 -9.11
N ILE D 316 7.13 21.93 -9.08
CA ILE D 316 8.45 22.55 -9.02
C ILE D 316 8.50 23.39 -7.75
N LEU D 317 9.51 23.12 -6.91
CA LEU D 317 9.68 23.88 -5.67
C LEU D 317 10.70 24.98 -5.93
N VAL D 318 10.29 26.23 -5.74
CA VAL D 318 11.14 27.38 -5.94
C VAL D 318 11.31 28.05 -4.59
N ARG D 319 12.53 28.00 -4.05
CA ARG D 319 12.87 28.62 -2.78
C ARG D 319 13.98 29.62 -3.00
N ASN D 320 13.71 30.89 -2.66
CA ASN D 320 14.67 31.97 -2.87
C ASN D 320 15.14 32.02 -4.32
N THR D 321 14.17 31.90 -5.24
CA THR D 321 14.37 31.85 -6.68
C THR D 321 15.21 30.66 -7.13
N LEU D 322 15.43 29.68 -6.27
CA LEU D 322 16.15 28.46 -6.63
C LEU D 322 15.15 27.38 -7.00
N ILE D 323 15.23 26.93 -8.25
CA ILE D 323 14.32 25.93 -8.81
C ILE D 323 14.86 24.54 -8.49
N SER D 324 14.03 23.70 -7.89
CA SER D 324 14.43 22.35 -7.53
C SER D 324 13.22 21.43 -7.55
N ASN D 325 13.50 20.14 -7.52
CA ASN D 325 12.46 19.12 -7.48
C ASN D 325 11.92 19.00 -6.05
N ILE D 326 10.79 18.33 -5.93
CA ILE D 326 10.21 18.02 -4.62
C ILE D 326 9.62 16.63 -4.69
N GLU D 327 9.90 15.80 -3.69
CA GLU D 327 9.27 14.48 -3.57
C GLU D 327 7.90 14.68 -2.95
N ILE D 328 6.95 15.08 -3.80
CA ILE D 328 5.62 15.46 -3.35
C ILE D 328 4.74 14.24 -3.09
N GLY D 329 5.23 13.05 -3.42
CA GLY D 329 4.50 11.84 -3.10
C GLY D 329 4.37 11.62 -1.61
N PHE D 330 5.38 12.03 -0.83
CA PHE D 330 5.33 11.90 0.61
C PHE D 330 4.62 13.06 1.29
N CYS D 331 4.36 14.16 0.59
CA CYS D 331 3.74 15.33 1.18
C CYS D 331 2.24 15.34 0.90
N LEU D 332 1.52 16.06 1.75
CA LEU D 332 0.09 16.29 1.55
C LEU D 332 -0.12 17.52 0.67
N ILE D 333 -0.89 17.37 -0.39
CA ILE D 333 -1.18 18.46 -1.32
C ILE D 333 -2.55 19.03 -0.97
N THR D 334 -2.58 20.32 -0.68
CA THR D 334 -3.80 21.02 -0.28
C THR D 334 -3.97 22.23 -1.20
N LYS D 335 -5.21 22.70 -1.33
CA LYS D 335 -5.48 23.81 -2.24
C LYS D 335 -4.63 25.03 -1.92
N ARG D 336 -4.37 25.27 -0.63
CA ARG D 336 -3.55 26.41 -0.25
C ARG D 336 -2.06 26.11 -0.32
N SER D 337 -1.64 24.94 0.13
CA SER D 337 -0.21 24.68 0.31
C SER D 337 0.09 23.20 0.14
N VAL D 338 1.37 22.92 -0.11
CA VAL D 338 1.92 21.58 -0.03
C VAL D 338 2.49 21.39 1.37
N ILE D 339 1.99 20.39 2.08
CA ILE D 339 2.25 20.22 3.51
C ILE D 339 3.11 18.98 3.69
N CYS D 340 4.26 19.15 4.33
CA CYS D 340 5.27 18.12 4.42
C CYS D 340 5.69 17.95 5.87
N ASN D 341 6.05 16.72 6.24
CA ASN D 341 6.63 16.45 7.54
C ASN D 341 8.15 16.51 7.52
N GLN D 342 8.74 16.74 6.35
CA GLN D 342 10.17 16.71 6.14
C GLN D 342 10.46 17.54 4.90
N ASP D 343 11.68 18.07 4.82
CA ASP D 343 12.09 18.82 3.64
C ASP D 343 12.37 17.83 2.52
N TYR D 344 11.40 17.65 1.62
CA TYR D 344 11.51 16.71 0.52
C TYR D 344 12.03 17.36 -0.75
N ALA D 345 12.79 18.44 -0.63
CA ALA D 345 13.40 19.07 -1.80
C ALA D 345 14.57 18.22 -2.30
N THR D 346 14.58 17.94 -3.60
CA THR D 346 15.62 17.15 -4.23
C THR D 346 16.19 17.93 -5.41
N PRO D 347 17.43 17.68 -5.78
CA PRO D 347 18.07 18.50 -6.81
C PRO D 347 17.47 18.27 -8.19
N MET D 348 17.71 19.24 -9.07
CA MET D 348 17.23 19.21 -10.43
C MET D 348 18.41 19.39 -11.37
N THR D 349 18.39 18.70 -12.51
CA THR D 349 19.45 18.86 -13.49
C THR D 349 19.43 20.27 -14.06
N ASN D 350 20.61 20.72 -14.52
CA ASN D 350 20.68 22.03 -15.15
C ASN D 350 19.86 22.08 -16.42
N ASN D 351 19.77 20.96 -17.14
CA ASN D 351 18.98 20.92 -18.36
C ASN D 351 17.48 21.08 -18.08
N MET D 352 16.98 20.44 -17.03
CA MET D 352 15.58 20.64 -16.67
C MET D 352 15.32 22.04 -16.14
N ARG D 353 16.29 22.62 -15.42
CA ARG D 353 16.12 24.00 -14.96
C ARG D 353 16.07 24.96 -16.14
N GLU D 354 16.86 24.70 -17.19
CA GLU D 354 16.79 25.53 -18.37
C GLU D 354 15.53 25.25 -19.18
N CYS D 355 15.03 24.02 -19.14
CA CYS D 355 13.72 23.72 -19.71
C CYS D 355 12.65 24.57 -19.05
N LEU D 356 12.67 24.63 -17.72
CA LEU D 356 11.65 25.37 -17.00
C LEU D 356 11.81 26.87 -17.17
N THR D 357 13.03 27.35 -17.43
CA THR D 357 13.26 28.77 -17.57
C THR D 357 13.17 29.26 -19.01
N GLY D 358 12.91 28.38 -19.97
CA GLY D 358 12.67 28.82 -21.33
C GLY D 358 13.27 27.99 -22.44
N SER D 359 14.28 27.17 -22.12
CA SER D 359 14.94 26.35 -23.14
C SER D 359 14.08 25.12 -23.42
N THR D 360 13.10 25.30 -24.30
CA THR D 360 12.17 24.21 -24.63
C THR D 360 12.85 23.11 -25.42
N GLU D 361 13.99 23.39 -26.06
CA GLU D 361 14.70 22.36 -26.80
C GLU D 361 15.33 21.32 -25.89
N LYS D 362 15.46 21.61 -24.60
CA LYS D 362 16.01 20.68 -23.63
C LYS D 362 14.94 19.95 -22.84
N CYS D 363 13.67 20.09 -23.22
CA CYS D 363 12.59 19.43 -22.51
C CYS D 363 12.30 18.07 -23.15
N PRO D 364 12.50 16.96 -22.44
CA PRO D 364 12.19 15.66 -23.03
C PRO D 364 10.69 15.49 -23.25
N ARG D 365 10.35 14.76 -24.31
CA ARG D 365 8.97 14.49 -24.65
C ARG D 365 8.78 13.02 -24.94
N GLU D 366 7.62 12.50 -24.56
CA GLU D 366 7.27 11.09 -24.75
C GLU D 366 6.05 10.99 -25.65
N LEU D 367 6.04 9.96 -26.51
CA LEU D 367 4.95 9.75 -27.42
C LEU D 367 3.66 9.44 -26.66
N VAL D 368 2.53 9.69 -27.30
CA VAL D 368 1.23 9.37 -26.73
C VAL D 368 0.68 8.17 -27.48
N VAL D 369 0.43 7.08 -26.76
CA VAL D 369 -0.26 5.91 -27.30
C VAL D 369 -1.56 5.75 -26.52
N SER D 370 -1.52 6.10 -25.24
CA SER D 370 -2.73 6.12 -24.41
C SER D 370 -3.68 7.20 -24.91
N SER D 371 -4.90 6.80 -25.26
CA SER D 371 -5.92 7.70 -25.77
C SER D 371 -6.64 8.46 -24.66
N HIS D 372 -6.21 8.31 -23.41
CA HIS D 372 -6.87 8.92 -22.26
C HIS D 372 -6.02 9.97 -21.58
N VAL D 373 -4.90 10.37 -22.16
CA VAL D 373 -4.07 11.42 -21.59
C VAL D 373 -4.75 12.77 -21.78
N PRO D 374 -4.48 13.77 -20.94
CA PRO D 374 -5.23 15.04 -21.03
C PRO D 374 -5.00 15.76 -22.35
N ARG D 375 -6.09 16.15 -22.98
CA ARG D 375 -6.06 16.87 -24.25
C ARG D 375 -6.01 18.38 -24.09
N PHE D 376 -6.50 18.91 -22.97
CA PHE D 376 -6.57 20.35 -22.78
C PHE D 376 -6.58 20.67 -21.29
N ALA D 377 -6.37 21.94 -20.98
CA ALA D 377 -6.48 22.41 -19.60
C ALA D 377 -6.81 23.89 -19.60
N LEU D 378 -7.29 24.35 -18.45
CA LEU D 378 -7.69 25.74 -18.26
C LEU D 378 -6.79 26.39 -17.22
N SER D 379 -6.35 27.61 -17.50
CA SER D 379 -5.53 28.37 -16.56
C SER D 379 -5.88 29.83 -16.68
N ASN D 380 -6.33 30.42 -15.56
CA ASN D 380 -6.72 31.84 -15.52
C ASN D 380 -7.80 32.16 -16.54
N GLY D 381 -8.73 31.22 -16.75
CA GLY D 381 -9.78 31.43 -17.72
C GLY D 381 -9.36 31.28 -19.16
N VAL D 382 -8.14 30.83 -19.42
CA VAL D 382 -7.60 30.68 -20.77
C VAL D 382 -7.42 29.19 -21.04
N LEU D 383 -7.85 28.74 -22.20
CA LEU D 383 -7.90 27.31 -22.50
C LEU D 383 -6.74 26.94 -23.41
N PHE D 384 -5.94 25.96 -23.01
CA PHE D 384 -4.84 25.47 -23.84
C PHE D 384 -5.20 24.07 -24.28
N ALA D 385 -5.50 23.92 -25.56
CA ALA D 385 -6.06 22.69 -26.09
C ALA D 385 -5.26 22.17 -27.27
N ASN D 386 -5.22 20.85 -27.41
CA ASN D 386 -4.64 20.19 -28.58
C ASN D 386 -5.80 19.95 -29.54
N CYS D 387 -6.09 20.95 -30.37
CA CYS D 387 -7.25 20.87 -31.25
C CYS D 387 -7.04 19.93 -32.43
N ILE D 388 -5.84 19.39 -32.60
CA ILE D 388 -5.64 18.30 -33.54
C ILE D 388 -6.34 17.04 -33.04
N SER D 389 -6.29 16.78 -31.73
CA SER D 389 -6.83 15.57 -31.15
C SER D 389 -8.27 15.71 -30.68
N VAL D 390 -8.72 16.92 -30.36
CA VAL D 390 -10.10 17.15 -29.95
C VAL D 390 -10.73 18.19 -30.88
N THR D 391 -12.04 18.09 -31.04
CA THR D 391 -12.77 18.97 -31.95
C THR D 391 -13.10 20.26 -31.24
N CYS D 392 -12.16 21.20 -31.24
CA CYS D 392 -12.43 22.53 -30.72
C CYS D 392 -13.35 23.29 -31.68
N GLN D 393 -14.30 24.02 -31.10
CA GLN D 393 -15.17 24.89 -31.89
C GLN D 393 -15.65 26.01 -30.99
N CYS D 394 -16.04 27.12 -31.62
CA CYS D 394 -16.45 28.31 -30.91
C CYS D 394 -17.96 28.46 -30.98
N GLN D 395 -18.60 28.62 -29.82
CA GLN D 395 -20.05 28.77 -29.78
C GLN D 395 -20.46 30.14 -30.31
N THR D 396 -19.63 31.17 -30.11
CA THR D 396 -20.00 32.52 -30.51
C THR D 396 -20.18 32.63 -32.01
N THR D 397 -19.30 32.02 -32.79
CA THR D 397 -19.34 32.13 -34.25
C THR D 397 -19.77 30.85 -34.94
N GLY D 398 -19.71 29.70 -34.27
CA GLY D 398 -20.02 28.44 -34.88
C GLY D 398 -18.89 27.82 -35.69
N ARG D 399 -17.76 28.50 -35.80
CA ARG D 399 -16.64 28.01 -36.58
C ARG D 399 -15.77 27.09 -35.73
N ALA D 400 -15.31 26.00 -36.33
CA ALA D 400 -14.41 25.09 -35.64
C ALA D 400 -13.03 25.73 -35.49
N ILE D 401 -12.44 25.58 -34.31
CA ILE D 401 -11.13 26.14 -34.02
C ILE D 401 -10.10 25.13 -34.53
N SER D 402 -9.48 25.43 -35.66
CA SER D 402 -8.56 24.51 -36.32
C SER D 402 -7.13 24.77 -35.89
N GLN D 403 -6.36 23.69 -35.76
CA GLN D 403 -4.95 23.75 -35.40
C GLN D 403 -4.11 23.29 -36.59
N SER D 404 -3.07 24.05 -36.91
CA SER D 404 -2.20 23.69 -38.02
C SER D 404 -1.18 22.63 -37.57
N GLY D 405 -0.44 22.11 -38.55
CA GLY D 405 0.57 21.11 -38.27
C GLY D 405 1.80 21.65 -37.59
N GLU D 406 2.02 22.96 -37.67
CA GLU D 406 3.18 23.61 -37.05
C GLU D 406 2.89 24.12 -35.65
N GLN D 407 1.66 23.95 -35.15
CA GLN D 407 1.29 24.42 -33.83
C GLN D 407 1.22 23.23 -32.87
N THR D 408 1.86 23.37 -31.71
CA THR D 408 1.79 22.34 -30.69
C THR D 408 0.45 22.36 -29.97
N LEU D 409 0.00 23.54 -29.54
CA LEU D 409 -1.29 23.71 -28.91
C LEU D 409 -1.91 25.01 -29.40
N LEU D 410 -3.19 25.18 -29.08
CA LEU D 410 -3.88 26.45 -29.33
C LEU D 410 -4.29 27.07 -28.00
N MET D 411 -3.90 28.32 -27.81
CA MET D 411 -4.42 29.16 -26.74
C MET D 411 -5.75 29.76 -27.19
N ILE D 412 -6.82 29.45 -26.47
CA ILE D 412 -8.17 29.89 -26.78
C ILE D 412 -8.60 30.85 -25.67
N ASP D 413 -8.80 32.10 -26.04
CA ASP D 413 -9.20 33.15 -25.11
C ASP D 413 -10.32 33.96 -25.77
N ASN D 414 -10.90 34.89 -25.01
CA ASN D 414 -12.07 35.62 -25.49
C ASN D 414 -11.75 36.54 -26.66
N THR D 415 -10.49 36.89 -26.87
CA THR D 415 -10.12 37.68 -28.04
C THR D 415 -10.34 36.90 -29.33
N THR D 416 -10.07 35.59 -29.32
CA THR D 416 -10.30 34.77 -30.50
C THR D 416 -11.55 33.90 -30.39
N CYS D 417 -11.99 33.58 -29.17
CA CYS D 417 -13.20 32.79 -28.97
C CYS D 417 -13.80 33.07 -27.61
N PRO D 418 -14.89 33.84 -27.53
CA PRO D 418 -15.49 34.15 -26.22
C PRO D 418 -15.96 32.91 -25.47
N THR D 419 -16.45 31.90 -26.18
CA THR D 419 -16.96 30.68 -25.55
C THR D 419 -16.64 29.50 -26.46
N ALA D 420 -15.83 28.58 -25.96
CA ALA D 420 -15.38 27.43 -26.72
C ALA D 420 -16.15 26.17 -26.33
N VAL D 421 -16.28 25.26 -27.29
CA VAL D 421 -16.98 23.99 -27.08
C VAL D 421 -15.99 22.86 -27.34
N LEU D 422 -15.92 21.91 -26.42
CA LEU D 422 -15.01 20.78 -26.50
C LEU D 422 -15.79 19.48 -26.34
N GLY D 423 -16.89 19.37 -27.07
CA GLY D 423 -17.76 18.19 -26.99
C GLY D 423 -18.90 18.42 -26.01
N ASN D 424 -18.89 17.67 -24.91
CA ASN D 424 -19.88 17.86 -23.85
C ASN D 424 -19.60 19.10 -23.00
N VAL D 425 -18.46 19.76 -23.21
CA VAL D 425 -18.04 20.91 -22.41
C VAL D 425 -18.20 22.16 -23.24
N ILE D 426 -18.97 23.12 -22.71
CA ILE D 426 -19.04 24.47 -23.24
C ILE D 426 -18.55 25.41 -22.15
N ILE D 427 -17.50 26.18 -22.44
CA ILE D 427 -16.81 26.96 -21.43
C ILE D 427 -16.58 28.37 -21.93
N SER D 428 -16.84 29.35 -21.05
CA SER D 428 -16.53 30.74 -21.32
C SER D 428 -15.11 31.04 -20.88
N LEU D 429 -14.41 31.85 -21.66
CA LEU D 429 -12.97 32.01 -21.51
C LEU D 429 -12.60 33.46 -21.25
N GLY D 430 -11.55 33.65 -20.47
CA GLY D 430 -11.00 34.96 -20.20
C GLY D 430 -9.99 35.38 -21.25
N LYS D 431 -9.30 36.46 -20.96
CA LYS D 431 -8.31 37.02 -21.88
C LYS D 431 -6.90 36.64 -21.45
N TYR D 432 -6.09 36.22 -22.42
CA TYR D 432 -4.72 35.83 -22.11
C TYR D 432 -3.87 37.05 -21.81
N LEU D 433 -3.12 36.98 -20.71
CA LEU D 433 -2.27 38.08 -20.28
C LEU D 433 -0.87 38.04 -20.90
N GLY D 434 -0.52 36.96 -21.59
CA GLY D 434 0.78 36.85 -22.21
C GLY D 434 0.84 37.52 -23.56
N SER D 435 1.64 36.94 -24.45
CA SER D 435 1.80 37.50 -25.78
C SER D 435 0.51 37.36 -26.59
N VAL D 436 0.17 38.42 -27.32
CA VAL D 436 -1.01 38.37 -28.18
C VAL D 436 -0.74 37.50 -29.40
N ASN D 437 0.52 37.26 -29.75
CA ASN D 437 0.90 36.43 -30.87
C ASN D 437 1.25 35.01 -30.44
N TYR D 438 0.55 34.50 -29.43
CA TYR D 438 0.86 33.18 -28.89
C TYR D 438 0.73 32.09 -29.94
N ASN D 439 -0.36 32.12 -30.72
CA ASN D 439 -0.63 31.05 -31.67
C ASN D 439 0.21 31.14 -32.93
N SER D 440 0.89 32.26 -33.16
CA SER D 440 1.73 32.43 -34.35
C SER D 440 3.22 32.29 -34.05
N GLU D 441 3.61 32.28 -32.78
CA GLU D 441 5.01 32.17 -32.37
C GLU D 441 5.34 30.71 -32.06
N GLY D 442 6.08 30.06 -32.97
CA GLY D 442 6.53 28.72 -32.73
C GLY D 442 7.72 28.65 -31.80
N ILE D 443 8.03 27.44 -31.35
CA ILE D 443 9.12 27.21 -30.40
C ILE D 443 9.93 26.00 -30.85
N ALA D 444 11.15 25.92 -30.33
CA ALA D 444 11.95 24.72 -30.49
C ALA D 444 11.42 23.60 -29.61
N ILE D 445 11.56 22.37 -30.09
CA ILE D 445 10.99 21.21 -29.42
C ILE D 445 12.12 20.31 -28.95
N GLY D 446 11.88 19.59 -27.85
CA GLY D 446 12.89 18.78 -27.24
C GLY D 446 13.00 17.38 -27.82
N PRO D 447 13.91 16.59 -27.27
CA PRO D 447 14.15 15.24 -27.81
C PRO D 447 13.11 14.25 -27.32
N PRO D 448 12.70 13.30 -28.16
CA PRO D 448 11.78 12.26 -27.69
C PRO D 448 12.46 11.34 -26.68
N VAL D 449 11.67 10.85 -25.73
CA VAL D 449 12.15 9.91 -24.72
C VAL D 449 11.11 8.82 -24.52
N PHE D 450 11.56 7.74 -23.86
CA PHE D 450 10.70 6.66 -23.42
C PHE D 450 11.03 6.42 -21.95
N THR D 451 10.01 6.51 -21.09
CA THR D 451 10.22 6.52 -19.65
C THR D 451 9.98 5.17 -18.98
N ASP D 452 9.64 4.14 -19.74
CA ASP D 452 9.49 2.81 -19.16
C ASP D 452 10.84 2.29 -18.69
N LYS D 453 10.85 1.65 -17.51
CA LYS D 453 12.12 1.25 -16.91
C LYS D 453 12.84 0.21 -17.75
N VAL D 454 12.09 -0.64 -18.45
CA VAL D 454 12.72 -1.55 -19.40
C VAL D 454 13.25 -0.76 -20.58
N ASP D 455 12.49 0.22 -21.05
CA ASP D 455 13.00 1.04 -22.14
C ASP D 455 14.18 1.88 -21.66
N ILE D 456 14.22 2.22 -20.36
CA ILE D 456 15.37 2.90 -19.81
C ILE D 456 16.62 2.03 -19.90
N SER D 457 16.47 0.74 -19.57
CA SER D 457 17.58 -0.19 -19.74
C SER D 457 17.96 -0.37 -21.20
N SER D 458 16.97 -0.36 -22.09
CA SER D 458 17.25 -0.49 -23.52
C SER D 458 18.03 0.71 -24.05
N GLN D 459 17.64 1.92 -23.63
CA GLN D 459 18.35 3.11 -24.05
C GLN D 459 19.76 3.17 -23.45
N ILE D 460 19.93 2.69 -22.22
CA ILE D 460 21.28 2.62 -21.67
C ILE D 460 22.12 1.63 -22.45
N SER D 461 21.53 0.51 -22.88
CA SER D 461 22.23 -0.45 -23.71
C SER D 461 22.65 0.16 -25.04
N SER D 462 21.74 0.91 -25.66
CA SER D 462 22.03 1.50 -26.96
C SER D 462 23.09 2.58 -26.86
N MET D 463 23.01 3.42 -25.83
CA MET D 463 24.03 4.46 -25.67
C MET D 463 25.38 3.85 -25.33
N ASN D 464 25.40 2.78 -24.54
CA ASN D 464 26.68 2.12 -24.23
C ASN D 464 27.29 1.50 -25.48
N GLN D 465 26.46 0.84 -26.30
CA GLN D 465 26.99 0.27 -27.53
C GLN D 465 27.41 1.34 -28.52
N SER D 466 26.71 2.48 -28.55
CA SER D 466 27.15 3.59 -29.40
C SER D 466 28.47 4.14 -28.94
N LEU D 467 28.68 4.24 -27.62
CA LEU D 467 29.96 4.69 -27.09
C LEU D 467 31.08 3.72 -27.46
N GLN D 468 30.81 2.42 -27.34
CA GLN D 468 31.82 1.43 -27.69
C GLN D 468 32.15 1.46 -29.17
N GLN D 469 31.14 1.65 -30.03
CA GLN D 469 31.40 1.79 -31.45
C GLN D 469 32.20 3.04 -31.77
N SER D 470 31.87 4.16 -31.10
CA SER D 470 32.64 5.38 -31.33
C SER D 470 34.05 5.28 -30.78
N LYS D 471 34.22 4.64 -29.63
CA LYS D 471 35.54 4.45 -29.04
C LYS D 471 36.38 3.49 -29.89
N GLN E 1 5.97 41.66 -4.10
CA GLN E 1 5.22 42.73 -3.47
C GLN E 1 3.73 42.43 -3.47
N VAL E 2 3.14 42.37 -2.28
CA VAL E 2 1.72 42.07 -2.10
C VAL E 2 1.02 43.32 -1.60
N GLN E 3 -0.04 43.73 -2.29
CA GLN E 3 -0.84 44.88 -1.90
C GLN E 3 -2.31 44.48 -1.89
N LEU E 4 -3.00 44.82 -0.81
CA LEU E 4 -4.43 44.56 -0.69
C LEU E 4 -5.12 45.92 -0.74
N GLN E 5 -5.45 46.39 -1.94
CA GLN E 5 -6.02 47.71 -2.11
C GLN E 5 -7.50 47.69 -1.75
N GLN E 6 -7.89 48.52 -0.80
CA GLN E 6 -9.28 48.59 -0.39
C GLN E 6 -9.95 49.84 -0.94
N SER E 7 -11.28 49.85 -0.86
CA SER E 7 -12.05 51.01 -1.27
C SER E 7 -11.84 52.15 -0.26
N GLY E 8 -12.18 53.36 -0.70
CA GLY E 8 -11.99 54.52 0.14
C GLY E 8 -12.96 54.56 1.30
N ALA E 9 -12.73 55.53 2.18
CA ALA E 9 -13.59 55.70 3.34
C ALA E 9 -15.00 56.08 2.90
N GLU E 10 -16.00 55.56 3.62
CA GLU E 10 -17.39 55.76 3.23
C GLU E 10 -18.17 56.38 4.38
N LEU E 11 -19.00 57.37 4.05
CA LEU E 11 -19.96 57.98 4.96
C LEU E 11 -21.35 57.51 4.57
N VAL E 12 -21.94 56.65 5.40
CA VAL E 12 -23.18 55.96 5.06
C VAL E 12 -24.22 56.28 6.13
N ARG E 13 -25.44 56.56 5.70
CA ARG E 13 -26.53 56.81 6.63
C ARG E 13 -26.92 55.52 7.33
N PRO E 14 -27.42 55.61 8.57
CA PRO E 14 -27.88 54.41 9.27
C PRO E 14 -29.08 53.78 8.58
N GLY E 15 -29.16 52.45 8.68
CA GLY E 15 -30.25 51.70 8.11
C GLY E 15 -29.99 51.15 6.72
N THR E 16 -28.99 51.65 6.01
CA THR E 16 -28.68 51.16 4.68
C THR E 16 -27.46 50.24 4.73
N SER E 17 -26.99 49.82 3.56
CA SER E 17 -25.93 48.83 3.43
C SER E 17 -24.74 49.42 2.68
N VAL E 18 -23.54 48.97 3.04
CA VAL E 18 -22.32 49.35 2.34
C VAL E 18 -21.59 48.07 1.92
N LYS E 19 -20.83 48.16 0.84
CA LYS E 19 -20.15 46.98 0.28
C LYS E 19 -18.68 47.33 0.09
N ILE E 20 -17.86 47.01 1.09
CA ILE E 20 -16.43 47.32 1.05
C ILE E 20 -15.70 46.29 0.19
N SER E 21 -14.79 46.75 -0.66
CA SER E 21 -14.05 45.87 -1.54
C SER E 21 -12.57 45.84 -1.17
N CYS E 22 -11.90 44.75 -1.54
CA CYS E 22 -10.48 44.57 -1.28
C CYS E 22 -9.88 43.75 -2.42
N LYS E 23 -9.14 44.41 -3.30
CA LYS E 23 -8.49 43.76 -4.44
C LYS E 23 -7.07 43.37 -4.05
N ALA E 24 -6.83 42.07 -3.87
CA ALA E 24 -5.50 41.57 -3.59
C ALA E 24 -4.71 41.46 -4.89
N SER E 25 -3.52 42.04 -4.90
CA SER E 25 -2.65 42.03 -6.08
C SER E 25 -1.24 41.67 -5.64
N GLY E 26 -0.54 40.92 -6.48
CA GLY E 26 0.81 40.50 -6.19
C GLY E 26 0.93 39.30 -5.28
N TYR E 27 -0.18 38.69 -4.89
CA TYR E 27 -0.12 37.50 -4.05
C TYR E 27 0.34 36.31 -4.87
N THR E 28 1.31 35.55 -4.34
CA THR E 28 1.90 34.46 -5.11
C THR E 28 0.96 33.28 -5.20
N PHE E 29 0.27 32.95 -4.11
CA PHE E 29 -0.46 31.69 -4.00
C PHE E 29 -1.88 31.85 -4.50
N THR E 30 -2.36 30.83 -5.21
CA THR E 30 -3.65 30.91 -5.87
C THR E 30 -4.80 30.92 -4.85
N ASN E 31 -4.78 29.97 -3.91
CA ASN E 31 -5.88 29.80 -2.97
C ASN E 31 -5.45 30.23 -1.57
N TYR E 32 -6.30 30.99 -0.90
CA TYR E 32 -5.97 31.51 0.41
C TYR E 32 -7.25 31.93 1.13
N TRP E 33 -7.16 32.07 2.45
CA TRP E 33 -8.21 32.72 3.22
C TRP E 33 -7.99 34.23 3.24
N LEU E 34 -9.08 34.98 3.09
CA LEU E 34 -9.05 36.43 3.19
C LEU E 34 -10.04 36.85 4.27
N GLY E 35 -9.53 37.37 5.38
CA GLY E 35 -10.33 37.72 6.51
C GLY E 35 -10.57 39.21 6.62
N TRP E 36 -11.64 39.56 7.32
CA TRP E 36 -12.02 40.94 7.55
C TRP E 36 -12.00 41.22 9.04
N VAL E 37 -11.38 42.32 9.44
CA VAL E 37 -11.16 42.68 10.83
C VAL E 37 -11.72 44.07 11.07
N LYS E 38 -12.48 44.23 12.15
CA LYS E 38 -13.06 45.50 12.53
C LYS E 38 -12.24 46.14 13.64
N GLN E 39 -12.08 47.46 13.57
CA GLN E 39 -11.32 48.20 14.56
C GLN E 39 -12.06 49.50 14.88
N ARG E 40 -12.77 49.50 16.02
CA ARG E 40 -13.43 50.68 16.58
C ARG E 40 -12.49 51.43 17.51
N PRO E 41 -12.64 52.75 17.63
CA PRO E 41 -11.90 53.48 18.67
C PRO E 41 -12.31 52.99 20.05
N GLY E 42 -11.31 52.85 20.92
CA GLY E 42 -11.55 52.30 22.25
C GLY E 42 -11.76 50.81 22.28
N HIS E 43 -11.57 50.12 21.17
CA HIS E 43 -11.75 48.68 21.11
C HIS E 43 -10.59 48.08 20.33
N GLY E 44 -10.32 46.80 20.60
CA GLY E 44 -9.30 46.08 19.88
C GLY E 44 -9.77 45.63 18.52
N LEU E 45 -8.92 44.85 17.87
CA LEU E 45 -9.27 44.28 16.57
C LEU E 45 -10.35 43.22 16.75
N GLU E 46 -11.38 43.28 15.92
CA GLU E 46 -12.51 42.36 15.97
C GLU E 46 -12.61 41.64 14.63
N TRP E 47 -12.47 40.33 14.67
CA TRP E 47 -12.54 39.52 13.45
C TRP E 47 -13.99 39.37 13.02
N ILE E 48 -14.25 39.63 11.73
CA ILE E 48 -15.60 39.56 11.18
C ILE E 48 -15.86 38.21 10.52
N GLY E 49 -14.99 37.82 9.60
CA GLY E 49 -15.15 36.56 8.90
C GLY E 49 -14.13 36.41 7.81
N ASP E 50 -13.93 35.18 7.33
CA ASP E 50 -12.97 34.89 6.28
C ASP E 50 -13.69 34.26 5.09
N ILE E 51 -13.37 34.75 3.90
CA ILE E 51 -13.80 34.13 2.65
C ILE E 51 -12.64 33.29 2.13
N TYR E 52 -12.93 32.06 1.73
CA TYR E 52 -11.90 31.15 1.26
C TYR E 52 -11.95 31.14 -0.27
N ARG E 53 -10.89 31.66 -0.88
CA ARG E 53 -10.89 31.92 -2.31
C ARG E 53 -10.72 30.64 -3.13
N GLY E 54 -10.11 29.61 -2.56
CA GLY E 54 -9.94 28.36 -3.27
C GLY E 54 -11.22 27.56 -3.39
N GLY E 55 -11.78 27.15 -2.25
CA GLY E 55 -13.02 26.41 -2.20
C GLY E 55 -14.18 27.28 -1.76
N GLY E 56 -15.38 26.88 -2.17
CA GLY E 56 -16.53 27.74 -2.03
C GLY E 56 -17.20 27.69 -0.67
N TYR E 57 -16.47 28.11 0.36
CA TYR E 57 -17.07 28.23 1.69
C TYR E 57 -16.35 29.32 2.46
N THR E 58 -17.01 29.79 3.52
CA THR E 58 -16.53 30.92 4.30
C THR E 58 -16.86 30.71 5.77
N ASN E 59 -16.08 31.33 6.63
CA ASN E 59 -16.32 31.34 8.06
C ASN E 59 -16.80 32.72 8.48
N TYR E 60 -17.74 32.77 9.41
CA TYR E 60 -18.23 34.01 9.97
C TYR E 60 -18.07 33.98 11.48
N ASN E 61 -17.78 35.14 12.05
CA ASN E 61 -17.89 35.29 13.49
C ASN E 61 -19.37 35.23 13.87
N GLU E 62 -19.67 34.54 14.98
CA GLU E 62 -21.06 34.42 15.40
C GLU E 62 -21.65 35.77 15.75
N LYS E 63 -20.82 36.71 16.21
CA LYS E 63 -21.28 38.08 16.43
C LYS E 63 -21.67 38.75 15.12
N PHE E 64 -20.89 38.54 14.07
CA PHE E 64 -21.10 39.21 12.80
C PHE E 64 -21.87 38.38 11.78
N LYS E 65 -22.28 37.17 12.14
CA LYS E 65 -23.01 36.33 11.21
C LYS E 65 -24.41 36.89 10.99
N GLY E 66 -24.72 37.23 9.75
CA GLY E 66 -25.97 37.91 9.42
C GLY E 66 -25.76 39.38 9.16
N LYS E 67 -24.90 40.02 9.97
CA LYS E 67 -24.56 41.41 9.74
C LYS E 67 -23.70 41.57 8.49
N ALA E 68 -22.69 40.72 8.35
CA ALA E 68 -21.75 40.79 7.24
C ALA E 68 -21.97 39.65 6.26
N THR E 69 -21.62 39.90 5.00
CA THR E 69 -21.72 38.90 3.95
C THR E 69 -20.46 38.97 3.11
N LEU E 70 -19.75 37.86 2.97
CA LEU E 70 -18.47 37.84 2.29
C LEU E 70 -18.64 37.16 0.93
N THR E 71 -18.26 37.88 -0.13
CA THR E 71 -18.24 37.32 -1.47
C THR E 71 -16.87 37.54 -2.09
N ALA E 72 -16.59 36.82 -3.18
CA ALA E 72 -15.29 36.98 -3.82
C ALA E 72 -15.44 36.83 -5.33
N ASP E 73 -14.56 37.51 -6.06
CA ASP E 73 -14.44 37.46 -7.50
C ASP E 73 -13.04 36.96 -7.83
N THR E 74 -12.95 35.72 -8.30
CA THR E 74 -11.69 35.05 -8.58
C THR E 74 -11.04 35.55 -9.86
N SER E 75 -11.77 36.28 -10.71
CA SER E 75 -11.20 36.79 -11.95
C SER E 75 -10.28 37.98 -11.66
N SER E 76 -10.82 39.01 -11.00
CA SER E 76 -10.04 40.18 -10.65
C SER E 76 -9.42 40.05 -9.26
N SER E 77 -9.59 38.89 -8.61
CA SER E 77 -8.99 38.61 -7.31
C SER E 77 -9.41 39.64 -6.26
N THR E 78 -10.67 40.05 -6.29
CA THR E 78 -11.17 40.99 -5.30
C THR E 78 -12.24 40.34 -4.43
N ALA E 79 -12.28 40.71 -3.15
CA ALA E 79 -13.30 40.21 -2.26
C ALA E 79 -14.12 41.36 -1.71
N TYR E 80 -15.38 41.06 -1.38
CA TYR E 80 -16.31 42.08 -0.93
C TYR E 80 -16.90 41.68 0.41
N MET E 81 -17.24 42.70 1.21
CA MET E 81 -17.88 42.56 2.50
C MET E 81 -19.09 43.47 2.53
N GLN E 82 -20.27 42.88 2.42
CA GLN E 82 -21.54 43.59 2.43
C GLN E 82 -22.01 43.70 3.88
N LEU E 83 -22.05 44.91 4.40
CA LEU E 83 -22.55 45.20 5.75
C LEU E 83 -23.95 45.77 5.59
N SER E 84 -24.92 45.13 6.25
CA SER E 84 -26.33 45.48 6.12
C SER E 84 -26.87 45.98 7.46
N SER E 85 -27.85 46.87 7.38
CA SER E 85 -28.48 47.48 8.55
C SER E 85 -27.43 48.15 9.43
N LEU E 86 -26.73 49.11 8.83
CA LEU E 86 -25.65 49.80 9.53
C LEU E 86 -26.20 50.69 10.64
N THR E 87 -25.53 50.68 11.79
CA THR E 87 -25.87 51.51 12.92
C THR E 87 -24.64 52.32 13.33
N SER E 88 -24.80 53.10 14.40
CA SER E 88 -23.70 53.97 14.84
C SER E 88 -22.51 53.16 15.33
N GLU E 89 -22.73 51.96 15.87
CA GLU E 89 -21.65 51.14 16.37
C GLU E 89 -20.90 50.42 15.25
N ASP E 90 -21.37 50.50 14.01
CA ASP E 90 -20.66 49.93 12.87
C ASP E 90 -19.60 50.86 12.31
N SER E 91 -19.47 52.07 12.83
CA SER E 91 -18.46 53.02 12.35
C SER E 91 -17.09 52.57 12.86
N ALA E 92 -16.27 52.04 11.95
CA ALA E 92 -14.96 51.52 12.34
C ALA E 92 -14.08 51.42 11.10
N VAL E 93 -12.80 51.19 11.34
CA VAL E 93 -11.86 50.91 10.25
C VAL E 93 -11.86 49.41 9.98
N TYR E 94 -12.07 49.03 8.73
CA TYR E 94 -12.21 47.63 8.34
C TYR E 94 -10.98 47.24 7.52
N PHE E 95 -10.27 46.21 7.96
CA PHE E 95 -9.08 45.73 7.28
C PHE E 95 -9.34 44.38 6.64
N CYS E 96 -9.00 44.26 5.36
CA CYS E 96 -8.89 42.95 4.73
C CYS E 96 -7.47 42.45 4.90
N ALA E 97 -7.34 41.13 5.10
CA ALA E 97 -6.04 40.55 5.40
C ALA E 97 -6.03 39.10 4.96
N THR E 98 -5.06 38.73 4.14
CA THR E 98 -4.85 37.31 3.89
C THR E 98 -4.32 36.63 5.15
N ARG E 99 -4.81 35.41 5.40
CA ARG E 99 -4.42 34.73 6.63
C ARG E 99 -4.11 33.26 6.35
N ASP E 100 -3.13 32.76 7.11
CA ASP E 100 -2.70 31.37 7.13
C ASP E 100 -2.75 30.83 8.56
N GLY E 101 -3.89 31.03 9.19
CA GLY E 101 -3.97 30.95 10.64
C GLY E 101 -3.80 32.34 11.22
N TYR E 102 -2.58 32.87 11.11
CA TYR E 102 -2.31 34.26 11.46
C TYR E 102 -2.54 35.14 10.24
N PHE E 103 -3.04 36.34 10.47
CA PHE E 103 -3.22 37.31 9.39
C PHE E 103 -1.85 37.77 8.90
N ASP E 104 -1.62 37.63 7.60
CA ASP E 104 -0.29 37.84 7.04
C ASP E 104 -0.14 39.23 6.40
N TYR E 105 -0.98 39.56 5.43
CA TYR E 105 -0.91 40.83 4.73
C TYR E 105 -2.24 41.55 4.89
N TRP E 106 -2.16 42.81 5.32
CA TRP E 106 -3.32 43.61 5.67
C TRP E 106 -3.55 44.70 4.64
N GLY E 107 -4.82 45.00 4.38
CA GLY E 107 -5.15 46.14 3.55
C GLY E 107 -4.99 47.46 4.31
N GLN E 108 -5.04 48.56 3.56
CA GLN E 108 -4.81 49.87 4.17
C GLN E 108 -5.96 50.30 5.08
N GLY E 109 -7.11 49.64 5.01
CA GLY E 109 -8.22 49.96 5.89
C GLY E 109 -9.24 50.91 5.29
N THR E 110 -10.51 50.52 5.32
CA THR E 110 -11.62 51.33 4.85
C THR E 110 -12.34 51.87 6.08
N THR E 111 -12.29 53.19 6.27
CA THR E 111 -12.95 53.83 7.41
C THR E 111 -14.42 54.03 7.09
N LEU E 112 -15.30 53.34 7.81
CA LEU E 112 -16.73 53.47 7.61
C LEU E 112 -17.30 54.32 8.73
N THR E 113 -18.02 55.38 8.36
CA THR E 113 -18.67 56.28 9.32
C THR E 113 -20.17 56.21 9.08
N VAL E 114 -20.92 55.82 10.10
CA VAL E 114 -22.38 55.72 10.01
C VAL E 114 -22.98 56.82 10.86
N SER E 115 -23.53 57.84 10.21
CA SER E 115 -24.13 58.97 10.90
C SER E 115 -25.14 59.63 9.98
N SER E 116 -26.00 60.45 10.58
CA SER E 116 -27.02 61.17 9.81
C SER E 116 -26.93 62.66 10.06
N ASP F 1 -15.54 31.10 23.02
CA ASP F 1 -14.45 31.77 22.33
C ASP F 1 -13.24 31.86 23.25
N ILE F 2 -12.05 31.99 22.65
CA ILE F 2 -10.81 32.12 23.42
C ILE F 2 -10.58 33.60 23.68
N GLN F 3 -10.73 34.00 24.95
CA GLN F 3 -10.48 35.38 25.34
C GLN F 3 -8.99 35.60 25.53
N MET F 4 -8.46 36.62 24.86
CA MET F 4 -7.03 36.91 24.87
C MET F 4 -6.83 38.19 25.67
N THR F 5 -6.15 38.09 26.81
CA THR F 5 -6.04 39.19 27.75
C THR F 5 -4.59 39.65 27.83
N GLN F 6 -4.34 40.93 27.61
CA GLN F 6 -3.01 41.48 27.81
C GLN F 6 -2.91 42.15 29.17
N SER F 7 -1.69 42.18 29.71
CA SER F 7 -1.49 42.61 31.08
C SER F 7 -1.88 44.07 31.30
N SER F 8 -1.47 44.96 30.40
CA SER F 8 -1.78 46.37 30.54
C SER F 8 -2.16 46.95 29.19
N SER F 9 -3.11 47.89 29.20
CA SER F 9 -3.44 48.61 27.99
C SER F 9 -2.31 49.51 27.52
N SER F 10 -1.42 49.90 28.41
CA SER F 10 -0.30 50.75 28.06
C SER F 10 0.87 50.50 29.02
N PHE F 11 2.08 50.59 28.48
CA PHE F 11 3.31 50.60 29.26
C PHE F 11 4.14 51.82 28.89
N SER F 12 4.89 52.32 29.87
CA SER F 12 5.84 53.40 29.65
C SER F 12 7.24 52.82 29.85
N VAL F 13 7.95 52.63 28.75
CA VAL F 13 9.29 52.06 28.76
C VAL F 13 10.24 53.05 28.11
N SER F 14 11.37 53.31 28.77
CA SER F 14 12.36 54.24 28.24
C SER F 14 13.05 53.64 27.03
N LEU F 15 13.61 54.52 26.21
CA LEU F 15 14.30 54.07 25.01
C LEU F 15 15.57 53.30 25.37
N GLY F 16 15.79 52.20 24.67
CA GLY F 16 16.93 51.34 24.91
C GLY F 16 16.71 50.26 25.94
N ASP F 17 15.71 50.41 26.81
CA ASP F 17 15.42 49.39 27.80
C ASP F 17 14.59 48.25 27.19
N ARG F 18 14.61 47.11 27.88
CA ARG F 18 13.85 45.95 27.42
C ARG F 18 12.36 46.16 27.68
N THR F 19 11.55 45.89 26.67
CA THR F 19 10.09 46.02 26.76
C THR F 19 9.46 44.63 26.73
N THR F 20 8.58 44.35 27.68
CA THR F 20 7.93 43.06 27.79
C THR F 20 6.43 43.24 27.70
N ILE F 21 5.80 42.60 26.72
CA ILE F 21 4.35 42.59 26.55
C ILE F 21 3.88 41.16 26.71
N THR F 22 2.95 40.93 27.62
CA THR F 22 2.48 39.58 27.89
C THR F 22 1.02 39.44 27.51
N CYS F 23 0.65 38.22 27.12
CA CYS F 23 -0.71 37.92 26.68
C CYS F 23 -1.10 36.53 27.16
N LYS F 24 -2.24 36.45 27.82
CA LYS F 24 -2.74 35.23 28.46
C LYS F 24 -3.97 34.75 27.71
N ALA F 25 -3.96 33.50 27.28
CA ALA F 25 -5.09 32.90 26.60
C ALA F 25 -6.01 32.25 27.63
N SER F 26 -7.30 32.17 27.28
CA SER F 26 -8.25 31.52 28.17
C SER F 26 -8.02 30.01 28.24
N GLU F 27 -7.47 29.43 27.17
CA GLU F 27 -7.13 28.02 27.15
C GLU F 27 -5.84 27.84 26.38
N ASP F 28 -5.29 26.63 26.45
CA ASP F 28 -4.03 26.32 25.79
C ASP F 28 -4.20 26.37 24.28
N ILE F 29 -3.45 27.25 23.62
CA ILE F 29 -3.55 27.44 22.17
C ILE F 29 -2.39 26.80 21.43
N TYR F 30 -1.45 26.18 22.15
CA TYR F 30 -0.41 25.34 21.56
C TYR F 30 0.46 26.11 20.58
N ASN F 31 0.93 27.28 21.02
CA ASN F 31 1.82 28.16 20.27
C ASN F 31 1.18 28.67 18.98
N ARG F 32 -0.14 28.62 18.87
CA ARG F 32 -0.83 29.20 17.72
C ARG F 32 -1.12 30.67 18.02
N LEU F 33 -0.04 31.44 18.06
CA LEU F 33 -0.11 32.84 18.44
C LEU F 33 0.57 33.68 17.36
N ALA F 34 0.12 34.93 17.24
CA ALA F 34 0.75 35.89 16.37
C ALA F 34 0.85 37.22 17.11
N TRP F 35 1.94 37.93 16.85
CA TRP F 35 2.17 39.25 17.42
C TRP F 35 2.19 40.25 16.28
N PHE F 36 1.43 41.34 16.46
CA PHE F 36 1.24 42.38 15.47
C PHE F 36 1.61 43.73 16.06
N GLN F 37 2.26 44.56 15.26
CA GLN F 37 2.56 45.95 15.60
C GLN F 37 1.74 46.89 14.72
N GLN F 38 1.03 47.83 15.35
CA GLN F 38 0.17 48.77 14.64
C GLN F 38 0.45 50.18 15.13
N LYS F 39 1.09 50.97 14.28
CA LYS F 39 1.22 52.40 14.51
C LYS F 39 -0.09 53.10 14.15
N PRO F 40 -0.36 54.27 14.75
CA PRO F 40 -1.59 54.99 14.41
C PRO F 40 -1.66 55.36 12.94
N GLY F 41 -2.85 55.25 12.38
CA GLY F 41 -3.06 55.53 10.96
C GLY F 41 -2.56 54.46 10.01
N ASN F 42 -2.18 53.28 10.50
CA ASN F 42 -1.64 52.22 9.67
C ASN F 42 -2.29 50.90 10.04
N ALA F 43 -2.22 49.95 9.10
CA ALA F 43 -2.70 48.61 9.35
C ALA F 43 -1.72 47.85 10.24
N PRO F 44 -2.19 46.86 10.98
CA PRO F 44 -1.26 46.02 11.76
C PRO F 44 -0.29 45.27 10.86
N ARG F 45 0.94 45.14 11.32
CA ARG F 45 1.97 44.40 10.61
C ARG F 45 2.44 43.25 11.47
N LEU F 46 2.63 42.09 10.85
CA LEU F 46 2.95 40.90 11.61
C LEU F 46 4.38 40.97 12.13
N LEU F 47 4.54 40.66 13.41
CA LEU F 47 5.86 40.58 14.04
C LEU F 47 6.27 39.13 14.27
N ILE F 48 5.43 38.38 14.97
CA ILE F 48 5.74 36.99 15.31
C ILE F 48 4.64 36.08 14.77
N SER F 49 5.04 35.03 14.07
CA SER F 49 4.16 33.95 13.66
C SER F 49 4.45 32.74 14.52
N GLY F 50 3.40 32.12 15.06
CA GLY F 50 3.61 31.14 16.08
C GLY F 50 4.04 31.83 17.36
N ALA F 51 4.57 31.03 18.29
CA ALA F 51 5.03 31.62 19.54
C ALA F 51 6.33 32.38 19.35
N THR F 52 7.22 31.88 18.49
CA THR F 52 8.59 32.39 18.42
C THR F 52 9.04 32.82 17.03
N SER F 53 8.45 32.32 15.95
CA SER F 53 9.01 32.53 14.62
C SER F 53 8.78 33.97 14.17
N LEU F 54 9.87 34.67 13.86
CA LEU F 54 9.80 36.05 13.43
C LEU F 54 9.43 36.15 11.96
N GLU F 55 8.72 37.22 11.60
CA GLU F 55 8.52 37.58 10.21
C GLU F 55 9.83 38.04 9.61
N THR F 56 10.03 37.76 8.32
CA THR F 56 11.33 37.98 7.69
C THR F 56 11.72 39.46 7.66
N GLY F 57 10.76 40.38 7.73
CA GLY F 57 11.05 41.79 7.75
C GLY F 57 11.22 42.40 9.13
N VAL F 58 11.12 41.60 10.18
CA VAL F 58 11.14 42.10 11.55
C VAL F 58 12.56 42.10 12.09
N PRO F 59 12.99 43.18 12.75
CA PRO F 59 14.32 43.19 13.37
C PRO F 59 14.43 42.14 14.46
N SER F 60 15.67 41.67 14.67
CA SER F 60 15.92 40.60 15.62
C SER F 60 15.67 41.00 17.07
N ARG F 61 15.51 42.29 17.36
CA ARG F 61 15.24 42.72 18.72
C ARG F 61 13.87 42.26 19.21
N PHE F 62 12.94 41.98 18.28
CA PHE F 62 11.65 41.41 18.65
C PHE F 62 11.82 39.91 18.84
N SER F 63 11.51 39.42 20.04
CA SER F 63 11.66 38.02 20.39
C SER F 63 10.33 37.49 20.91
N GLY F 64 9.89 36.37 20.34
CA GLY F 64 8.65 35.73 20.76
C GLY F 64 8.95 34.57 21.69
N SER F 65 8.09 34.38 22.68
CA SER F 65 8.25 33.30 23.64
C SER F 65 6.89 33.01 24.23
N GLY F 66 6.77 31.84 24.86
CA GLY F 66 5.51 31.50 25.49
C GLY F 66 5.32 30.01 25.59
N SER F 67 4.44 29.62 26.50
CA SER F 67 4.11 28.23 26.76
C SER F 67 2.72 28.15 27.35
N GLY F 68 1.94 27.19 26.86
CA GLY F 68 0.61 26.98 27.38
C GLY F 68 -0.30 28.13 27.03
N LYS F 69 -0.74 28.83 28.08
CA LYS F 69 -1.59 29.99 27.96
C LYS F 69 -0.81 31.29 27.96
N ASP F 70 0.39 31.32 28.52
CA ASP F 70 1.13 32.57 28.71
C ASP F 70 2.10 32.79 27.56
N TYR F 71 2.08 34.00 26.98
CA TYR F 71 3.00 34.32 25.89
C TYR F 71 3.58 35.70 26.11
N THR F 72 4.77 35.94 25.55
CA THR F 72 5.53 37.15 25.79
C THR F 72 6.25 37.61 24.54
N LEU F 73 6.09 38.89 24.23
CA LEU F 73 6.85 39.58 23.19
C LEU F 73 7.86 40.48 23.86
N SER F 74 9.12 40.37 23.46
CA SER F 74 10.23 41.08 24.09
C SER F 74 10.95 41.94 23.08
N ILE F 75 11.28 43.17 23.49
CA ILE F 75 12.11 44.08 22.71
C ILE F 75 13.37 44.32 23.51
N THR F 76 14.49 43.82 23.02
CA THR F 76 15.73 43.87 23.78
C THR F 76 16.27 45.30 23.91
N SER F 77 16.04 46.13 22.89
CA SER F 77 16.51 47.52 22.91
C SER F 77 15.42 48.36 22.25
N LEU F 78 14.64 49.05 23.06
CA LEU F 78 13.51 49.81 22.55
C LEU F 78 14.00 51.00 21.75
N GLN F 79 13.45 51.16 20.55
CA GLN F 79 13.77 52.28 19.68
C GLN F 79 12.53 53.16 19.49
N THR F 80 12.74 54.29 18.81
CA THR F 80 11.64 55.23 18.58
C THR F 80 10.63 54.70 17.58
N GLU F 81 11.04 53.78 16.71
CA GLU F 81 10.11 53.20 15.74
C GLU F 81 9.28 52.07 16.31
N ASP F 82 9.58 51.61 17.52
CA ASP F 82 8.84 50.54 18.16
C ASP F 82 7.67 51.04 18.99
N VAL F 83 7.44 52.35 19.02
CA VAL F 83 6.35 52.94 19.80
C VAL F 83 5.06 52.74 18.99
N ALA F 84 4.29 51.71 19.34
CA ALA F 84 3.06 51.40 18.64
C ALA F 84 2.21 50.51 19.55
N THR F 85 1.02 50.15 19.06
CA THR F 85 0.14 49.25 19.78
C THR F 85 0.40 47.81 19.35
N TYR F 86 0.55 46.91 20.31
CA TYR F 86 0.91 45.53 20.03
C TYR F 86 -0.27 44.63 20.36
N TYR F 87 -0.66 43.80 19.39
CA TYR F 87 -1.79 42.90 19.52
C TYR F 87 -1.35 41.45 19.44
N CYS F 88 -1.89 40.64 20.34
CA CYS F 88 -1.73 39.19 20.29
C CYS F 88 -2.98 38.57 19.69
N GLN F 89 -2.80 37.73 18.69
CA GLN F 89 -3.88 37.00 18.04
C GLN F 89 -3.68 35.51 18.27
N GLN F 90 -4.74 34.83 18.68
CA GLN F 90 -4.71 33.38 18.70
C GLN F 90 -5.31 32.85 17.41
N TYR F 91 -4.74 31.77 16.89
CA TYR F 91 -5.33 31.07 15.76
C TYR F 91 -5.40 29.58 16.04
N TRP F 92 -5.87 29.25 17.25
CA TRP F 92 -6.12 27.86 17.63
C TRP F 92 -7.55 27.45 17.31
N SER F 93 -8.51 28.30 17.64
CA SER F 93 -9.93 28.00 17.49
C SER F 93 -10.56 28.91 16.43
N SER F 94 -11.69 28.44 15.90
CA SER F 94 -12.35 29.14 14.81
C SER F 94 -12.77 30.58 15.11
N PRO F 95 -13.34 30.92 16.28
CA PRO F 95 -13.60 32.34 16.57
C PRO F 95 -12.32 33.09 16.90
N TRP F 96 -11.61 33.53 15.87
CA TRP F 96 -10.30 34.13 16.05
C TRP F 96 -10.40 35.48 16.74
N THR F 97 -9.60 35.66 17.79
CA THR F 97 -9.68 36.81 18.66
C THR F 97 -8.30 37.43 18.83
N PHE F 98 -8.29 38.73 19.06
CA PHE F 98 -7.08 39.50 19.31
C PHE F 98 -7.04 39.92 20.78
N GLY F 99 -5.87 40.38 21.21
CA GLY F 99 -5.71 40.90 22.55
C GLY F 99 -6.30 42.28 22.68
N GLY F 100 -6.23 42.81 23.90
CA GLY F 100 -6.77 44.13 24.15
C GLY F 100 -6.01 45.26 23.49
N GLY F 101 -4.75 45.01 23.14
CA GLY F 101 -3.91 46.06 22.58
C GLY F 101 -3.08 46.76 23.63
N THR F 102 -1.76 46.70 23.49
CA THR F 102 -0.84 47.32 24.43
C THR F 102 -0.22 48.55 23.77
N LYS F 103 -0.73 49.73 24.10
CA LYS F 103 -0.23 50.97 23.52
C LYS F 103 1.06 51.34 24.24
N LEU F 104 2.19 51.06 23.59
CA LEU F 104 3.49 51.33 24.18
C LEU F 104 3.79 52.82 24.18
N GLU F 105 4.37 53.31 25.27
CA GLU F 105 4.68 54.72 25.42
C GLU F 105 6.10 54.89 25.94
N ILE F 106 6.61 56.11 25.84
CA ILE F 106 7.93 56.48 26.31
C ILE F 106 7.78 57.34 27.55
N LYS F 107 8.57 57.05 28.57
CA LYS F 107 8.56 57.83 29.81
C LYS F 107 8.97 59.27 29.55
N ILE G 27 37.37 -7.26 1.15
CA ILE G 27 36.07 -6.81 1.63
C ILE G 27 35.85 -5.36 1.23
N LEU G 28 34.80 -4.75 1.78
CA LEU G 28 34.51 -3.35 1.51
C LEU G 28 35.54 -2.46 2.19
N HIS G 29 35.92 -1.38 1.50
CA HIS G 29 36.87 -0.42 2.04
C HIS G 29 36.10 0.58 2.89
N TYR G 30 35.87 0.22 4.16
CA TYR G 30 34.97 1.00 5.01
C TYR G 30 35.53 2.37 5.33
N GLU G 31 36.85 2.53 5.35
CA GLU G 31 37.44 3.83 5.67
C GLU G 31 37.15 4.86 4.58
N LYS G 32 37.40 4.48 3.33
CA LYS G 32 37.14 5.39 2.22
C LYS G 32 35.64 5.61 2.03
N LEU G 33 34.84 4.58 2.28
CA LEU G 33 33.39 4.74 2.22
C LEU G 33 32.90 5.71 3.28
N SER G 34 33.48 5.63 4.49
CA SER G 34 33.12 6.56 5.55
C SER G 34 33.55 7.98 5.22
N LYS G 35 34.72 8.12 4.58
CA LYS G 35 35.12 9.45 4.10
C LYS G 35 34.14 9.96 3.05
N ILE G 36 33.55 9.06 2.26
CA ILE G 36 32.52 9.40 1.28
C ILE G 36 31.18 9.63 1.96
N GLY G 37 31.05 9.23 3.23
CA GLY G 37 29.83 9.40 3.99
C GLY G 37 29.01 8.15 4.16
N LEU G 38 29.54 6.99 3.79
CA LEU G 38 28.85 5.72 3.92
C LEU G 38 29.39 5.04 5.17
N VAL G 39 28.95 5.53 6.33
CA VAL G 39 29.44 4.98 7.60
C VAL G 39 28.89 3.58 7.79
N LYS G 40 29.76 2.62 8.06
CA LYS G 40 29.27 1.25 8.12
C LYS G 40 28.40 1.05 9.35
N GLY G 41 27.29 0.33 9.17
CA GLY G 41 26.35 0.04 10.22
C GLY G 41 26.51 -1.35 10.78
N VAL G 42 25.39 -1.93 11.21
CA VAL G 42 25.41 -3.28 11.78
C VAL G 42 25.43 -4.32 10.67
N THR G 43 26.11 -5.43 10.96
CA THR G 43 26.20 -6.55 10.03
C THR G 43 25.11 -7.55 10.38
N ARG G 44 24.34 -7.98 9.38
CA ARG G 44 23.18 -8.82 9.60
C ARG G 44 23.34 -10.15 8.88
N LYS G 45 22.83 -11.20 9.49
CA LYS G 45 22.89 -12.52 8.89
C LYS G 45 21.93 -12.58 7.71
N TYR G 46 22.20 -13.50 6.79
CA TYR G 46 21.33 -13.74 5.65
C TYR G 46 20.66 -15.09 5.85
N LYS G 47 19.34 -15.08 6.00
CA LYS G 47 18.58 -16.32 6.17
C LYS G 47 17.34 -16.28 5.30
N ILE G 48 17.03 -17.45 4.73
CA ILE G 48 15.94 -17.59 3.77
C ILE G 48 15.02 -18.73 4.22
N LYS G 49 13.73 -18.55 3.96
CA LYS G 49 12.74 -19.58 4.19
C LYS G 49 13.09 -20.87 3.47
N SER G 50 13.04 -22.00 4.18
CA SER G 50 13.35 -23.28 3.57
C SER G 50 12.71 -24.39 4.40
N ASN G 51 12.54 -25.55 3.77
CA ASN G 51 12.03 -26.76 4.41
C ASN G 51 10.69 -26.52 5.10
N PRO G 52 9.61 -26.33 4.35
CA PRO G 52 8.30 -26.03 4.96
C PRO G 52 7.60 -27.30 5.40
N LEU G 53 7.07 -27.29 6.62
CA LEU G 53 6.21 -28.35 7.13
C LEU G 53 4.75 -27.98 6.90
N THR G 54 3.92 -28.98 6.63
CA THR G 54 2.57 -28.76 6.14
C THR G 54 1.54 -29.16 7.19
N LYS G 55 0.59 -28.28 7.45
CA LYS G 55 -0.60 -28.60 8.23
C LYS G 55 -1.83 -28.20 7.45
N ASP G 56 -2.86 -29.04 7.45
CA ASP G 56 -4.07 -28.75 6.71
C ASP G 56 -5.16 -28.23 7.64
N ILE G 57 -5.81 -27.14 7.24
CA ILE G 57 -6.89 -26.54 8.00
C ILE G 57 -8.09 -26.39 7.09
N VAL G 58 -9.26 -26.26 7.71
CA VAL G 58 -10.51 -26.01 7.01
C VAL G 58 -11.00 -24.63 7.41
N ILE G 59 -11.30 -23.80 6.43
CA ILE G 59 -11.90 -22.50 6.64
C ILE G 59 -13.30 -22.54 6.04
N LYS G 60 -14.31 -22.66 6.91
CA LYS G 60 -15.70 -22.64 6.48
C LYS G 60 -16.12 -21.18 6.29
N MET G 61 -16.44 -20.80 5.06
CA MET G 61 -16.69 -19.42 4.72
C MET G 61 -18.14 -19.01 4.95
N ILE G 62 -18.97 -19.90 5.49
CA ILE G 62 -20.35 -19.58 5.81
C ILE G 62 -20.59 -19.91 7.29
N PRO G 63 -21.23 -19.01 8.05
CA PRO G 63 -21.52 -19.32 9.45
C PRO G 63 -22.72 -20.24 9.60
N ASN G 64 -22.81 -20.84 10.79
CA ASN G 64 -23.95 -21.69 11.13
C ASN G 64 -25.00 -20.84 11.82
N VAL G 65 -26.16 -20.71 11.21
CA VAL G 65 -27.24 -19.87 11.71
C VAL G 65 -28.39 -20.74 12.22
N SER G 66 -28.06 -21.95 12.70
CA SER G 66 -29.10 -22.87 13.15
C SER G 66 -29.86 -22.32 14.35
N ASN G 67 -29.16 -21.67 15.27
CA ASN G 67 -29.82 -21.12 16.45
C ASN G 67 -30.64 -19.87 16.16
N MET G 68 -30.51 -19.28 14.98
CA MET G 68 -31.28 -18.11 14.60
C MET G 68 -31.93 -18.29 13.23
N SER G 69 -32.23 -19.54 12.87
CA SER G 69 -32.76 -19.81 11.54
C SER G 69 -34.14 -19.22 11.35
N GLN G 70 -34.95 -19.18 12.42
CA GLN G 70 -36.28 -18.60 12.29
C GLN G 70 -36.22 -17.10 12.07
N CYS G 71 -35.10 -16.45 12.41
CA CYS G 71 -34.92 -15.02 12.23
C CYS G 71 -33.81 -14.72 11.24
N THR G 72 -33.77 -15.47 10.15
CA THR G 72 -32.70 -15.36 9.14
C THR G 72 -33.19 -14.85 7.81
N GLY G 73 -34.32 -15.35 7.31
CA GLY G 73 -34.84 -14.89 6.04
C GLY G 73 -34.07 -15.51 4.87
N SER G 74 -34.00 -14.76 3.78
CA SER G 74 -33.37 -15.22 2.55
C SER G 74 -31.97 -14.66 2.37
N VAL G 75 -31.39 -14.06 3.40
CA VAL G 75 -30.06 -13.48 3.29
C VAL G 75 -29.00 -14.57 3.13
N MET G 76 -29.23 -15.74 3.72
CA MET G 76 -28.26 -16.83 3.61
C MET G 76 -28.23 -17.40 2.20
N GLU G 77 -29.38 -17.46 1.53
CA GLU G 77 -29.40 -17.94 0.15
C GLU G 77 -28.67 -16.98 -0.78
N ASN G 78 -28.88 -15.68 -0.61
CA ASN G 78 -28.15 -14.69 -1.40
C ASN G 78 -26.66 -14.76 -1.12
N TYR G 79 -26.29 -14.93 0.16
CA TYR G 79 -24.88 -15.08 0.50
C TYR G 79 -24.29 -16.33 -0.12
N LYS G 80 -25.05 -17.43 -0.14
CA LYS G 80 -24.58 -18.66 -0.76
C LYS G 80 -24.36 -18.46 -2.25
N THR G 81 -25.28 -17.77 -2.92
CA THR G 81 -25.12 -17.51 -4.35
C THR G 81 -23.88 -16.65 -4.62
N ARG G 82 -23.70 -15.59 -3.83
CA ARG G 82 -22.54 -14.72 -4.03
C ARG G 82 -21.24 -15.46 -3.75
N LEU G 83 -21.19 -16.25 -2.67
CA LEU G 83 -19.99 -16.97 -2.32
C LEU G 83 -19.69 -18.09 -3.31
N ASN G 84 -20.73 -18.73 -3.86
CA ASN G 84 -20.53 -19.73 -4.90
C ASN G 84 -19.95 -19.08 -6.15
N GLY G 85 -20.48 -17.91 -6.53
CA GLY G 85 -19.90 -17.20 -7.66
C GLY G 85 -18.46 -16.79 -7.43
N ILE G 86 -18.11 -16.45 -6.19
CA ILE G 86 -16.73 -16.10 -5.88
C ILE G 86 -15.83 -17.32 -5.93
N LEU G 87 -16.27 -18.44 -5.35
CA LEU G 87 -15.42 -19.61 -5.17
C LEU G 87 -15.37 -20.52 -6.39
N THR G 88 -16.28 -20.37 -7.34
CA THR G 88 -16.28 -21.24 -8.51
C THR G 88 -15.03 -21.10 -9.38
N PRO G 89 -14.53 -19.89 -9.68
CA PRO G 89 -13.26 -19.81 -10.43
C PRO G 89 -12.09 -20.44 -9.71
N ILE G 90 -12.04 -20.37 -8.37
CA ILE G 90 -10.94 -20.98 -7.63
C ILE G 90 -10.98 -22.51 -7.81
N LYS G 91 -12.16 -23.10 -7.66
CA LYS G 91 -12.29 -24.54 -7.86
C LYS G 91 -11.98 -24.93 -9.30
N GLY G 92 -12.39 -24.10 -10.27
CA GLY G 92 -12.03 -24.39 -11.64
C GLY G 92 -10.52 -24.37 -11.87
N ALA G 93 -9.84 -23.39 -11.30
CA ALA G 93 -8.38 -23.33 -11.43
C ALA G 93 -7.71 -24.51 -10.74
N LEU G 94 -8.29 -24.99 -9.63
CA LEU G 94 -7.74 -26.18 -8.98
C LEU G 94 -7.92 -27.42 -9.85
N GLU G 95 -9.14 -27.66 -10.35
CA GLU G 95 -9.39 -28.81 -11.21
C GLU G 95 -8.79 -28.69 -12.60
N ILE G 96 -8.20 -27.56 -12.96
CA ILE G 96 -7.22 -27.57 -14.05
C ILE G 96 -6.07 -28.52 -13.73
N TYR G 97 -5.62 -28.53 -12.47
CA TYR G 97 -4.48 -29.35 -12.09
C TYR G 97 -4.87 -30.66 -11.41
N LYS G 98 -6.10 -30.78 -10.92
CA LYS G 98 -6.54 -32.05 -10.34
C LYS G 98 -6.65 -33.13 -11.40
N ASN G 99 -7.33 -32.83 -12.51
CA ASN G 99 -7.63 -33.84 -13.51
C ASN G 99 -6.45 -34.10 -14.43
N ASN G 100 -5.48 -33.18 -14.49
CA ASN G 100 -4.33 -33.31 -15.37
C ASN G 100 -3.08 -33.78 -14.63
N THR G 101 -3.22 -34.22 -13.39
CA THR G 101 -2.10 -34.71 -12.59
C THR G 101 -2.49 -36.04 -11.98
N HIS G 102 -1.58 -37.01 -12.03
CA HIS G 102 -1.87 -38.36 -11.58
C HIS G 102 -0.60 -39.02 -11.07
N ASP G 103 -0.77 -40.06 -10.28
CA ASP G 103 0.36 -40.80 -9.74
C ASP G 103 1.02 -41.63 -10.83
N CYS G 104 2.33 -41.80 -10.71
CA CYS G 104 3.10 -42.62 -11.63
C CYS G 104 4.38 -43.14 -10.97
N GLY G 112 6.99 -39.50 -8.35
CA GLY G 112 5.89 -40.34 -8.80
C GLY G 112 4.62 -39.57 -9.08
N VAL G 113 4.76 -38.28 -9.36
CA VAL G 113 3.65 -37.39 -9.66
C VAL G 113 3.80 -36.92 -11.09
N CYS G 114 2.87 -37.35 -11.95
CA CYS G 114 2.93 -37.07 -13.39
C CYS G 114 1.81 -36.10 -13.77
N MET G 115 2.14 -35.13 -14.62
CA MET G 115 1.14 -34.23 -15.18
C MET G 115 1.06 -34.36 -16.69
N ALA G 116 -0.13 -34.15 -17.22
CA ALA G 116 -0.37 -33.99 -18.65
C ALA G 116 -0.12 -32.52 -18.98
N GLY G 117 1.14 -32.18 -19.26
CA GLY G 117 1.46 -30.82 -19.62
C GLY G 117 0.88 -30.39 -20.95
N VAL G 118 0.50 -31.35 -21.79
CA VAL G 118 -0.22 -31.03 -23.02
C VAL G 118 -1.57 -30.41 -22.68
N ALA G 119 -2.28 -31.01 -21.71
CA ALA G 119 -3.58 -30.49 -21.32
C ALA G 119 -3.46 -29.19 -20.53
N ILE G 120 -2.44 -29.08 -19.69
CA ILE G 120 -2.22 -27.83 -18.98
C ILE G 120 -1.86 -26.72 -19.96
N GLY G 121 -1.00 -27.01 -20.92
CA GLY G 121 -0.68 -26.07 -21.98
C GLY G 121 0.39 -25.06 -21.62
N ILE G 122 0.04 -24.06 -20.83
CA ILE G 122 0.94 -22.97 -20.48
C ILE G 122 1.01 -22.88 -18.97
N ALA G 123 2.24 -22.95 -18.43
CA ALA G 123 2.44 -22.86 -17.00
C ALA G 123 3.88 -22.45 -16.74
N THR G 124 4.13 -21.94 -15.55
CA THR G 124 5.47 -21.60 -15.10
C THR G 124 6.02 -22.70 -14.20
N ALA G 125 7.30 -22.56 -13.84
CA ALA G 125 7.92 -23.52 -12.94
C ALA G 125 7.26 -23.50 -11.58
N ALA G 126 6.99 -22.29 -11.06
CA ALA G 126 6.36 -22.17 -9.75
C ALA G 126 4.96 -22.74 -9.75
N GLN G 127 4.19 -22.50 -10.82
CA GLN G 127 2.84 -23.02 -10.91
C GLN G 127 2.84 -24.55 -11.00
N ILE G 128 3.80 -25.11 -11.73
CA ILE G 128 3.89 -26.56 -11.84
C ILE G 128 4.29 -27.19 -10.52
N THR G 129 5.25 -26.58 -9.82
CA THR G 129 5.62 -27.07 -8.49
C THR G 129 4.44 -26.99 -7.53
N ALA G 130 3.68 -25.90 -7.61
CA ALA G 130 2.47 -25.77 -6.81
C ALA G 130 1.43 -26.82 -7.16
N GLY G 131 1.34 -27.20 -8.44
CA GLY G 131 0.46 -28.30 -8.82
C GLY G 131 0.90 -29.64 -8.25
N VAL G 132 2.21 -29.88 -8.22
CA VAL G 132 2.72 -31.07 -7.55
C VAL G 132 2.35 -31.07 -6.07
N ALA G 133 2.53 -29.92 -5.41
CA ALA G 133 2.17 -29.81 -4.00
C ALA G 133 0.67 -30.02 -3.78
N LEU G 134 -0.15 -29.50 -4.70
CA LEU G 134 -1.59 -29.67 -4.61
C LEU G 134 -1.97 -31.14 -4.72
N TYR G 135 -1.38 -31.85 -5.68
CA TYR G 135 -1.69 -33.26 -5.83
C TYR G 135 -1.19 -34.07 -4.65
N GLU G 136 -0.06 -33.68 -4.06
CA GLU G 136 0.40 -34.33 -2.84
C GLU G 136 -0.57 -34.09 -1.68
N ALA G 137 -1.18 -32.90 -1.64
CA ALA G 137 -2.11 -32.57 -0.56
C ALA G 137 -3.49 -33.18 -0.74
N MET G 138 -3.83 -33.63 -1.96
CA MET G 138 -5.18 -34.14 -2.20
C MET G 138 -5.54 -35.35 -1.35
N LYS G 139 -4.56 -36.18 -0.95
CA LYS G 139 -4.90 -37.33 -0.13
C LYS G 139 -5.40 -36.90 1.25
N ASN G 140 -4.71 -35.94 1.87
CA ASN G 140 -5.20 -35.42 3.14
C ASN G 140 -6.46 -34.59 2.96
N ALA G 141 -6.62 -33.98 1.78
CA ALA G 141 -7.86 -33.28 1.48
C ALA G 141 -9.04 -34.24 1.47
N ASP G 142 -8.87 -35.42 0.87
CA ASP G 142 -9.93 -36.43 0.89
C ASP G 142 -10.16 -36.97 2.30
N ASN G 143 -9.09 -37.17 3.06
CA ASN G 143 -9.26 -37.61 4.45
C ASN G 143 -10.06 -36.60 5.26
N ILE G 144 -9.84 -35.30 5.00
CA ILE G 144 -10.62 -34.27 5.66
C ILE G 144 -12.06 -34.26 5.14
N ASN G 145 -12.24 -34.38 3.83
CA ASN G 145 -13.57 -34.33 3.23
C ASN G 145 -14.43 -35.49 3.67
N LYS G 146 -13.84 -36.57 4.19
CA LYS G 146 -14.65 -37.59 4.84
C LYS G 146 -15.33 -37.06 6.10
N LEU G 147 -14.90 -35.91 6.61
CA LEU G 147 -15.58 -35.21 7.71
C LEU G 147 -16.45 -34.06 7.21
N LYS G 148 -17.07 -34.21 6.04
CA LYS G 148 -17.84 -33.10 5.47
C LYS G 148 -19.03 -32.73 6.35
N SER G 149 -19.76 -33.73 6.85
CA SER G 149 -20.91 -33.46 7.71
C SER G 149 -20.49 -32.83 9.02
N SER G 150 -19.35 -33.26 9.57
CA SER G 150 -18.85 -32.66 10.80
C SER G 150 -18.42 -31.22 10.57
N ILE G 151 -17.84 -30.93 9.40
CA ILE G 151 -17.47 -29.55 9.07
C ILE G 151 -18.73 -28.70 8.96
N GLU G 152 -19.78 -29.22 8.32
CA GLU G 152 -21.03 -28.47 8.20
C GLU G 152 -21.66 -28.20 9.56
N SER G 153 -21.52 -29.13 10.51
CA SER G 153 -22.19 -29.05 11.80
C SER G 153 -21.48 -28.15 12.79
N THR G 154 -20.31 -27.60 12.43
CA THR G 154 -19.57 -26.76 13.35
C THR G 154 -20.34 -25.48 13.68
N ASN G 155 -20.45 -25.18 14.97
CA ASN G 155 -21.16 -23.99 15.44
C ASN G 155 -20.29 -23.15 16.36
N GLU G 156 -18.97 -23.28 16.24
CA GLU G 156 -18.03 -22.44 16.96
C GLU G 156 -17.00 -21.94 15.96
N ALA G 157 -16.36 -20.81 16.29
CA ALA G 157 -15.39 -20.23 15.36
C ALA G 157 -14.17 -21.10 15.19
N VAL G 158 -13.73 -21.79 16.25
CA VAL G 158 -12.63 -22.74 16.18
C VAL G 158 -13.12 -24.08 16.72
N VAL G 159 -13.11 -25.10 15.87
CA VAL G 159 -13.55 -26.44 16.23
C VAL G 159 -12.48 -27.43 15.81
N LYS G 160 -12.10 -28.32 16.71
CA LYS G 160 -11.14 -29.38 16.37
C LYS G 160 -11.92 -30.65 16.05
N LEU G 161 -11.76 -31.14 14.82
CA LEU G 161 -12.38 -32.39 14.39
C LEU G 161 -11.32 -33.49 14.44
N GLN G 162 -11.58 -34.50 15.27
CA GLN G 162 -10.68 -35.62 15.46
C GLN G 162 -11.53 -36.86 15.75
N GLU G 163 -11.84 -37.62 14.71
CA GLU G 163 -12.49 -38.92 14.87
C GLU G 163 -11.46 -40.02 15.10
N THR G 164 -10.46 -40.09 14.25
CA THR G 164 -9.31 -40.97 14.41
C THR G 164 -8.04 -40.14 14.21
N ALA G 165 -6.89 -40.80 14.29
CA ALA G 165 -5.63 -40.12 14.02
C ALA G 165 -5.50 -39.71 12.56
N GLU G 166 -6.24 -40.36 11.66
CA GLU G 166 -6.18 -40.01 10.25
C GLU G 166 -6.77 -38.61 9.99
N LYS G 167 -7.76 -38.21 10.76
CA LYS G 167 -8.50 -36.96 10.53
C LYS G 167 -8.48 -36.11 11.81
N THR G 168 -7.49 -35.23 11.89
CA THR G 168 -7.21 -34.37 13.05
C THR G 168 -7.15 -32.91 12.63
N VAL G 169 -8.17 -32.47 11.89
CA VAL G 169 -8.14 -31.13 11.29
C VAL G 169 -8.79 -30.10 12.20
N TYR G 170 -8.38 -28.84 12.03
CA TYR G 170 -9.00 -27.71 12.71
C TYR G 170 -9.87 -26.94 11.72
N VAL G 171 -11.10 -26.62 12.13
CA VAL G 171 -12.06 -25.91 11.31
C VAL G 171 -12.24 -24.52 11.90
N PHE G 172 -12.08 -23.50 11.07
CA PHE G 172 -12.28 -22.11 11.45
C PHE G 172 -13.48 -21.59 10.69
N THR G 173 -14.45 -21.03 11.39
CA THR G 173 -15.67 -20.52 10.76
C THR G 173 -15.61 -19.01 10.66
N ALA G 174 -16.00 -18.47 9.50
CA ALA G 174 -15.72 -17.09 9.16
C ALA G 174 -16.40 -16.11 10.11
N LEU G 175 -17.70 -16.28 10.36
CA LEU G 175 -18.44 -15.32 11.15
C LEU G 175 -19.20 -15.96 12.31
N GLN G 176 -18.77 -17.14 12.75
CA GLN G 176 -19.52 -17.86 13.78
C GLN G 176 -19.49 -17.13 15.10
N ASP G 177 -18.36 -16.50 15.45
CA ASP G 177 -18.27 -15.79 16.72
C ASP G 177 -19.26 -14.63 16.77
N TYR G 178 -19.36 -13.86 15.67
CA TYR G 178 -20.31 -12.75 15.64
C TYR G 178 -21.74 -13.24 15.81
N ILE G 179 -22.09 -14.33 15.13
CA ILE G 179 -23.43 -14.91 15.29
C ILE G 179 -23.67 -15.26 16.76
N ASN G 180 -22.83 -16.15 17.30
CA ASN G 180 -23.07 -16.67 18.63
C ASN G 180 -23.01 -15.60 19.71
N THR G 181 -22.24 -14.52 19.49
CA THR G 181 -22.08 -13.49 20.50
C THR G 181 -23.12 -12.37 20.40
N ASN G 182 -23.46 -11.93 19.19
CA ASN G 182 -24.33 -10.78 19.00
C ASN G 182 -25.74 -11.17 18.56
N LEU G 183 -25.88 -11.96 17.50
CA LEU G 183 -27.18 -12.10 16.87
C LEU G 183 -28.08 -13.04 17.64
N VAL G 184 -27.54 -14.17 18.10
CA VAL G 184 -28.34 -15.11 18.87
C VAL G 184 -28.84 -14.53 20.18
N PRO G 185 -28.03 -13.82 20.99
CA PRO G 185 -28.57 -13.19 22.20
C PRO G 185 -29.61 -12.11 21.92
N THR G 186 -29.62 -11.51 20.74
CA THR G 186 -30.51 -10.41 20.43
C THR G 186 -31.73 -10.84 19.61
N ILE G 187 -32.02 -12.15 19.57
CA ILE G 187 -33.22 -12.61 18.87
C ILE G 187 -34.48 -12.07 19.55
N ASP G 188 -34.52 -12.12 20.87
CA ASP G 188 -35.69 -11.68 21.62
C ASP G 188 -35.63 -10.21 22.02
N LYS G 189 -34.51 -9.53 21.78
CA LYS G 189 -34.38 -8.14 22.18
C LYS G 189 -34.76 -7.16 21.08
N ILE G 190 -34.51 -7.51 19.83
CA ILE G 190 -34.80 -6.63 18.70
C ILE G 190 -35.74 -7.37 17.76
N PRO G 191 -36.48 -6.65 16.92
CA PRO G 191 -37.26 -7.32 15.87
C PRO G 191 -36.37 -8.13 14.96
N CYS G 192 -36.85 -9.31 14.56
CA CYS G 192 -36.01 -10.23 13.82
C CYS G 192 -35.69 -9.74 12.42
N LYS G 193 -36.44 -8.78 11.90
CA LYS G 193 -36.02 -8.15 10.64
C LYS G 193 -34.70 -7.42 10.83
N GLN G 194 -34.51 -6.77 11.98
CA GLN G 194 -33.23 -6.14 12.28
C GLN G 194 -32.13 -7.18 12.39
N THR G 195 -32.42 -8.36 12.95
CA THR G 195 -31.44 -9.43 13.01
C THR G 195 -31.07 -9.91 11.61
N GLU G 196 -32.06 -10.03 10.72
CA GLU G 196 -31.77 -10.40 9.34
C GLU G 196 -30.90 -9.37 8.66
N LEU G 197 -31.22 -8.08 8.85
CA LEU G 197 -30.44 -7.01 8.24
C LEU G 197 -29.01 -7.00 8.77
N SER G 198 -28.84 -7.25 10.07
CA SER G 198 -27.51 -7.29 10.65
C SER G 198 -26.70 -8.48 10.15
N LEU G 199 -27.34 -9.64 10.03
CA LEU G 199 -26.67 -10.79 9.45
C LEU G 199 -26.24 -10.51 8.01
N ASP G 200 -27.13 -9.89 7.23
CA ASP G 200 -26.80 -9.56 5.85
C ASP G 200 -25.65 -8.57 5.78
N LEU G 201 -25.65 -7.56 6.67
CA LEU G 201 -24.58 -6.57 6.67
C LEU G 201 -23.25 -7.20 7.08
N ALA G 202 -23.27 -8.08 8.08
CA ALA G 202 -22.03 -8.75 8.48
C ALA G 202 -21.49 -9.63 7.37
N LEU G 203 -22.37 -10.38 6.69
CA LEU G 203 -21.94 -11.22 5.58
C LEU G 203 -21.40 -10.38 4.44
N SER G 204 -22.03 -9.24 4.15
CA SER G 204 -21.57 -8.39 3.06
C SER G 204 -20.26 -7.71 3.40
N LYS G 205 -20.06 -7.33 4.67
CA LYS G 205 -18.76 -6.78 5.07
C LYS G 205 -17.68 -7.85 5.00
N TYR G 206 -18.01 -9.08 5.39
CA TYR G 206 -17.06 -10.18 5.23
C TYR G 206 -16.70 -10.38 3.77
N LEU G 207 -17.68 -10.32 2.88
CA LEU G 207 -17.40 -10.45 1.45
C LEU G 207 -16.58 -9.29 0.92
N SER G 208 -16.82 -8.08 1.44
CA SER G 208 -16.02 -6.92 1.04
C SER G 208 -14.57 -7.10 1.45
N ASP G 209 -14.32 -7.58 2.66
CA ASP G 209 -12.96 -7.86 3.08
C ASP G 209 -12.36 -9.04 2.33
N LEU G 210 -13.20 -9.98 1.90
CA LEU G 210 -12.74 -11.19 1.24
C LEU G 210 -12.35 -10.95 -0.21
N LEU G 211 -13.07 -10.06 -0.89
CA LEU G 211 -12.91 -9.89 -2.34
C LEU G 211 -11.57 -9.26 -2.72
N PHE G 212 -10.92 -8.57 -1.79
CA PHE G 212 -9.59 -8.05 -2.05
C PHE G 212 -8.56 -9.16 -2.26
N VAL G 213 -8.83 -10.35 -1.72
CA VAL G 213 -7.88 -11.45 -1.71
C VAL G 213 -8.36 -12.62 -2.56
N PHE G 214 -9.60 -13.07 -2.34
CA PHE G 214 -10.14 -14.26 -2.99
C PHE G 214 -10.96 -13.94 -4.23
N GLY G 215 -11.01 -12.68 -4.64
CA GLY G 215 -11.75 -12.30 -5.82
C GLY G 215 -10.98 -12.59 -7.10
N PRO G 216 -11.19 -11.76 -8.12
CA PRO G 216 -10.44 -11.94 -9.37
C PRO G 216 -8.96 -11.61 -9.24
N ASN G 217 -8.55 -11.03 -8.12
CA ASN G 217 -7.12 -10.87 -7.84
C ASN G 217 -6.43 -12.23 -7.72
N LEU G 218 -7.14 -13.23 -7.20
CA LEU G 218 -6.60 -14.59 -7.09
C LEU G 218 -6.75 -15.30 -8.43
N GLN G 219 -5.91 -14.88 -9.38
CA GLN G 219 -5.89 -15.53 -10.68
C GLN G 219 -5.28 -16.92 -10.61
N ASP G 220 -4.31 -17.12 -9.73
CA ASP G 220 -3.59 -18.39 -9.59
C ASP G 220 -3.66 -18.89 -8.16
N PRO G 221 -4.78 -19.52 -7.79
CA PRO G 221 -4.88 -20.13 -6.45
C PRO G 221 -4.03 -21.38 -6.29
N VAL G 222 -3.48 -21.92 -7.38
CA VAL G 222 -2.60 -23.08 -7.29
C VAL G 222 -1.32 -22.75 -6.52
N SER G 223 -0.79 -21.55 -6.71
CA SER G 223 0.49 -21.19 -6.11
C SER G 223 0.43 -21.25 -4.59
N ASN G 224 1.54 -21.69 -3.98
CA ASN G 224 1.68 -21.76 -2.54
C ASN G 224 2.45 -20.58 -1.96
N SER G 225 2.67 -19.53 -2.75
CA SER G 225 3.30 -18.31 -2.26
C SER G 225 2.30 -17.38 -1.58
N MET G 226 1.02 -17.76 -1.53
CA MET G 226 -0.01 -16.95 -0.91
C MET G 226 0.15 -16.97 0.60
N THR G 227 0.40 -15.81 1.20
CA THR G 227 0.76 -15.74 2.61
C THR G 227 -0.45 -16.05 3.49
N ILE G 228 -0.17 -16.34 4.76
CA ILE G 228 -1.23 -16.71 5.69
C ILE G 228 -2.06 -15.50 6.10
N GLN G 229 -1.51 -14.28 6.01
CA GLN G 229 -2.31 -13.09 6.28
C GLN G 229 -3.44 -12.96 5.27
N ALA G 230 -3.14 -13.22 3.99
CA ALA G 230 -4.16 -13.12 2.95
C ALA G 230 -5.23 -14.18 3.11
N ILE G 231 -4.82 -15.41 3.44
CA ILE G 231 -5.78 -16.49 3.62
C ILE G 231 -6.62 -16.27 4.87
N SER G 232 -6.05 -15.59 5.88
CA SER G 232 -6.80 -15.27 7.08
C SER G 232 -7.97 -14.34 6.81
N GLN G 233 -7.99 -13.68 5.65
CA GLN G 233 -9.15 -12.87 5.28
C GLN G 233 -10.39 -13.72 5.07
N ALA G 234 -10.24 -15.02 4.85
CA ALA G 234 -11.36 -15.94 4.87
C ALA G 234 -11.83 -16.23 6.29
N PHE G 235 -11.05 -15.81 7.30
CA PHE G 235 -11.39 -15.91 8.71
C PHE G 235 -11.49 -14.52 9.34
N GLY G 236 -11.71 -13.50 8.53
CA GLY G 236 -11.80 -12.14 9.02
C GLY G 236 -10.49 -11.49 9.36
N GLY G 237 -9.38 -11.95 8.76
CA GLY G 237 -8.09 -11.36 9.03
C GLY G 237 -7.44 -11.82 10.32
N ASN G 238 -7.95 -12.88 10.94
CA ASN G 238 -7.41 -13.34 12.22
C ASN G 238 -6.44 -14.50 11.99
N TYR G 239 -5.25 -14.14 11.50
CA TYR G 239 -4.21 -15.16 11.34
C TYR G 239 -3.59 -15.53 12.67
N GLU G 240 -3.69 -14.67 13.68
CA GLU G 240 -3.17 -15.00 15.00
C GLU G 240 -3.90 -16.20 15.60
N THR G 241 -5.23 -16.22 15.46
CA THR G 241 -6.00 -17.37 15.94
C THR G 241 -5.57 -18.65 15.21
N LEU G 242 -5.45 -18.56 13.89
CA LEU G 242 -5.08 -19.73 13.10
C LEU G 242 -3.73 -20.29 13.53
N LEU G 243 -2.72 -19.43 13.61
CA LEU G 243 -1.37 -19.91 13.86
C LEU G 243 -1.14 -20.27 15.32
N ARG G 244 -1.79 -19.58 16.25
CA ARG G 244 -1.73 -19.97 17.64
C ARG G 244 -2.44 -21.29 17.88
N THR G 245 -3.55 -21.52 17.17
CA THR G 245 -4.27 -22.78 17.27
C THR G 245 -3.44 -23.93 16.69
N LEU G 246 -2.74 -23.67 15.58
CA LEU G 246 -1.86 -24.67 14.99
C LEU G 246 -0.63 -24.95 15.85
N GLY G 247 -0.32 -24.10 16.82
CA GLY G 247 0.80 -24.35 17.71
C GLY G 247 2.15 -23.96 17.15
N TYR G 248 2.25 -22.77 16.56
CA TYR G 248 3.48 -22.31 15.94
C TYR G 248 4.20 -21.25 16.76
N ALA G 249 3.85 -21.11 18.04
CA ALA G 249 4.41 -20.07 18.89
C ALA G 249 5.89 -20.33 19.17
N THR G 250 6.76 -19.54 18.55
CA THR G 250 8.21 -19.64 18.76
C THR G 250 8.81 -18.25 18.79
N GLU G 251 10.11 -18.18 19.04
CA GLU G 251 10.83 -16.91 18.96
C GLU G 251 10.95 -16.41 17.53
N ASP G 252 11.04 -17.33 16.56
CA ASP G 252 11.12 -16.97 15.15
C ASP G 252 9.75 -16.90 14.50
N PHE G 253 8.67 -17.08 15.26
CA PHE G 253 7.34 -17.07 14.68
C PHE G 253 7.00 -15.71 14.09
N ASP G 254 7.30 -14.63 14.81
CA ASP G 254 7.02 -13.29 14.29
C ASP G 254 7.93 -12.95 13.11
N ASP G 255 9.19 -13.42 13.14
CA ASP G 255 10.08 -13.21 12.00
C ASP G 255 9.58 -13.92 10.76
N LEU G 256 9.11 -15.17 10.92
CA LEU G 256 8.55 -15.89 9.79
C LEU G 256 7.24 -15.27 9.33
N LEU G 257 6.49 -14.70 10.27
CA LEU G 257 5.19 -14.11 9.96
C LEU G 257 5.34 -12.83 9.14
N GLU G 258 6.21 -11.92 9.59
CA GLU G 258 6.33 -10.61 8.96
C GLU G 258 7.27 -10.60 7.75
N SER G 259 7.99 -11.69 7.51
CA SER G 259 8.79 -11.83 6.30
C SER G 259 8.01 -12.53 5.19
N ASP G 260 6.71 -12.78 5.41
CA ASP G 260 5.85 -13.46 4.46
C ASP G 260 6.36 -14.87 4.14
N SER G 261 6.98 -15.51 5.13
CA SER G 261 7.49 -16.87 4.96
C SER G 261 6.43 -17.93 5.27
N ILE G 262 5.55 -17.67 6.23
CA ILE G 262 4.44 -18.57 6.50
C ILE G 262 3.37 -18.32 5.45
N THR G 263 3.24 -19.25 4.52
CA THR G 263 2.30 -19.15 3.42
C THR G 263 1.39 -20.36 3.42
N GLY G 264 0.29 -20.25 2.68
CA GLY G 264 -0.65 -21.35 2.57
C GLY G 264 -1.12 -21.51 1.13
N GLN G 265 -1.68 -22.67 0.86
CA GLN G 265 -2.17 -23.01 -0.46
C GLN G 265 -3.56 -23.62 -0.32
N ILE G 266 -4.51 -23.10 -1.09
CA ILE G 266 -5.84 -23.69 -1.09
C ILE G 266 -5.78 -25.01 -1.84
N ILE G 267 -6.15 -26.09 -1.16
CA ILE G 267 -6.06 -27.42 -1.73
C ILE G 267 -7.42 -28.03 -2.02
N TYR G 268 -8.50 -27.43 -1.50
CA TYR G 268 -9.82 -27.96 -1.82
C TYR G 268 -10.87 -26.87 -1.64
N VAL G 269 -11.83 -26.80 -2.55
CA VAL G 269 -12.93 -25.86 -2.47
C VAL G 269 -14.24 -26.63 -2.58
N ASP G 270 -15.13 -26.44 -1.61
CA ASP G 270 -16.44 -27.07 -1.61
C ASP G 270 -17.47 -26.02 -1.98
N LEU G 271 -18.24 -26.28 -3.04
CA LEU G 271 -19.27 -25.36 -3.48
C LEU G 271 -20.65 -25.69 -2.92
N SER G 272 -20.76 -26.76 -2.14
CA SER G 272 -22.01 -27.13 -1.50
C SER G 272 -22.03 -26.76 -0.01
N SER G 273 -20.97 -27.11 0.72
CA SER G 273 -20.84 -26.72 2.11
C SER G 273 -20.11 -25.40 2.29
N TYR G 274 -19.53 -24.86 1.22
CA TYR G 274 -18.91 -23.53 1.22
C TYR G 274 -17.78 -23.43 2.25
N TYR G 275 -16.79 -24.30 2.07
CA TYR G 275 -15.57 -24.27 2.86
C TYR G 275 -14.39 -24.57 1.96
N ILE G 276 -13.20 -24.18 2.42
CA ILE G 276 -11.98 -24.48 1.70
C ILE G 276 -11.01 -25.20 2.63
N ILE G 277 -10.20 -26.07 2.06
CA ILE G 277 -9.11 -26.73 2.77
C ILE G 277 -7.83 -26.08 2.28
N VAL G 278 -7.06 -25.55 3.23
CA VAL G 278 -5.84 -24.79 2.98
C VAL G 278 -4.68 -25.52 3.63
N ARG G 279 -3.62 -25.78 2.85
CA ARG G 279 -2.40 -26.37 3.36
C ARG G 279 -1.44 -25.26 3.79
N VAL G 280 -1.28 -25.07 5.09
CA VAL G 280 -0.41 -24.04 5.64
C VAL G 280 1.02 -24.57 5.65
N TYR G 281 1.93 -23.80 5.04
CA TYR G 281 3.35 -24.13 4.97
C TYR G 281 4.10 -23.32 6.03
N PHE G 282 4.68 -24.00 7.00
CA PHE G 282 5.43 -23.38 8.09
C PHE G 282 6.90 -23.72 7.91
N PRO G 283 7.72 -22.80 7.40
CA PRO G 283 9.12 -23.12 7.11
C PRO G 283 10.06 -22.81 8.26
N ILE G 284 11.33 -23.11 8.04
CA ILE G 284 12.41 -22.77 8.95
C ILE G 284 13.31 -21.77 8.26
N LEU G 285 13.94 -20.89 9.05
CA LEU G 285 14.81 -19.85 8.51
C LEU G 285 16.24 -20.39 8.47
N THR G 286 16.67 -20.86 7.30
CA THR G 286 18.02 -21.37 7.14
C THR G 286 18.96 -20.22 6.82
N GLU G 287 20.01 -20.07 7.64
CA GLU G 287 21.01 -19.04 7.42
C GLU G 287 21.85 -19.38 6.20
N ILE G 288 22.05 -18.41 5.32
CA ILE G 288 22.94 -18.58 4.18
C ILE G 288 24.38 -18.43 4.68
N GLN G 289 25.15 -19.51 4.59
CA GLN G 289 26.49 -19.53 5.16
C GLN G 289 27.48 -18.74 4.31
N GLN G 290 28.49 -18.19 4.97
CA GLN G 290 29.46 -17.27 4.36
C GLN G 290 28.74 -16.11 3.67
N ALA G 291 27.65 -15.64 4.27
CA ALA G 291 26.87 -14.55 3.69
C ALA G 291 26.47 -13.57 4.79
N TYR G 292 26.52 -12.28 4.45
CA TYR G 292 26.08 -11.26 5.39
C TYR G 292 25.65 -10.03 4.62
N ILE G 293 24.74 -9.25 5.21
CA ILE G 293 24.31 -7.98 4.66
C ILE G 293 24.90 -6.86 5.50
N GLN G 294 25.65 -5.98 4.85
CA GLN G 294 26.30 -4.85 5.49
C GLN G 294 25.46 -3.60 5.20
N GLU G 295 25.07 -2.90 6.26
CA GLU G 295 24.29 -1.68 6.14
C GLU G 295 25.23 -0.47 6.17
N LEU G 296 24.98 0.47 5.27
CA LEU G 296 25.74 1.72 5.24
C LEU G 296 24.81 2.89 5.57
N LEU G 297 25.25 3.72 6.50
CA LEU G 297 24.50 4.89 6.94
C LEU G 297 24.91 6.09 6.09
N PRO G 298 23.99 6.67 5.32
CA PRO G 298 24.29 7.77 4.37
C PRO G 298 24.50 9.13 5.03
N VAL G 299 25.72 9.38 5.50
CA VAL G 299 26.07 10.67 6.05
C VAL G 299 26.42 11.62 4.91
N SER G 300 25.81 12.82 4.93
CA SER G 300 26.15 13.83 3.95
C SER G 300 27.54 14.38 4.22
N PHE G 301 28.27 14.71 3.14
CA PHE G 301 29.64 15.16 3.21
C PHE G 301 29.82 16.41 2.38
N ASN G 302 30.93 17.11 2.60
CA ASN G 302 31.14 18.43 2.02
C ASN G 302 32.17 18.37 0.89
N ASN G 303 31.87 19.09 -0.20
CA ASN G 303 32.81 19.25 -1.29
C ASN G 303 32.42 20.48 -2.09
N ASP G 304 33.42 21.27 -2.47
CA ASP G 304 33.24 22.46 -3.32
C ASP G 304 32.21 23.42 -2.73
N ASN G 305 32.33 23.66 -1.42
CA ASN G 305 31.40 24.53 -0.69
C ASN G 305 29.95 24.08 -0.85
N SER G 306 29.73 22.78 -0.94
CA SER G 306 28.38 22.26 -1.12
C SER G 306 28.26 20.91 -0.43
N GLU G 307 27.03 20.50 -0.20
CA GLU G 307 26.74 19.26 0.54
C GLU G 307 26.25 18.19 -0.43
N TRP G 308 26.78 16.98 -0.26
CA TRP G 308 26.53 15.86 -1.15
C TRP G 308 26.19 14.62 -0.33
N ILE G 309 25.47 13.70 -0.95
CA ILE G 309 25.21 12.38 -0.39
C ILE G 309 25.56 11.37 -1.45
N SER G 310 26.15 10.25 -1.04
CA SER G 310 26.65 9.28 -2.00
C SER G 310 25.54 8.32 -2.42
N ILE G 311 25.43 8.10 -3.73
CA ILE G 311 24.39 7.23 -4.28
C ILE G 311 25.02 5.84 -4.39
N VAL G 312 24.90 5.08 -3.31
CA VAL G 312 25.33 3.68 -3.27
C VAL G 312 24.19 2.88 -2.64
N PRO G 313 24.17 1.56 -2.84
CA PRO G 313 23.22 0.74 -2.09
C PRO G 313 23.52 0.80 -0.61
N ASN G 314 22.48 1.03 0.20
CA ASN G 314 22.67 1.11 1.65
C ASN G 314 22.86 -0.26 2.28
N PHE G 315 22.39 -1.31 1.61
CA PHE G 315 22.56 -2.68 2.06
C PHE G 315 23.30 -3.46 0.96
N ILE G 316 24.38 -4.11 1.35
CA ILE G 316 25.22 -4.87 0.43
C ILE G 316 25.25 -6.31 0.89
N LEU G 317 24.91 -7.25 0.01
CA LEU G 317 24.94 -8.66 0.34
C LEU G 317 26.25 -9.25 -0.15
N VAL G 318 27.03 -9.81 0.77
CA VAL G 318 28.32 -10.41 0.45
C VAL G 318 28.21 -11.89 0.77
N ARG G 319 28.25 -12.72 -0.27
CA ARG G 319 28.19 -14.17 -0.14
C ARG G 319 29.43 -14.78 -0.77
N ASN G 320 30.20 -15.52 0.03
CA ASN G 320 31.45 -16.12 -0.44
C ASN G 320 32.36 -15.06 -1.04
N THR G 321 32.46 -13.92 -0.35
CA THR G 321 33.23 -12.74 -0.74
C THR G 321 32.74 -12.12 -2.06
N LEU G 322 31.55 -12.51 -2.52
CA LEU G 322 30.95 -11.93 -3.72
C LEU G 322 30.00 -10.82 -3.32
N ILE G 323 30.32 -9.60 -3.75
CA ILE G 323 29.55 -8.40 -3.43
C ILE G 323 28.41 -8.26 -4.44
N SER G 324 27.19 -8.12 -3.94
CA SER G 324 26.03 -8.00 -4.81
C SER G 324 24.95 -7.20 -4.11
N ASN G 325 23.98 -6.76 -4.90
CA ASN G 325 22.86 -6.01 -4.38
C ASN G 325 21.85 -6.97 -3.75
N ILE G 326 20.90 -6.41 -3.01
CA ILE G 326 19.81 -7.17 -2.43
C ILE G 326 18.56 -6.31 -2.46
N GLU G 327 17.44 -6.89 -2.90
CA GLU G 327 16.15 -6.22 -2.87
C GLU G 327 15.59 -6.36 -1.45
N ILE G 328 16.11 -5.52 -0.56
CA ILE G 328 15.78 -5.64 0.86
C ILE G 328 14.44 -5.01 1.19
N GLY G 329 13.79 -4.39 0.21
CA GLY G 329 12.45 -3.88 0.42
C GLY G 329 11.45 -4.99 0.66
N PHE G 330 11.65 -6.14 0.01
CA PHE G 330 10.78 -7.29 0.20
C PHE G 330 11.18 -8.15 1.39
N CYS G 331 12.32 -7.88 2.01
CA CYS G 331 12.81 -8.69 3.11
C CYS G 331 12.51 -8.01 4.44
N LEU G 332 12.45 -8.82 5.49
CA LEU G 332 12.32 -8.31 6.85
C LEU G 332 13.70 -8.02 7.42
N ILE G 333 13.91 -6.80 7.91
CA ILE G 333 15.17 -6.40 8.48
C ILE G 333 15.06 -6.48 9.99
N THR G 334 15.93 -7.28 10.60
CA THR G 334 15.94 -7.52 12.04
C THR G 334 17.33 -7.18 12.56
N LYS G 335 17.43 -6.89 13.85
CA LYS G 335 18.72 -6.51 14.42
C LYS G 335 19.77 -7.59 14.22
N ARG G 336 19.37 -8.86 14.24
CA ARG G 336 20.31 -9.94 14.02
C ARG G 336 20.53 -10.26 12.55
N SER G 337 19.46 -10.27 11.74
CA SER G 337 19.55 -10.80 10.40
C SER G 337 18.58 -10.09 9.48
N VAL G 338 18.84 -10.21 8.18
CA VAL G 338 17.89 -9.85 7.14
C VAL G 338 17.17 -11.13 6.74
N ILE G 339 15.85 -11.12 6.86
CA ILE G 339 15.04 -12.33 6.75
C ILE G 339 14.18 -12.22 5.50
N CYS G 340 14.33 -13.17 4.58
CA CYS G 340 13.71 -13.12 3.27
C CYS G 340 12.98 -14.41 3.02
N ASN G 341 11.91 -14.35 2.23
CA ASN G 341 11.17 -15.55 1.89
C ASN G 341 11.69 -16.22 0.63
N GLN G 342 12.59 -15.57 -0.10
CA GLN G 342 13.32 -16.18 -1.21
C GLN G 342 14.54 -15.30 -1.48
N ASP G 343 15.46 -15.84 -2.28
CA ASP G 343 16.74 -15.16 -2.52
C ASP G 343 16.52 -13.90 -3.35
N TYR G 344 16.62 -12.73 -2.71
CA TYR G 344 16.49 -11.45 -3.36
C TYR G 344 17.83 -10.84 -3.77
N ALA G 345 18.86 -11.66 -3.95
CA ALA G 345 20.14 -11.16 -4.43
C ALA G 345 20.05 -10.77 -5.89
N THR G 346 20.53 -9.57 -6.20
CA THR G 346 20.50 -9.02 -7.55
C THR G 346 21.89 -8.55 -7.95
N PRO G 347 22.20 -8.55 -9.25
CA PRO G 347 23.56 -8.22 -9.67
C PRO G 347 23.89 -6.75 -9.41
N MET G 348 25.20 -6.50 -9.33
CA MET G 348 25.73 -5.17 -9.07
C MET G 348 26.76 -4.83 -10.13
N THR G 349 26.78 -3.56 -10.54
CA THR G 349 27.74 -3.14 -11.56
C THR G 349 29.16 -3.26 -11.04
N ASN G 350 30.10 -3.45 -11.97
CA ASN G 350 31.51 -3.50 -11.58
C ASN G 350 31.97 -2.15 -11.03
N ASN G 351 31.37 -1.06 -11.51
CA ASN G 351 31.74 0.26 -11.01
C ASN G 351 31.35 0.44 -9.55
N MET G 352 30.16 -0.02 -9.15
CA MET G 352 29.79 0.04 -7.74
C MET G 352 30.58 -0.95 -6.89
N ARG G 353 30.94 -2.10 -7.45
CA ARG G 353 31.77 -3.04 -6.69
C ARG G 353 33.15 -2.43 -6.43
N GLU G 354 33.68 -1.69 -7.41
CA GLU G 354 34.94 -1.01 -7.17
C GLU G 354 34.77 0.20 -6.26
N CYS G 355 33.61 0.86 -6.32
CA CYS G 355 33.30 1.90 -5.36
C CYS G 355 33.38 1.36 -3.94
N LEU G 356 32.74 0.21 -3.72
CA LEU G 356 32.67 -0.37 -2.38
C LEU G 356 34.00 -0.96 -1.95
N THR G 357 34.87 -1.32 -2.89
CA THR G 357 36.15 -1.91 -2.54
C THR G 357 37.28 -0.89 -2.49
N GLY G 358 37.00 0.39 -2.73
CA GLY G 358 38.02 1.41 -2.55
C GLY G 358 38.06 2.52 -3.59
N SER G 359 37.53 2.27 -4.77
CA SER G 359 37.56 3.25 -5.86
C SER G 359 36.47 4.30 -5.64
N THR G 360 36.79 5.28 -4.80
CA THR G 360 35.83 6.32 -4.46
C THR G 360 35.53 7.24 -5.65
N GLU G 361 36.39 7.26 -6.66
CA GLU G 361 36.16 8.10 -7.83
C GLU G 361 35.03 7.59 -8.70
N LYS G 362 34.64 6.33 -8.52
CA LYS G 362 33.53 5.73 -9.25
C LYS G 362 32.23 5.72 -8.47
N CYS G 363 32.18 6.42 -7.34
CA CYS G 363 30.98 6.45 -6.52
C CYS G 363 30.13 7.65 -6.90
N PRO G 364 28.94 7.48 -7.43
CA PRO G 364 28.10 8.63 -7.76
C PRO G 364 27.66 9.38 -6.52
N ARG G 365 27.55 10.70 -6.65
CA ARG G 365 27.12 11.56 -5.55
C ARG G 365 26.02 12.49 -6.06
N GLU G 366 25.07 12.78 -5.19
CA GLU G 366 23.95 13.65 -5.49
C GLU G 366 23.98 14.87 -4.59
N LEU G 367 23.61 16.01 -5.14
CA LEU G 367 23.56 17.24 -4.37
C LEU G 367 22.55 17.12 -3.24
N VAL G 368 22.77 17.85 -2.16
CA VAL G 368 21.83 17.88 -1.05
C VAL G 368 21.18 19.26 -1.03
N VAL G 369 19.91 19.30 -1.43
CA VAL G 369 19.11 20.52 -1.43
C VAL G 369 18.24 20.53 -0.19
N SER G 370 17.87 19.34 0.28
CA SER G 370 17.07 19.19 1.48
C SER G 370 17.90 19.50 2.73
N SER G 371 17.22 20.02 3.74
CA SER G 371 17.86 20.41 4.99
C SER G 371 17.69 19.37 6.09
N HIS G 372 17.11 18.20 5.78
CA HIS G 372 16.82 17.20 6.79
C HIS G 372 17.54 15.88 6.54
N VAL G 373 18.51 15.82 5.63
CA VAL G 373 19.26 14.60 5.38
C VAL G 373 20.26 14.40 6.51
N PRO G 374 20.70 13.17 6.79
CA PRO G 374 21.56 12.95 7.97
C PRO G 374 22.89 13.67 7.85
N ARG G 375 23.23 14.42 8.89
CA ARG G 375 24.50 15.14 8.96
C ARG G 375 25.64 14.34 9.55
N PHE G 376 25.34 13.34 10.38
CA PHE G 376 26.39 12.59 11.07
C PHE G 376 25.85 11.22 11.44
N ALA G 377 26.78 10.33 11.81
CA ALA G 377 26.39 9.01 12.31
C ALA G 377 27.48 8.47 13.20
N LEU G 378 27.11 7.48 14.01
CA LEU G 378 28.02 6.85 14.95
C LEU G 378 28.25 5.40 14.56
N SER G 379 29.50 4.96 14.63
CA SER G 379 29.85 3.57 14.34
C SER G 379 31.00 3.16 15.26
N ASN G 380 30.76 2.12 16.06
CA ASN G 380 31.75 1.61 17.01
C ASN G 380 32.24 2.69 17.96
N GLY G 381 31.34 3.57 18.38
CA GLY G 381 31.69 4.65 19.27
C GLY G 381 32.45 5.79 18.63
N VAL G 382 32.58 5.80 17.31
CA VAL G 382 33.32 6.82 16.58
C VAL G 382 32.32 7.60 15.74
N LEU G 383 32.42 8.92 15.76
CA LEU G 383 31.42 9.78 15.15
C LEU G 383 31.95 10.33 13.84
N PHE G 384 31.18 10.18 12.76
CA PHE G 384 31.55 10.75 11.46
C PHE G 384 30.54 11.84 11.16
N ALA G 385 31.02 13.08 11.13
CA ALA G 385 30.14 14.24 11.05
C ALA G 385 30.58 15.19 9.96
N ASN G 386 29.59 15.85 9.34
CA ASN G 386 29.83 16.94 8.41
C ASN G 386 29.73 18.24 9.20
N CYS G 387 30.84 18.60 9.83
CA CYS G 387 30.85 19.75 10.74
C CYS G 387 30.81 21.09 10.01
N ILE G 388 30.82 21.08 8.68
CA ILE G 388 30.47 22.29 7.93
C ILE G 388 29.01 22.64 8.17
N SER G 389 28.14 21.64 8.19
CA SER G 389 26.71 21.86 8.30
C SER G 389 26.18 21.83 9.73
N VAL G 390 26.87 21.14 10.65
CA VAL G 390 26.46 21.07 12.04
C VAL G 390 27.58 21.63 12.92
N THR G 391 27.20 22.30 13.99
CA THR G 391 28.15 22.95 14.89
C THR G 391 28.70 21.90 15.85
N CYS G 392 29.75 21.20 15.42
CA CYS G 392 30.45 20.27 16.30
C CYS G 392 31.35 21.06 17.23
N GLN G 393 31.30 20.74 18.52
CA GLN G 393 32.27 21.33 19.43
C GLN G 393 32.55 20.36 20.56
N CYS G 394 33.77 20.40 21.10
CA CYS G 394 34.20 19.39 22.05
C CYS G 394 33.93 19.86 23.46
N GLN G 395 33.25 19.01 24.25
CA GLN G 395 32.94 19.35 25.63
C GLN G 395 34.18 19.34 26.50
N THR G 396 35.14 18.46 26.21
CA THR G 396 36.32 18.34 27.04
C THR G 396 37.15 19.62 27.04
N THR G 397 37.31 20.24 25.88
CA THR G 397 38.14 21.43 25.76
C THR G 397 37.36 22.70 25.51
N GLY G 398 36.11 22.62 25.07
CA GLY G 398 35.33 23.79 24.76
C GLY G 398 35.57 24.38 23.39
N ARG G 399 36.50 23.82 22.63
CA ARG G 399 36.82 24.33 21.31
C ARG G 399 35.89 23.72 20.26
N ALA G 400 35.50 24.54 19.29
CA ALA G 400 34.69 24.05 18.19
C ALA G 400 35.50 23.14 17.28
N ILE G 401 34.90 22.02 16.89
CA ILE G 401 35.54 21.07 15.97
C ILE G 401 35.29 21.60 14.56
N SER G 402 36.32 22.20 13.96
CA SER G 402 36.20 22.87 12.67
C SER G 402 36.61 21.93 11.54
N GLN G 403 35.91 22.04 10.42
CA GLN G 403 36.18 21.27 9.23
C GLN G 403 36.68 22.19 8.12
N SER G 404 37.73 21.76 7.42
CA SER G 404 38.27 22.54 6.32
C SER G 404 37.46 22.29 5.05
N GLY G 405 37.74 23.10 4.03
CA GLY G 405 37.06 22.94 2.76
C GLY G 405 37.50 21.71 1.99
N GLU G 406 38.67 21.16 2.31
CA GLU G 406 39.19 19.97 1.64
C GLU G 406 38.79 18.69 2.34
N GLN G 407 38.04 18.77 3.44
CA GLN G 407 37.60 17.59 4.18
C GLN G 407 36.14 17.31 3.89
N THR G 408 35.85 16.08 3.45
CA THR G 408 34.47 15.67 3.25
C THR G 408 33.74 15.50 4.57
N LEU G 409 34.37 14.81 5.53
CA LEU G 409 33.81 14.60 6.86
C LEU G 409 34.93 14.67 7.88
N LEU G 410 34.56 14.73 9.15
CA LEU G 410 35.51 14.59 10.24
C LEU G 410 35.17 13.35 11.05
N MET G 411 36.20 12.52 11.28
CA MET G 411 36.13 11.44 12.25
C MET G 411 36.45 12.00 13.64
N ILE G 412 35.50 11.89 14.55
CA ILE G 412 35.62 12.40 15.91
C ILE G 412 35.70 11.19 16.84
N ASP G 413 36.83 11.05 17.52
CA ASP G 413 37.07 9.96 18.45
C ASP G 413 37.74 10.53 19.69
N ASN G 414 37.93 9.67 20.70
CA ASN G 414 38.45 10.16 21.98
C ASN G 414 39.89 10.64 21.91
N THR G 415 40.63 10.25 20.87
CA THR G 415 41.99 10.77 20.71
C THR G 415 41.98 12.26 20.38
N THR G 416 41.00 12.71 19.61
CA THR G 416 40.87 14.14 19.30
C THR G 416 39.78 14.84 20.09
N CYS G 417 38.73 14.12 20.51
CA CYS G 417 37.66 14.71 21.31
C CYS G 417 37.00 13.63 22.14
N PRO G 418 37.28 13.57 23.44
CA PRO G 418 36.67 12.53 24.28
C PRO G 418 35.16 12.59 24.34
N THR G 419 34.57 13.79 24.24
CA THR G 419 33.12 13.95 24.33
C THR G 419 32.72 15.10 23.41
N ALA G 420 32.01 14.77 22.33
CA ALA G 420 31.60 15.75 21.33
C ALA G 420 30.14 16.16 21.52
N VAL G 421 29.85 17.41 21.19
CA VAL G 421 28.51 17.97 21.30
C VAL G 421 28.11 18.46 19.92
N LEU G 422 26.95 18.00 19.45
CA LEU G 422 26.41 18.40 18.15
C LEU G 422 24.99 18.91 18.37
N GLY G 423 24.87 20.19 18.70
CA GLY G 423 23.57 20.77 18.99
C GLY G 423 23.04 20.32 20.32
N ASN G 424 21.93 19.58 20.30
CA ASN G 424 21.27 19.14 21.52
C ASN G 424 21.82 17.83 22.07
N VAL G 425 22.74 17.18 21.37
CA VAL G 425 23.26 15.89 21.78
C VAL G 425 24.69 16.05 22.28
N ILE G 426 24.99 15.39 23.39
CA ILE G 426 26.34 15.29 23.93
C ILE G 426 26.66 13.81 24.01
N ILE G 427 27.75 13.39 23.38
CA ILE G 427 28.05 11.98 23.20
C ILE G 427 29.52 11.72 23.54
N SER G 428 29.77 10.68 24.31
CA SER G 428 31.13 10.21 24.56
C SER G 428 31.52 9.24 23.47
N LEU G 429 32.80 9.30 23.06
CA LEU G 429 33.26 8.63 21.86
C LEU G 429 34.39 7.67 22.17
N GLY G 430 34.42 6.57 21.42
CA GLY G 430 35.49 5.60 21.50
C GLY G 430 36.65 5.98 20.61
N LYS G 431 37.57 5.04 20.43
CA LYS G 431 38.78 5.26 19.64
C LYS G 431 38.64 4.59 18.28
N TYR G 432 39.05 5.31 17.24
CA TYR G 432 38.98 4.79 15.89
C TYR G 432 40.03 3.71 15.68
N LEU G 433 39.61 2.58 15.10
CA LEU G 433 40.50 1.46 14.86
C LEU G 433 41.19 1.54 13.51
N GLY G 434 40.84 2.50 12.67
CA GLY G 434 41.44 2.67 11.36
C GLY G 434 42.70 3.51 11.40
N SER G 435 42.95 4.19 10.29
CA SER G 435 44.14 5.03 10.18
C SER G 435 44.06 6.21 11.14
N VAL G 436 45.18 6.48 11.81
CA VAL G 436 45.24 7.63 12.70
C VAL G 436 45.24 8.94 11.93
N ASN G 437 45.64 8.90 10.65
CA ASN G 437 45.66 10.08 9.79
C ASN G 437 44.38 10.20 8.96
N TYR G 438 43.25 9.77 9.50
CA TYR G 438 41.99 9.77 8.77
C TYR G 438 41.63 11.19 8.32
N ASN G 439 41.76 12.16 9.21
CA ASN G 439 41.31 13.52 8.91
C ASN G 439 42.27 14.27 8.01
N SER G 440 43.50 13.78 7.83
CA SER G 440 44.47 14.43 6.97
C SER G 440 44.61 13.75 5.61
N GLU G 441 44.09 12.53 5.46
CA GLU G 441 44.19 11.78 4.20
C GLU G 441 42.95 12.03 3.37
N GLY G 442 43.10 12.84 2.32
CA GLY G 442 42.02 13.07 1.38
C GLY G 442 41.83 11.91 0.42
N ILE G 443 40.72 11.97 -0.31
CA ILE G 443 40.36 10.90 -1.24
C ILE G 443 39.86 11.51 -2.55
N ALA G 444 39.86 10.68 -3.59
CA ALA G 444 39.24 11.06 -4.85
C ALA G 444 37.73 11.02 -4.72
N ILE G 445 37.06 11.87 -5.50
CA ILE G 445 35.62 12.04 -5.40
C ILE G 445 34.97 11.61 -6.71
N GLY G 446 33.71 11.19 -6.61
CA GLY G 446 32.99 10.66 -7.74
C GLY G 446 32.22 11.71 -8.52
N PRO G 447 31.51 11.27 -9.56
CA PRO G 447 30.78 12.21 -10.41
C PRO G 447 29.43 12.56 -9.81
N PRO G 448 28.99 13.80 -9.95
CA PRO G 448 27.64 14.17 -9.50
C PRO G 448 26.58 13.49 -10.33
N VAL G 449 25.46 13.16 -9.67
CA VAL G 449 24.31 12.55 -10.35
C VAL G 449 23.03 13.20 -9.86
N PHE G 450 21.96 12.95 -10.60
CA PHE G 450 20.60 13.34 -10.23
C PHE G 450 19.72 12.11 -10.41
N THR G 451 19.10 11.66 -9.32
CA THR G 451 18.43 10.37 -9.32
C THR G 451 16.93 10.46 -9.54
N ASP G 452 16.38 11.66 -9.78
CA ASP G 452 14.97 11.78 -10.08
C ASP G 452 14.68 11.18 -11.46
N LYS G 453 13.56 10.45 -11.56
CA LYS G 453 13.30 9.69 -12.79
C LYS G 453 13.11 10.61 -13.98
N VAL G 454 12.56 11.81 -13.75
CA VAL G 454 12.48 12.77 -14.84
C VAL G 454 13.87 13.26 -15.18
N ASP G 455 14.70 13.50 -14.16
CA ASP G 455 16.05 13.93 -14.46
C ASP G 455 16.84 12.77 -15.07
N ILE G 456 16.46 11.53 -14.78
CA ILE G 456 17.07 10.38 -15.43
C ILE G 456 16.78 10.40 -16.92
N SER G 457 15.53 10.70 -17.29
CA SER G 457 15.21 10.87 -18.71
C SER G 457 15.92 12.07 -19.31
N SER G 458 16.12 13.12 -18.53
CA SER G 458 16.82 14.29 -19.03
C SER G 458 18.28 13.97 -19.33
N GLN G 459 18.94 13.25 -18.42
CA GLN G 459 20.33 12.86 -18.64
C GLN G 459 20.45 11.87 -19.80
N ILE G 460 19.46 10.98 -19.97
CA ILE G 460 19.50 10.10 -21.13
C ILE G 460 19.36 10.89 -22.42
N SER G 461 18.50 11.93 -22.41
CA SER G 461 18.37 12.81 -23.56
C SER G 461 19.68 13.52 -23.86
N SER G 462 20.34 14.02 -22.82
CA SER G 462 21.58 14.77 -23.01
C SER G 462 22.69 13.86 -23.52
N MET G 463 22.80 12.66 -22.98
CA MET G 463 23.84 11.74 -23.44
C MET G 463 23.56 11.29 -24.87
N ASN G 464 22.30 11.05 -25.22
CA ASN G 464 21.97 10.65 -26.58
C ASN G 464 22.28 11.77 -27.57
N GLN G 465 21.96 13.02 -27.21
CA GLN G 465 22.27 14.13 -28.10
C GLN G 465 23.78 14.38 -28.18
N SER G 466 24.51 14.15 -27.08
CA SER G 466 25.95 14.27 -27.14
C SER G 466 26.56 13.20 -28.04
N LEU G 467 26.01 11.98 -27.99
CA LEU G 467 26.46 10.93 -28.88
C LEU G 467 26.20 11.28 -30.34
N GLN G 468 25.01 11.83 -30.62
CA GLN G 468 24.67 12.21 -31.99
C GLN G 468 25.57 13.35 -32.49
N GLN G 469 25.88 14.31 -31.61
CA GLN G 469 26.80 15.38 -31.98
C GLN G 469 28.21 14.85 -32.23
N SER G 470 28.68 13.92 -31.39
CA SER G 470 29.99 13.33 -31.62
C SER G 470 30.02 12.46 -32.87
N LYS G 471 28.95 11.72 -33.12
CA LYS G 471 28.86 10.89 -34.32
C LYS G 471 28.76 11.75 -35.57
N GLN H 1 37.15 -16.37 11.24
CA GLN H 1 37.54 -17.10 12.43
C GLN H 1 36.90 -16.49 13.67
N VAL H 2 36.04 -17.25 14.33
CA VAL H 2 35.32 -16.80 15.52
C VAL H 2 35.89 -17.53 16.73
N GLN H 3 36.28 -16.76 17.74
CA GLN H 3 36.79 -17.32 18.99
C GLN H 3 36.07 -16.67 20.16
N LEU H 4 35.58 -17.49 21.08
CA LEU H 4 34.93 -17.00 22.30
C LEU H 4 35.86 -17.35 23.45
N GLN H 5 36.72 -16.41 23.82
CA GLN H 5 37.72 -16.66 24.85
C GLN H 5 37.09 -16.46 26.23
N GLN H 6 37.10 -17.50 27.04
CA GLN H 6 36.54 -17.43 28.39
C GLN H 6 37.66 -17.29 29.42
N SER H 7 37.25 -16.92 30.63
CA SER H 7 38.17 -16.82 31.74
C SER H 7 38.63 -18.20 32.17
N GLY H 8 39.74 -18.25 32.90
CA GLY H 8 40.29 -19.50 33.33
C GLY H 8 39.46 -20.17 34.40
N ALA H 9 39.84 -21.42 34.71
CA ALA H 9 39.13 -22.19 35.72
C ALA H 9 39.26 -21.52 37.08
N GLU H 10 38.20 -21.57 37.87
CA GLU H 10 38.15 -20.87 39.14
C GLU H 10 37.83 -21.84 40.26
N LEU H 11 38.57 -21.70 41.37
CA LEU H 11 38.32 -22.41 42.62
C LEU H 11 37.73 -21.41 43.61
N VAL H 12 36.46 -21.59 43.93
CA VAL H 12 35.68 -20.60 44.69
C VAL H 12 35.11 -21.27 45.92
N ARG H 13 35.20 -20.59 47.06
CA ARG H 13 34.60 -21.08 48.28
C ARG H 13 33.08 -21.03 48.20
N PRO H 14 32.38 -21.94 48.88
CA PRO H 14 30.91 -21.89 48.92
C PRO H 14 30.41 -20.62 49.59
N GLY H 15 29.27 -20.13 49.12
CA GLY H 15 28.64 -18.95 49.67
C GLY H 15 29.04 -17.65 49.01
N THR H 16 30.12 -17.63 48.24
CA THR H 16 30.54 -16.43 47.55
C THR H 16 30.19 -16.52 46.06
N SER H 17 30.49 -15.45 45.33
CA SER H 17 30.07 -15.29 43.95
C SER H 17 31.27 -15.28 43.01
N VAL H 18 31.06 -15.79 41.79
CA VAL H 18 32.09 -15.74 40.76
C VAL H 18 31.48 -15.10 39.51
N LYS H 19 32.31 -14.42 38.72
CA LYS H 19 31.84 -13.69 37.54
C LYS H 19 32.65 -14.16 36.34
N ILE H 20 32.14 -15.16 35.64
CA ILE H 20 32.82 -15.74 34.49
C ILE H 20 32.63 -14.84 33.27
N SER H 21 33.71 -14.60 32.52
CA SER H 21 33.65 -13.72 31.37
C SER H 21 33.84 -14.51 30.08
N CYS H 22 33.39 -13.91 28.98
CA CYS H 22 33.50 -14.51 27.65
C CYS H 22 33.61 -13.39 26.64
N LYS H 23 34.81 -13.21 26.09
CA LYS H 23 35.07 -12.19 25.08
C LYS H 23 34.94 -12.81 23.69
N ALA H 24 33.87 -12.46 22.99
CA ALA H 24 33.69 -12.92 21.62
C ALA H 24 34.50 -12.06 20.67
N SER H 25 35.32 -12.69 19.83
CA SER H 25 36.16 -12.00 18.88
C SER H 25 36.05 -12.68 17.53
N GLY H 26 36.10 -11.89 16.46
CA GLY H 26 36.01 -12.40 15.12
C GLY H 26 34.60 -12.68 14.63
N TYR H 27 33.59 -12.38 15.44
CA TYR H 27 32.21 -12.60 15.01
C TYR H 27 31.82 -11.53 14.00
N THR H 28 31.21 -11.98 12.89
CA THR H 28 30.92 -11.05 11.80
C THR H 28 29.75 -10.14 12.14
N PHE H 29 28.72 -10.69 12.78
CA PHE H 29 27.44 -10.01 12.92
C PHE H 29 27.40 -9.19 14.20
N THR H 30 26.83 -8.00 14.10
CA THR H 30 26.85 -7.06 15.22
C THR H 30 25.99 -7.54 16.38
N ASN H 31 24.75 -7.92 16.10
CA ASN H 31 23.79 -8.30 17.12
C ASN H 31 23.55 -9.81 17.10
N TYR H 32 23.60 -10.43 18.28
CA TYR H 32 23.45 -11.87 18.38
C TYR H 32 23.03 -12.24 19.79
N TRP H 33 22.52 -13.47 19.95
CA TRP H 33 22.29 -14.04 21.26
C TRP H 33 23.55 -14.76 21.73
N LEU H 34 23.83 -14.68 23.03
CA LEU H 34 24.94 -15.38 23.65
C LEU H 34 24.41 -16.16 24.84
N GLY H 35 24.42 -17.49 24.75
CA GLY H 35 23.91 -18.35 25.79
C GLY H 35 25.00 -18.94 26.63
N TRP H 36 24.63 -19.31 27.86
CA TRP H 36 25.53 -19.96 28.80
C TRP H 36 24.98 -21.33 29.13
N VAL H 37 25.85 -22.34 29.05
CA VAL H 37 25.48 -23.74 29.19
C VAL H 37 26.30 -24.34 30.32
N LYS H 38 25.63 -25.02 31.24
CA LYS H 38 26.28 -25.71 32.34
C LYS H 38 26.45 -27.19 32.01
N GLN H 39 27.61 -27.75 32.38
CA GLN H 39 27.89 -29.16 32.12
C GLN H 39 28.56 -29.74 33.36
N ARG H 40 27.78 -30.53 34.12
CA ARG H 40 28.24 -31.27 35.29
C ARG H 40 28.60 -32.69 34.91
N PRO H 41 29.57 -33.30 35.59
CA PRO H 41 29.82 -34.73 35.39
C PRO H 41 28.59 -35.55 35.78
N GLY H 42 28.28 -36.55 34.96
CA GLY H 42 27.09 -37.34 35.16
C GLY H 42 25.80 -36.68 34.72
N HIS H 43 25.88 -35.50 34.12
CA HIS H 43 24.70 -34.76 33.68
C HIS H 43 24.96 -34.23 32.28
N GLY H 44 23.88 -34.00 31.54
CA GLY H 44 23.97 -33.42 30.22
C GLY H 44 24.17 -31.91 30.28
N LEU H 45 24.14 -31.31 29.10
CA LEU H 45 24.27 -29.87 29.00
C LEU H 45 23.00 -29.19 29.54
N GLU H 46 23.19 -28.15 30.35
CA GLU H 46 22.09 -27.42 30.97
C GLU H 46 22.21 -25.95 30.58
N TRP H 47 21.24 -25.46 29.83
CA TRP H 47 21.25 -24.07 29.42
C TRP H 47 20.92 -23.16 30.60
N ILE H 48 21.72 -22.11 30.79
CA ILE H 48 21.54 -21.21 31.92
C ILE H 48 20.71 -20.00 31.51
N GLY H 49 21.15 -19.30 30.48
CA GLY H 49 20.43 -18.13 30.02
C GLY H 49 21.11 -17.54 28.81
N ASP H 50 20.36 -16.67 28.14
CA ASP H 50 20.82 -15.97 26.94
C ASP H 50 20.85 -14.48 27.22
N ILE H 51 21.95 -13.83 26.86
CA ILE H 51 22.07 -12.38 26.85
C ILE H 51 22.01 -11.91 25.41
N TYR H 52 21.23 -10.88 25.15
CA TYR H 52 21.04 -10.36 23.80
C TYR H 52 21.91 -9.13 23.63
N ARG H 53 22.99 -9.28 22.86
CA ARG H 53 23.92 -8.19 22.59
C ARG H 53 23.34 -7.18 21.61
N GLY H 54 22.16 -7.47 21.05
CA GLY H 54 21.46 -6.56 20.19
C GLY H 54 20.48 -5.77 21.03
N GLY H 55 19.21 -6.13 20.99
CA GLY H 55 18.25 -5.52 21.90
C GLY H 55 18.63 -5.79 23.35
N GLY H 56 18.37 -4.79 24.20
CA GLY H 56 18.81 -4.85 25.58
C GLY H 56 17.92 -5.65 26.52
N TYR H 57 17.77 -6.95 26.27
CA TYR H 57 17.05 -7.81 27.19
C TYR H 57 17.71 -9.19 27.21
N THR H 58 17.24 -10.04 28.12
CA THR H 58 17.86 -11.33 28.34
C THR H 58 16.79 -12.35 28.70
N ASN H 59 17.08 -13.61 28.38
CA ASN H 59 16.26 -14.74 28.77
C ASN H 59 16.99 -15.56 29.82
N TYR H 60 16.26 -16.07 30.80
CA TYR H 60 16.83 -16.93 31.82
C TYR H 60 16.06 -18.24 31.88
N ASN H 61 16.78 -19.31 32.19
CA ASN H 61 16.13 -20.55 32.57
C ASN H 61 15.46 -20.36 33.93
N GLU H 62 14.26 -20.91 34.08
CA GLU H 62 13.55 -20.76 35.34
C GLU H 62 14.30 -21.42 36.49
N LYS H 63 15.05 -22.48 36.19
CA LYS H 63 15.91 -23.09 37.20
C LYS H 63 17.03 -22.14 37.62
N PHE H 64 17.61 -21.41 36.68
CA PHE H 64 18.75 -20.55 36.94
C PHE H 64 18.38 -19.08 37.13
N LYS H 65 17.11 -18.73 37.01
CA LYS H 65 16.72 -17.33 37.17
C LYS H 65 16.86 -16.91 38.62
N GLY H 66 17.56 -15.81 38.84
CA GLY H 66 17.94 -15.35 40.17
C GLY H 66 19.29 -15.88 40.61
N LYS H 67 19.59 -17.14 40.29
CA LYS H 67 20.89 -17.70 40.58
C LYS H 67 21.98 -17.05 39.72
N ALA H 68 21.73 -16.95 38.42
CA ALA H 68 22.68 -16.40 37.47
C ALA H 68 22.25 -15.00 37.02
N THR H 69 23.24 -14.20 36.64
CA THR H 69 23.00 -12.85 36.16
C THR H 69 23.86 -12.62 34.93
N LEU H 70 23.23 -12.28 33.81
CA LEU H 70 23.92 -12.10 32.54
C LEU H 70 24.04 -10.61 32.24
N THR H 71 25.26 -10.15 32.01
CA THR H 71 25.51 -8.78 31.59
C THR H 71 26.42 -8.78 30.37
N ALA H 72 26.37 -7.69 29.60
CA ALA H 72 27.19 -7.62 28.40
C ALA H 72 27.85 -6.26 28.30
N ASP H 73 29.05 -6.25 27.73
CA ASP H 73 29.83 -5.04 27.45
C ASP H 73 30.01 -4.98 25.94
N THR H 74 29.20 -4.14 25.28
CA THR H 74 29.22 -4.04 23.83
C THR H 74 30.49 -3.37 23.31
N SER H 75 31.18 -2.61 24.15
CA SER H 75 32.41 -1.96 23.72
C SER H 75 33.51 -2.99 23.48
N SER H 76 33.72 -3.90 24.44
CA SER H 76 34.74 -4.92 24.31
C SER H 76 34.18 -6.24 23.80
N SER H 77 32.89 -6.30 23.49
CA SER H 77 32.22 -7.53 23.05
C SER H 77 32.40 -8.65 24.08
N THR H 78 32.41 -8.29 25.36
CA THR H 78 32.61 -9.27 26.43
C THR H 78 31.34 -9.38 27.27
N ALA H 79 30.83 -10.60 27.41
CA ALA H 79 29.69 -10.80 28.30
C ALA H 79 30.09 -11.58 29.54
N TYR H 80 29.35 -11.36 30.61
CA TYR H 80 29.67 -11.92 31.91
C TYR H 80 28.47 -12.67 32.46
N MET H 81 28.79 -13.67 33.28
CA MET H 81 27.81 -14.49 33.99
C MET H 81 28.18 -14.49 35.47
N GLN H 82 27.42 -13.75 36.26
CA GLN H 82 27.61 -13.66 37.70
C GLN H 82 26.81 -14.78 38.37
N LEU H 83 27.51 -15.68 39.05
CA LEU H 83 26.89 -16.77 39.80
C LEU H 83 27.02 -16.43 41.28
N SER H 84 25.90 -16.38 41.97
CA SER H 84 25.84 -15.96 43.37
C SER H 84 25.39 -17.11 44.24
N SER H 85 25.88 -17.12 45.48
CA SER H 85 25.56 -18.15 46.47
C SER H 85 25.93 -19.54 45.94
N LEU H 86 27.21 -19.70 45.62
CA LEU H 86 27.69 -20.94 45.03
C LEU H 86 27.65 -22.07 46.06
N THR H 87 27.28 -23.26 45.59
CA THR H 87 27.25 -24.46 46.41
C THR H 87 28.06 -25.54 45.71
N SER H 88 28.08 -26.74 46.31
CA SER H 88 28.86 -27.83 45.76
C SER H 88 28.32 -28.29 44.41
N GLU H 89 27.00 -28.23 44.21
CA GLU H 89 26.41 -28.65 42.96
C GLU H 89 26.63 -27.64 41.83
N ASP H 90 27.18 -26.47 42.12
CA ASP H 90 27.49 -25.48 41.09
C ASP H 90 28.83 -25.73 40.41
N SER H 91 29.61 -26.73 40.85
CA SER H 91 30.89 -27.02 40.24
C SER H 91 30.66 -27.70 38.90
N ALA H 92 30.95 -26.99 37.82
CA ALA H 92 30.69 -27.51 36.48
C ALA H 92 31.53 -26.75 35.47
N VAL H 93 31.56 -27.25 34.25
CA VAL H 93 32.18 -26.53 33.14
C VAL H 93 31.11 -25.67 32.46
N TYR H 94 31.40 -24.38 32.33
CA TYR H 94 30.44 -23.42 31.81
C TYR H 94 30.90 -22.95 30.45
N PHE H 95 30.03 -23.08 29.44
CA PHE H 95 30.36 -22.69 28.08
C PHE H 95 29.53 -21.49 27.67
N CYS H 96 30.19 -20.47 27.12
CA CYS H 96 29.50 -19.42 26.40
C CYS H 96 29.42 -19.81 24.94
N ALA H 97 28.29 -19.48 24.30
CA ALA H 97 28.06 -19.91 22.93
C ALA H 97 27.10 -18.94 22.27
N THR H 98 27.49 -18.41 21.13
CA THR H 98 26.53 -17.66 20.33
C THR H 98 25.47 -18.61 19.77
N ARG H 99 24.24 -18.12 19.64
CA ARG H 99 23.18 -18.97 19.12
C ARG H 99 22.25 -18.19 18.21
N ASP H 100 21.69 -18.92 17.25
CA ASP H 100 20.65 -18.48 16.33
C ASP H 100 19.48 -19.45 16.39
N GLY H 101 19.02 -19.72 17.62
CA GLY H 101 18.20 -20.88 17.90
C GLY H 101 19.07 -22.02 18.36
N TYR H 102 19.88 -22.57 17.45
CA TYR H 102 20.89 -23.55 17.81
C TYR H 102 22.18 -22.83 18.22
N PHE H 103 22.86 -23.38 19.22
CA PHE H 103 24.13 -22.82 19.62
C PHE H 103 25.16 -23.06 18.52
N ASP H 104 25.77 -21.97 18.04
CA ASP H 104 26.62 -22.03 16.85
C ASP H 104 28.10 -22.16 17.20
N TYR H 105 28.64 -21.19 17.93
CA TYR H 105 30.05 -21.17 18.30
C TYR H 105 30.17 -21.20 19.81
N TRP H 106 31.00 -22.10 20.32
CA TRP H 106 31.12 -22.36 21.75
C TRP H 106 32.47 -21.88 22.26
N GLY H 107 32.49 -21.37 23.49
CA GLY H 107 33.75 -21.06 24.13
C GLY H 107 34.43 -22.30 24.66
N GLN H 108 35.70 -22.13 25.04
CA GLN H 108 36.50 -23.27 25.47
C GLN H 108 36.05 -23.82 26.83
N GLY H 109 35.24 -23.10 27.58
CA GLY H 109 34.72 -23.58 28.84
C GLY H 109 35.51 -23.14 30.05
N THR H 110 34.81 -22.69 31.08
CA THR H 110 35.39 -22.28 32.35
C THR H 110 34.98 -23.29 33.41
N THR H 111 35.97 -24.04 33.92
CA THR H 111 35.72 -25.04 34.95
C THR H 111 35.63 -24.37 36.31
N LEU H 112 34.44 -24.38 36.90
CA LEU H 112 34.22 -23.79 38.22
C LEU H 112 34.16 -24.92 39.24
N THR H 113 34.98 -24.82 40.28
CA THR H 113 35.02 -25.78 41.37
C THR H 113 34.68 -25.07 42.66
N VAL H 114 33.63 -25.52 43.33
CA VAL H 114 33.19 -24.92 44.59
C VAL H 114 33.49 -25.93 45.69
N SER H 115 34.44 -25.59 46.56
CA SER H 115 34.82 -26.46 47.66
C SER H 115 35.48 -25.63 48.73
N SER H 116 35.57 -26.21 49.92
CA SER H 116 36.20 -25.54 51.07
C SER H 116 37.33 -26.36 51.64
N ASP I 1 8.51 -27.31 29.84
CA ASP I 1 9.79 -27.54 29.18
C ASP I 1 9.74 -28.79 28.33
N ILE I 2 10.46 -28.78 27.21
CA ILE I 2 10.49 -29.91 26.29
C ILE I 2 11.59 -30.86 26.75
N GLN I 3 11.20 -32.06 27.17
CA GLN I 3 12.17 -33.06 27.60
C GLN I 3 12.71 -33.80 26.38
N MET I 4 14.04 -33.83 26.25
CA MET I 4 14.70 -34.42 25.10
C MET I 4 15.36 -35.71 25.56
N THR I 5 14.89 -36.84 25.05
CA THR I 5 15.32 -38.15 25.52
C THR I 5 16.05 -38.89 24.42
N GLN I 6 17.26 -39.34 24.70
CA GLN I 6 17.98 -40.17 23.74
C GLN I 6 17.84 -41.64 24.09
N SER I 7 18.02 -42.48 23.07
CA SER I 7 17.73 -43.91 23.22
C SER I 7 18.63 -44.58 24.25
N SER I 8 19.92 -44.28 24.21
CA SER I 8 20.85 -44.89 25.15
C SER I 8 21.93 -43.90 25.53
N SER I 9 22.43 -44.03 26.76
CA SER I 9 23.53 -43.20 27.21
C SER I 9 24.83 -43.56 26.50
N SER I 10 24.94 -44.77 25.96
CA SER I 10 26.14 -45.21 25.27
C SER I 10 25.80 -46.30 24.27
N PHE I 11 26.44 -46.24 23.10
CA PHE I 11 26.38 -47.29 22.10
C PHE I 11 27.78 -47.78 21.78
N SER I 12 27.89 -49.06 21.47
CA SER I 12 29.14 -49.67 21.04
C SER I 12 28.98 -50.08 19.59
N VAL I 13 29.61 -49.33 18.69
CA VAL I 13 29.53 -49.56 17.25
C VAL I 13 30.94 -49.78 16.71
N SER I 14 31.10 -50.83 15.92
CA SER I 14 32.38 -51.12 15.31
C SER I 14 32.73 -50.08 14.26
N LEU I 15 34.03 -49.93 14.01
CA LEU I 15 34.48 -48.95 13.03
C LEU I 15 34.04 -49.36 11.63
N GLY I 16 33.55 -48.37 10.87
CA GLY I 16 33.10 -48.60 9.52
C GLY I 16 31.62 -48.91 9.41
N ASP I 17 30.99 -49.34 10.48
CA ASP I 17 29.57 -49.65 10.49
C ASP I 17 28.75 -48.38 10.68
N ARG I 18 27.49 -48.44 10.25
CA ARG I 18 26.59 -47.30 10.38
C ARG I 18 26.18 -47.14 11.85
N THR I 19 26.26 -45.91 12.34
CA THR I 19 25.90 -45.57 13.72
C THR I 19 24.62 -44.74 13.72
N THR I 20 23.66 -45.13 14.54
CA THR I 20 22.36 -44.46 14.62
C THR I 20 22.16 -43.95 16.04
N ILE I 21 21.97 -42.65 16.17
CA ILE I 21 21.64 -42.00 17.44
C ILE I 21 20.27 -41.37 17.29
N THR I 22 19.33 -41.73 18.16
CA THR I 22 17.97 -41.23 18.05
C THR I 22 17.63 -40.38 19.26
N CYS I 23 16.79 -39.37 19.02
CA CYS I 23 16.37 -38.44 20.06
C CYS I 23 14.90 -38.12 19.90
N LYS I 24 14.15 -38.26 20.98
CA LYS I 24 12.70 -38.08 21.00
C LYS I 24 12.36 -36.87 21.85
N ALA I 25 11.59 -35.95 21.27
CA ALA I 25 11.13 -34.77 21.99
C ALA I 25 9.81 -35.07 22.68
N SER I 26 9.55 -34.34 23.77
CA SER I 26 8.28 -34.51 24.48
C SER I 26 7.11 -34.01 23.64
N GLU I 27 7.34 -33.01 22.78
CA GLU I 27 6.31 -32.51 21.89
C GLU I 27 6.95 -32.19 20.54
N ASP I 28 6.09 -31.93 19.56
CA ASP I 28 6.55 -31.65 18.20
C ASP I 28 7.34 -30.35 18.16
N ILE I 29 8.61 -30.43 17.76
CA ILE I 29 9.49 -29.27 17.70
C ILE I 29 9.69 -28.77 16.28
N TYR I 30 9.07 -29.42 15.29
CA TYR I 30 8.98 -28.91 13.93
C TYR I 30 10.36 -28.69 13.32
N ASN I 31 11.21 -29.71 13.42
CA ASN I 31 12.55 -29.73 12.84
C ASN I 31 13.46 -28.66 13.44
N ARG I 32 13.11 -28.11 14.60
CA ARG I 32 13.98 -27.16 15.28
C ARG I 32 14.92 -27.96 16.20
N LEU I 33 15.83 -28.68 15.57
CA LEU I 33 16.74 -29.57 16.25
C LEU I 33 18.17 -29.25 15.86
N ALA I 34 19.10 -29.53 16.76
CA ALA I 34 20.52 -29.40 16.48
C ALA I 34 21.24 -30.62 17.02
N TRP I 35 22.24 -31.08 16.30
CA TRP I 35 23.07 -32.19 16.71
C TRP I 35 24.48 -31.67 16.96
N PHE I 36 25.05 -32.03 18.11
CA PHE I 36 26.35 -31.59 18.57
C PHE I 36 27.23 -32.78 18.88
N GLN I 37 28.51 -32.68 18.52
CA GLN I 37 29.53 -33.66 18.85
C GLN I 37 30.50 -33.06 19.86
N GLN I 38 30.73 -33.76 20.96
CA GLN I 38 31.60 -33.27 22.03
C GLN I 38 32.56 -34.38 22.45
N LYS I 39 33.82 -34.23 22.07
CA LYS I 39 34.88 -35.07 22.57
C LYS I 39 35.27 -34.64 23.99
N PRO I 40 35.81 -35.55 24.80
CA PRO I 40 36.19 -35.20 26.16
C PRO I 40 37.25 -34.09 26.17
N GLY I 41 37.08 -33.15 27.11
CA GLY I 41 37.98 -32.03 27.23
C GLY I 41 37.77 -30.92 26.21
N ASN I 42 36.69 -30.96 25.44
CA ASN I 42 36.43 -29.97 24.40
C ASN I 42 34.99 -29.50 24.47
N ALA I 43 34.76 -28.31 23.92
CA ALA I 43 33.42 -27.78 23.83
C ALA I 43 32.64 -28.53 22.74
N PRO I 44 31.31 -28.58 22.85
CA PRO I 44 30.52 -29.18 21.78
C PRO I 44 30.67 -28.43 20.46
N ARG I 45 30.66 -29.17 19.37
CA ARG I 45 30.73 -28.60 18.03
C ARG I 45 29.46 -28.97 17.28
N LEU I 46 28.92 -28.02 16.53
CA LEU I 46 27.65 -28.24 15.86
C LEU I 46 27.83 -29.17 14.69
N LEU I 47 27.01 -30.21 14.62
CA LEU I 47 26.97 -31.13 13.49
C LEU I 47 25.81 -30.82 12.56
N ILE I 48 24.60 -30.81 13.09
CA ILE I 48 23.39 -30.59 12.30
C ILE I 48 22.64 -29.39 12.83
N SER I 49 22.28 -28.48 11.94
CA SER I 49 21.38 -27.37 12.24
C SER I 49 20.04 -27.66 11.58
N GLY I 50 18.97 -27.53 12.35
CA GLY I 50 17.70 -28.03 11.89
C GLY I 50 17.70 -29.55 11.97
N ALA I 51 16.72 -30.17 11.32
CA ALA I 51 16.66 -31.62 11.33
C ALA I 51 17.73 -32.23 10.43
N THR I 52 18.00 -31.60 9.28
CA THR I 52 18.82 -32.21 8.26
C THR I 52 20.03 -31.40 7.81
N SER I 53 20.02 -30.08 7.99
CA SER I 53 21.05 -29.24 7.39
C SER I 53 22.38 -29.41 8.12
N LEU I 54 23.42 -29.78 7.37
CA LEU I 54 24.74 -29.98 7.94
C LEU I 54 25.48 -28.66 8.10
N GLU I 55 26.35 -28.63 9.11
CA GLU I 55 27.31 -27.53 9.23
C GLU I 55 28.37 -27.67 8.15
N THR I 56 28.90 -26.52 7.69
CA THR I 56 29.79 -26.52 6.53
C THR I 56 31.06 -27.32 6.77
N GLY I 57 31.53 -27.39 8.01
CA GLY I 57 32.72 -28.15 8.33
C GLY I 57 32.52 -29.62 8.63
N VAL I 58 31.27 -30.07 8.67
CA VAL I 58 30.97 -31.44 9.07
C VAL I 58 31.12 -32.36 7.85
N PRO I 59 31.77 -33.51 7.99
CA PRO I 59 31.85 -34.45 6.87
C PRO I 59 30.47 -34.97 6.48
N SER I 60 30.35 -35.35 5.20
CA SER I 60 29.06 -35.78 4.66
C SER I 60 28.56 -37.08 5.25
N ARG I 61 29.40 -37.83 5.98
CA ARG I 61 28.93 -39.08 6.58
C ARG I 61 27.93 -38.84 7.70
N PHE I 62 27.92 -37.65 8.28
CA PHE I 62 26.89 -37.27 9.25
C PHE I 62 25.63 -36.84 8.51
N SER I 63 24.54 -37.54 8.76
CA SER I 63 23.26 -37.28 8.11
C SER I 63 22.19 -37.08 9.16
N GLY I 64 21.47 -35.97 9.09
CA GLY I 64 20.39 -35.68 10.01
C GLY I 64 19.04 -35.91 9.34
N SER I 65 18.11 -36.45 10.12
CA SER I 65 16.76 -36.71 9.61
C SER I 65 15.82 -36.75 10.80
N GLY I 66 14.53 -36.63 10.53
CA GLY I 66 13.59 -36.71 11.61
C GLY I 66 12.26 -36.10 11.25
N SER I 67 11.24 -36.51 12.00
CA SER I 67 9.88 -36.06 11.78
C SER I 67 9.13 -36.07 13.11
N GLY I 68 8.35 -35.03 13.34
CA GLY I 68 7.55 -34.97 14.55
C GLY I 68 8.42 -34.82 15.77
N LYS I 69 8.32 -35.82 16.64
CA LYS I 69 9.10 -35.87 17.86
C LYS I 69 10.38 -36.68 17.68
N ASP I 70 10.44 -37.57 16.70
CA ASP I 70 11.57 -38.49 16.57
C ASP I 70 12.59 -37.97 15.57
N TYR I 71 13.86 -37.96 15.97
CA TYR I 71 14.93 -37.50 15.10
C TYR I 71 16.10 -38.47 15.19
N THR I 72 16.91 -38.49 14.13
CA THR I 72 17.97 -39.48 13.97
C THR I 72 19.21 -38.84 13.35
N LEU I 73 20.36 -39.07 13.98
CA LEU I 73 21.67 -38.74 13.45
C LEU I 73 22.33 -40.05 13.01
N SER I 74 22.82 -40.08 11.76
CA SER I 74 23.37 -41.28 11.16
C SER I 74 24.80 -41.03 10.72
N ILE I 75 25.68 -41.96 11.05
CA ILE I 75 27.06 -41.97 10.59
C ILE I 75 27.21 -43.17 9.66
N THR I 76 27.32 -42.91 8.36
CA THR I 76 27.32 -43.99 7.37
C THR I 76 28.57 -44.86 7.47
N SER I 77 29.70 -44.27 7.88
CA SER I 77 30.95 -45.02 8.02
C SER I 77 31.67 -44.47 9.24
N LEU I 78 31.59 -45.21 10.34
CA LEU I 78 32.15 -44.74 11.60
C LEU I 78 33.67 -44.75 11.55
N GLN I 79 34.27 -43.63 11.95
CA GLN I 79 35.71 -43.48 12.00
C GLN I 79 36.17 -43.31 13.45
N THR I 80 37.49 -43.28 13.63
CA THR I 80 38.05 -43.14 14.97
C THR I 80 37.86 -41.73 15.52
N GLU I 81 37.70 -40.73 14.65
CA GLU I 81 37.48 -39.37 15.10
C GLU I 81 36.04 -39.09 15.47
N ASP I 82 35.12 -40.02 15.21
CA ASP I 82 33.71 -39.85 15.52
C ASP I 82 33.35 -40.38 16.90
N VAL I 83 34.32 -40.88 17.66
CA VAL I 83 34.08 -41.43 18.99
C VAL I 83 33.96 -40.25 19.95
N ALA I 84 32.72 -39.83 20.24
CA ALA I 84 32.48 -38.70 21.11
C ALA I 84 31.04 -38.80 21.63
N THR I 85 30.67 -37.87 22.50
CA THR I 85 29.32 -37.82 23.03
C THR I 85 28.47 -36.90 22.15
N TYR I 86 27.30 -37.38 21.75
CA TYR I 86 26.44 -36.65 20.83
C TYR I 86 25.20 -36.16 21.57
N TYR I 87 24.92 -34.87 21.41
CA TYR I 87 23.80 -34.22 22.08
C TYR I 87 22.79 -33.69 21.08
N CYS I 88 21.51 -33.90 21.37
CA CYS I 88 20.43 -33.29 20.62
C CYS I 88 19.87 -32.11 21.40
N GLN I 89 19.80 -30.96 20.74
CA GLN I 89 19.25 -29.74 21.33
C GLN I 89 17.98 -29.37 20.59
N GLN I 90 16.93 -29.07 21.33
CA GLN I 90 15.74 -28.48 20.73
C GLN I 90 15.81 -26.97 20.92
N TYR I 91 15.37 -26.23 19.91
CA TYR I 91 15.22 -24.79 20.02
C TYR I 91 13.87 -24.35 19.50
N TRP I 92 12.83 -25.11 19.84
CA TRP I 92 11.46 -24.76 19.50
C TRP I 92 10.84 -23.87 20.58
N SER I 93 10.88 -24.31 21.83
CA SER I 93 10.29 -23.59 22.95
C SER I 93 11.37 -22.86 23.75
N SER I 94 10.93 -21.83 24.47
CA SER I 94 11.85 -20.88 25.09
C SER I 94 12.93 -21.50 25.98
N PRO I 95 12.66 -22.48 26.85
CA PRO I 95 13.76 -23.13 27.57
C PRO I 95 14.48 -24.13 26.67
N TRP I 96 15.69 -23.78 26.25
CA TRP I 96 16.45 -24.66 25.37
C TRP I 96 16.96 -25.86 26.15
N THR I 97 16.69 -27.05 25.63
CA THR I 97 16.97 -28.30 26.31
C THR I 97 17.81 -29.20 25.43
N PHE I 98 18.81 -29.84 26.05
CA PHE I 98 19.67 -30.79 25.38
C PHE I 98 19.25 -32.21 25.73
N GLY I 99 19.72 -33.16 24.94
CA GLY I 99 19.49 -34.56 25.22
C GLY I 99 20.37 -35.06 26.35
N GLY I 100 20.16 -36.32 26.70
CA GLY I 100 20.94 -36.92 27.78
C GLY I 100 22.38 -37.18 27.43
N GLY I 101 22.72 -37.17 26.14
CA GLY I 101 24.08 -37.43 25.71
C GLY I 101 24.29 -38.90 25.41
N THR I 102 24.80 -39.20 24.22
CA THR I 102 25.06 -40.57 23.79
C THR I 102 26.56 -40.74 23.62
N LYS I 103 27.19 -41.38 24.60
CA LYS I 103 28.63 -41.59 24.58
C LYS I 103 28.94 -42.76 23.66
N LEU I 104 29.32 -42.46 22.43
CA LEU I 104 29.61 -43.49 21.44
C LEU I 104 30.92 -44.20 21.79
N GLU I 105 30.92 -45.51 21.62
CA GLU I 105 32.08 -46.34 21.96
C GLU I 105 32.36 -47.32 20.82
N ILE I 106 33.53 -47.95 20.88
CA ILE I 106 33.96 -48.94 19.92
C ILE I 106 33.99 -50.30 20.60
N LYS I 107 33.44 -51.32 19.92
CA LYS I 107 33.43 -52.67 20.46
C LYS I 107 34.85 -53.21 20.65
#